data_2QQ4
#
_entry.id   2QQ4
#
_cell.length_a   58.886
_cell.length_b   64.866
_cell.length_c   96.260
_cell.angle_alpha   71.18
_cell.angle_beta   78.96
_cell.angle_gamma   79.02
#
_symmetry.space_group_name_H-M   'P 1'
#
loop_
_entity.id
_entity.type
_entity.pdbx_description
1 polymer 'Iron-sulfur cluster biosynthesis protein IscU'
2 non-polymer 'ZINC ION'
3 water water
#
_entity_poly.entity_id   1
_entity_poly.type   'polypeptide(L)'
_entity_poly.pdbx_seq_one_letter_code
;MSVLDELYREILLDHYQSPRNFGVLPQATKQAGGMNPSCGDQVEVMVLLEGDTIADIRFQGQGCAISTASASLMTEAVKG
KKVAEALELSRKFQAMVVEGAPPDPTLGDLLALQGVAKLPARVKCATLAWHALEEALR
;
_entity_poly.pdbx_strand_id   A,B,C,D,E,F,G,H,I,J
#
# COMPACT_ATOMS: atom_id res chain seq x y z
N MET A 1 28.95 8.84 -1.85
CA MET A 1 29.10 7.61 -2.67
C MET A 1 28.75 6.36 -1.88
N SER A 2 28.52 6.54 -0.57
CA SER A 2 28.17 5.40 0.28
C SER A 2 27.01 5.68 1.23
N VAL A 3 26.67 6.96 1.42
CA VAL A 3 25.55 7.32 2.28
C VAL A 3 24.27 7.07 1.51
N LEU A 4 24.17 7.66 0.32
CA LEU A 4 23.01 7.47 -0.53
C LEU A 4 23.14 6.13 -1.23
N ASP A 5 24.38 5.70 -1.45
CA ASP A 5 24.66 4.42 -2.08
C ASP A 5 23.95 3.34 -1.27
N GLU A 6 24.10 3.42 0.04
CA GLU A 6 23.47 2.48 0.96
C GLU A 6 21.97 2.58 0.84
N LEU A 7 21.47 3.82 0.77
CA LEU A 7 20.05 4.07 0.65
C LEU A 7 19.52 3.64 -0.71
N TYR A 8 20.26 3.95 -1.76
CA TYR A 8 19.87 3.58 -3.11
C TYR A 8 19.74 2.07 -3.23
N ARG A 9 20.70 1.34 -2.66
CA ARG A 9 20.65 -0.11 -2.73
C ARG A 9 19.37 -0.58 -2.10
N GLU A 10 19.01 0.04 -0.97
CA GLU A 10 17.80 -0.32 -0.25
C GLU A 10 16.56 -0.02 -1.06
N ILE A 11 16.53 1.15 -1.69
CA ILE A 11 15.40 1.54 -2.52
C ILE A 11 15.19 0.50 -3.62
N LEU A 12 16.26 0.14 -4.31
CA LEU A 12 16.19 -0.85 -5.37
C LEU A 12 15.68 -2.19 -4.87
N LEU A 13 16.30 -2.71 -3.82
CA LEU A 13 15.88 -3.98 -3.25
C LEU A 13 14.38 -3.94 -2.91
N ASP A 14 13.94 -2.89 -2.24
CA ASP A 14 12.55 -2.73 -1.83
C ASP A 14 11.56 -2.68 -2.99
N HIS A 15 11.91 -1.97 -4.07
CA HIS A 15 11.03 -1.85 -5.23
C HIS A 15 11.00 -3.12 -6.08
N TYR A 16 12.08 -3.89 -6.03
CA TYR A 16 12.17 -5.12 -6.79
C TYR A 16 11.36 -6.22 -6.09
N GLN A 17 11.47 -6.27 -4.77
CA GLN A 17 10.76 -7.28 -3.97
C GLN A 17 9.29 -6.96 -3.75
N SER A 18 8.97 -5.67 -3.65
CA SER A 18 7.61 -5.23 -3.42
C SER A 18 7.29 -4.10 -4.39
N PRO A 19 7.21 -4.42 -5.69
CA PRO A 19 6.90 -3.36 -6.66
C PRO A 19 5.58 -2.66 -6.41
N ARG A 20 5.60 -1.34 -6.57
CA ARG A 20 4.43 -0.49 -6.39
C ARG A 20 3.61 -0.47 -7.66
N ASN A 21 2.32 -0.24 -7.51
CA ASN A 21 1.38 -0.17 -8.63
C ASN A 21 1.50 -1.36 -9.59
N PHE A 22 1.64 -2.55 -9.01
CA PHE A 22 1.77 -3.77 -9.79
C PHE A 22 0.41 -4.47 -9.85
N GLY A 23 -0.18 -4.53 -11.03
CA GLY A 23 -1.48 -5.17 -11.20
C GLY A 23 -2.20 -4.61 -12.41
N VAL A 24 -3.36 -5.17 -12.75
CA VAL A 24 -4.13 -4.69 -13.89
C VAL A 24 -4.88 -3.41 -13.49
N LEU A 25 -4.92 -2.44 -14.40
CA LEU A 25 -5.67 -1.19 -14.15
C LEU A 25 -6.92 -1.26 -15.02
N PRO A 26 -8.06 -1.64 -14.41
CA PRO A 26 -9.37 -1.78 -15.08
C PRO A 26 -9.81 -0.67 -16.00
N GLN A 27 -9.81 0.55 -15.46
CA GLN A 27 -10.26 1.72 -16.19
C GLN A 27 -9.19 2.33 -17.10
N ALA A 28 -8.13 1.58 -17.40
CA ALA A 28 -7.05 2.10 -18.24
C ALA A 28 -7.58 2.78 -19.51
N THR A 29 -7.06 3.97 -19.79
CA THR A 29 -7.47 4.74 -20.98
C THR A 29 -6.65 4.26 -22.17
N LYS A 30 -5.36 4.03 -21.92
CA LYS A 30 -4.44 3.55 -22.93
C LYS A 30 -3.46 2.62 -22.24
N GLN A 31 -2.74 1.84 -23.03
CA GLN A 31 -1.76 0.92 -22.51
C GLN A 31 -0.78 0.56 -23.61
N ALA A 32 0.33 -0.06 -23.20
CA ALA A 32 1.36 -0.46 -24.14
C ALA A 32 2.25 -1.49 -23.49
N GLY A 33 2.73 -2.42 -24.30
CA GLY A 33 3.60 -3.46 -23.79
C GLY A 33 4.99 -3.29 -24.38
N GLY A 34 5.99 -3.72 -23.63
CA GLY A 34 7.35 -3.62 -24.08
C GLY A 34 8.02 -4.95 -23.80
N MET A 35 9.00 -5.30 -24.62
CA MET A 35 9.68 -6.56 -24.41
C MET A 35 11.16 -6.52 -24.78
N ASN A 36 11.97 -7.17 -23.95
CA ASN A 36 13.41 -7.29 -24.17
C ASN A 36 13.45 -8.73 -24.68
N PRO A 37 13.39 -8.90 -26.02
CA PRO A 37 13.41 -10.23 -26.66
C PRO A 37 14.39 -11.25 -26.08
N SER A 38 15.57 -10.80 -25.68
CA SER A 38 16.58 -11.71 -25.14
C SER A 38 16.50 -11.93 -23.63
N CYS A 39 16.72 -10.87 -22.85
CA CYS A 39 16.68 -10.98 -21.40
C CYS A 39 15.40 -11.64 -20.92
N GLY A 40 14.36 -11.57 -21.75
CA GLY A 40 13.09 -12.16 -21.40
C GLY A 40 12.22 -11.25 -20.55
N ASP A 41 12.65 -10.02 -20.35
CA ASP A 41 11.86 -9.09 -19.56
C ASP A 41 10.68 -8.62 -20.40
N GLN A 42 9.52 -8.53 -19.77
CA GLN A 42 8.32 -8.07 -20.44
C GLN A 42 7.58 -7.17 -19.47
N VAL A 43 7.00 -6.11 -19.99
CA VAL A 43 6.26 -5.19 -19.16
C VAL A 43 5.08 -4.66 -19.93
N GLU A 44 4.04 -4.30 -19.20
CA GLU A 44 2.88 -3.69 -19.80
C GLU A 44 2.57 -2.54 -18.87
N VAL A 45 2.39 -1.36 -19.44
CA VAL A 45 2.07 -0.18 -18.67
C VAL A 45 0.68 0.29 -19.07
N MET A 46 -0.15 0.52 -18.06
CA MET A 46 -1.53 0.98 -18.25
C MET A 46 -1.70 2.30 -17.56
N VAL A 47 -2.32 3.26 -18.23
CA VAL A 47 -2.51 4.58 -17.68
C VAL A 47 -3.97 4.99 -17.73
N LEU A 48 -4.41 5.65 -16.66
CA LEU A 48 -5.78 6.15 -16.57
C LEU A 48 -5.60 7.65 -16.72
N LEU A 49 -6.13 8.20 -17.79
CA LEU A 49 -5.99 9.63 -18.04
C LEU A 49 -7.24 10.44 -17.70
N GLU A 50 -7.02 11.60 -17.09
CA GLU A 50 -8.10 12.52 -16.75
C GLU A 50 -7.57 13.87 -17.24
N GLY A 51 -7.97 14.23 -18.45
CA GLY A 51 -7.49 15.48 -19.03
C GLY A 51 -6.10 15.14 -19.51
N ASP A 52 -5.12 15.94 -19.13
CA ASP A 52 -3.75 15.66 -19.54
C ASP A 52 -2.97 15.12 -18.35
N THR A 53 -3.71 14.75 -17.30
CA THR A 53 -3.10 14.23 -16.08
C THR A 53 -3.16 12.70 -15.98
N ILE A 54 -2.04 12.10 -15.60
CA ILE A 54 -1.97 10.65 -15.41
C ILE A 54 -2.55 10.46 -14.01
N ALA A 55 -3.85 10.16 -13.95
CA ALA A 55 -4.56 9.98 -12.69
C ALA A 55 -4.10 8.73 -11.96
N ASP A 56 -3.84 7.68 -12.73
CA ASP A 56 -3.37 6.44 -12.14
C ASP A 56 -2.55 5.72 -13.18
N ILE A 57 -1.70 4.82 -12.72
CA ILE A 57 -0.85 4.07 -13.63
C ILE A 57 -0.43 2.80 -12.96
N ARG A 58 -0.39 1.71 -13.71
CA ARG A 58 0.04 0.44 -13.14
C ARG A 58 0.85 -0.32 -14.17
N PHE A 59 1.57 -1.34 -13.73
CA PHE A 59 2.34 -2.17 -14.66
C PHE A 59 2.20 -3.64 -14.32
N GLN A 60 2.48 -4.46 -15.31
CA GLN A 60 2.43 -5.91 -15.21
C GLN A 60 3.66 -6.42 -15.92
N GLY A 61 4.07 -7.64 -15.60
CA GLY A 61 5.24 -8.19 -16.24
C GLY A 61 6.06 -9.08 -15.33
N GLN A 62 7.12 -9.63 -15.92
CA GLN A 62 8.03 -10.50 -15.21
C GLN A 62 9.38 -10.17 -15.82
N GLY A 63 10.45 -10.45 -15.09
CA GLY A 63 11.77 -10.17 -15.61
C GLY A 63 12.77 -10.09 -14.49
N CYS A 64 13.94 -9.56 -14.82
CA CYS A 64 15.03 -9.43 -13.86
C CYS A 64 14.72 -8.36 -12.82
N ALA A 65 15.45 -8.42 -11.71
CA ALA A 65 15.28 -7.48 -10.62
C ALA A 65 15.36 -6.02 -11.07
N ILE A 66 16.31 -5.71 -11.94
CA ILE A 66 16.46 -4.34 -12.42
C ILE A 66 15.21 -3.86 -13.15
N SER A 67 14.64 -4.68 -14.03
CA SER A 67 13.46 -4.25 -14.76
C SER A 67 12.26 -4.03 -13.85
N THR A 68 12.11 -4.88 -12.85
CA THR A 68 10.98 -4.75 -11.92
C THR A 68 11.10 -3.47 -11.10
N ALA A 69 12.27 -3.27 -10.50
CA ALA A 69 12.51 -2.08 -9.70
C ALA A 69 12.31 -0.84 -10.56
N SER A 70 12.87 -0.86 -11.76
CA SER A 70 12.71 0.31 -12.61
C SER A 70 11.25 0.61 -12.90
N ALA A 71 10.46 -0.41 -13.25
CA ALA A 71 9.06 -0.17 -13.55
C ALA A 71 8.35 0.37 -12.32
N SER A 72 8.66 -0.20 -11.17
CA SER A 72 8.03 0.25 -9.93
C SER A 72 8.31 1.73 -9.70
N LEU A 73 9.59 2.10 -9.74
CA LEU A 73 10.02 3.47 -9.52
C LEU A 73 9.42 4.43 -10.53
N MET A 74 9.30 3.97 -11.77
CA MET A 74 8.72 4.78 -12.85
C MET A 74 7.26 5.12 -12.52
N THR A 75 6.46 4.11 -12.17
CA THR A 75 5.06 4.38 -11.85
C THR A 75 4.92 5.40 -10.71
N GLU A 76 5.77 5.28 -9.68
CA GLU A 76 5.69 6.23 -8.57
C GLU A 76 6.06 7.64 -9.03
N ALA A 77 7.08 7.74 -9.88
CA ALA A 77 7.54 9.04 -10.35
C ALA A 77 6.53 9.78 -11.23
N VAL A 78 5.78 9.06 -12.06
CA VAL A 78 4.84 9.74 -12.96
C VAL A 78 3.39 9.81 -12.54
N LYS A 79 2.97 9.03 -11.55
CA LYS A 79 1.58 9.08 -11.13
C LYS A 79 1.21 10.50 -10.67
N GLY A 80 0.06 10.98 -11.12
CA GLY A 80 -0.40 12.30 -10.75
C GLY A 80 0.20 13.46 -11.53
N LYS A 81 1.17 13.19 -12.39
CA LYS A 81 1.79 14.25 -13.18
C LYS A 81 1.11 14.40 -14.53
N LYS A 82 1.35 15.54 -15.18
CA LYS A 82 0.77 15.76 -16.51
C LYS A 82 1.57 14.93 -17.49
N VAL A 83 0.93 14.54 -18.58
CA VAL A 83 1.56 13.73 -19.61
C VAL A 83 2.88 14.33 -20.09
N ALA A 84 2.93 15.65 -20.24
CA ALA A 84 4.15 16.31 -20.70
C ALA A 84 5.26 16.22 -19.66
N GLU A 85 4.90 16.22 -18.38
CA GLU A 85 5.89 16.13 -17.31
C GLU A 85 6.45 14.70 -17.23
N ALA A 86 5.62 13.72 -17.56
CA ALA A 86 6.05 12.32 -17.53
C ALA A 86 7.04 12.07 -18.66
N LEU A 87 6.78 12.65 -19.82
CA LEU A 87 7.66 12.48 -20.96
C LEU A 87 9.01 13.16 -20.71
N GLU A 88 8.99 14.26 -19.96
CA GLU A 88 10.25 14.95 -19.62
C GLU A 88 11.06 14.07 -18.67
N LEU A 89 10.38 13.48 -17.69
CA LEU A 89 11.06 12.62 -16.76
C LEU A 89 11.68 11.46 -17.52
N SER A 90 10.92 10.89 -18.45
CA SER A 90 11.41 9.77 -19.25
C SER A 90 12.66 10.17 -20.02
N ARG A 91 12.63 11.36 -20.59
CA ARG A 91 13.77 11.87 -21.35
C ARG A 91 14.98 12.01 -20.43
N LYS A 92 14.77 12.55 -19.23
CA LYS A 92 15.86 12.73 -18.27
C LYS A 92 16.40 11.38 -17.79
N PHE A 93 15.50 10.43 -17.55
CA PHE A 93 15.92 9.13 -17.08
C PHE A 93 16.81 8.47 -18.14
N GLN A 94 16.37 8.53 -19.40
CA GLN A 94 17.15 7.92 -20.47
C GLN A 94 18.47 8.65 -20.68
N ALA A 95 18.50 9.96 -20.51
CA ALA A 95 19.75 10.70 -20.66
C ALA A 95 20.73 10.18 -19.60
N MET A 96 20.21 9.91 -18.41
CA MET A 96 21.06 9.40 -17.33
C MET A 96 21.61 8.00 -17.58
N VAL A 97 20.75 7.05 -17.90
CA VAL A 97 21.22 5.68 -18.09
C VAL A 97 21.70 5.33 -19.49
N VAL A 98 21.19 6.02 -20.50
CA VAL A 98 21.61 5.72 -21.87
C VAL A 98 22.78 6.56 -22.35
N GLU A 99 22.69 7.87 -22.15
CA GLU A 99 23.76 8.77 -22.59
C GLU A 99 24.83 8.95 -21.53
N GLY A 100 24.53 8.55 -20.30
CA GLY A 100 25.49 8.70 -19.21
C GLY A 100 25.65 10.16 -18.84
N ALA A 101 24.60 10.94 -19.11
CA ALA A 101 24.63 12.37 -18.83
C ALA A 101 24.58 12.67 -17.33
N PRO A 102 24.99 13.89 -16.94
CA PRO A 102 24.99 14.30 -15.53
C PRO A 102 23.56 14.10 -15.05
N PRO A 103 23.36 13.15 -14.12
CA PRO A 103 22.00 12.91 -13.61
C PRO A 103 21.26 14.18 -13.24
N ASP A 104 20.07 14.34 -13.79
CA ASP A 104 19.25 15.51 -13.50
C ASP A 104 18.66 15.32 -12.10
N PRO A 105 18.96 16.26 -11.18
CA PRO A 105 18.47 16.22 -9.80
C PRO A 105 16.99 15.91 -9.63
N THR A 106 16.16 16.38 -10.57
CA THR A 106 14.72 16.18 -10.50
C THR A 106 14.27 14.71 -10.59
N LEU A 107 15.21 13.82 -10.85
CA LEU A 107 14.88 12.40 -10.95
C LEU A 107 14.58 11.81 -9.55
N GLY A 108 15.13 12.42 -8.50
CA GLY A 108 14.87 11.91 -7.16
C GLY A 108 15.26 10.46 -6.94
N ASP A 109 14.36 9.67 -6.39
CA ASP A 109 14.63 8.25 -6.13
C ASP A 109 15.07 7.47 -7.38
N LEU A 110 14.76 7.97 -8.57
CA LEU A 110 15.17 7.28 -9.79
C LEU A 110 16.68 7.29 -9.93
N LEU A 111 17.33 8.21 -9.20
CA LEU A 111 18.78 8.30 -9.23
C LEU A 111 19.41 6.99 -8.72
N ALA A 112 18.62 6.17 -8.05
CA ALA A 112 19.14 4.88 -7.55
C ALA A 112 19.61 3.99 -8.70
N LEU A 113 19.11 4.22 -9.90
CA LEU A 113 19.51 3.40 -11.05
C LEU A 113 20.63 4.02 -11.87
N GLN A 114 21.16 5.17 -11.44
CA GLN A 114 22.24 5.82 -12.16
C GLN A 114 23.39 4.87 -12.50
N GLY A 115 23.69 3.95 -11.60
CA GLY A 115 24.76 3.01 -11.85
C GLY A 115 24.60 2.08 -13.04
N VAL A 116 23.36 1.86 -13.49
CA VAL A 116 23.17 0.98 -14.64
C VAL A 116 23.90 1.50 -15.88
N ALA A 117 24.17 2.79 -15.89
CA ALA A 117 24.85 3.43 -17.02
C ALA A 117 26.23 2.83 -17.27
N LYS A 118 26.83 2.28 -16.21
CA LYS A 118 28.16 1.67 -16.30
C LYS A 118 28.10 0.25 -16.87
N LEU A 119 26.89 -0.26 -17.06
CA LEU A 119 26.70 -1.61 -17.59
C LEU A 119 25.82 -1.48 -18.82
N PRO A 120 26.41 -1.04 -19.95
CA PRO A 120 25.69 -0.87 -21.22
C PRO A 120 24.68 -1.95 -21.59
N ALA A 121 25.08 -3.21 -21.51
CA ALA A 121 24.20 -4.32 -21.87
C ALA A 121 22.96 -4.47 -21.00
N ARG A 122 22.97 -3.91 -19.79
CA ARG A 122 21.81 -4.01 -18.91
C ARG A 122 20.93 -2.74 -18.92
N VAL A 123 21.36 -1.73 -19.65
CA VAL A 123 20.61 -0.50 -19.72
C VAL A 123 19.17 -0.75 -20.22
N LYS A 124 19.00 -1.70 -21.13
CA LYS A 124 17.66 -2.01 -21.65
C LYS A 124 16.72 -2.53 -20.57
N CYS A 125 17.28 -3.15 -19.53
CA CYS A 125 16.45 -3.66 -18.45
C CYS A 125 15.84 -2.49 -17.68
N ALA A 126 16.58 -1.38 -17.62
CA ALA A 126 16.11 -0.19 -16.89
C ALA A 126 15.15 0.68 -17.70
N THR A 127 15.38 0.78 -19.01
CA THR A 127 14.54 1.61 -19.87
C THR A 127 13.25 0.96 -20.39
N LEU A 128 13.17 -0.36 -20.33
CA LEU A 128 11.98 -1.05 -20.83
C LEU A 128 10.66 -0.44 -20.38
N ALA A 129 10.50 -0.27 -19.07
CA ALA A 129 9.27 0.31 -18.55
C ALA A 129 9.01 1.71 -19.10
N TRP A 130 10.08 2.48 -19.31
CA TRP A 130 9.92 3.83 -19.81
C TRP A 130 9.49 3.86 -21.28
N HIS A 131 9.97 2.90 -22.07
CA HIS A 131 9.56 2.89 -23.47
C HIS A 131 8.09 2.49 -23.57
N ALA A 132 7.66 1.62 -22.66
CA ALA A 132 6.26 1.20 -22.67
C ALA A 132 5.41 2.39 -22.25
N LEU A 133 5.89 3.17 -21.28
CA LEU A 133 5.15 4.37 -20.85
C LEU A 133 4.97 5.31 -22.03
N GLU A 134 6.07 5.65 -22.67
CA GLU A 134 6.02 6.57 -23.81
C GLU A 134 5.06 6.10 -24.89
N GLU A 135 5.07 4.81 -25.19
CA GLU A 135 4.18 4.27 -26.23
C GLU A 135 2.71 4.41 -25.81
N ALA A 136 2.43 4.13 -24.53
CA ALA A 136 1.06 4.23 -24.03
C ALA A 136 0.60 5.68 -24.10
N LEU A 137 1.51 6.61 -23.85
CA LEU A 137 1.17 8.03 -23.84
C LEU A 137 1.16 8.66 -25.23
N ARG A 138 1.54 7.90 -26.25
CA ARG A 138 1.53 8.43 -27.60
C ARG A 138 0.17 8.26 -28.25
N SER B 2 -33.66 6.41 5.65
CA SER B 2 -33.29 7.83 5.91
C SER B 2 -31.86 8.08 5.44
N VAL B 3 -31.23 9.12 5.95
CA VAL B 3 -29.86 9.42 5.54
C VAL B 3 -28.88 8.88 6.58
N LEU B 4 -29.40 8.31 7.66
CA LEU B 4 -28.51 7.71 8.66
C LEU B 4 -28.13 6.36 8.10
N ASP B 5 -29.13 5.64 7.59
CA ASP B 5 -28.88 4.33 7.01
C ASP B 5 -28.03 4.51 5.76
N GLU B 6 -28.30 5.59 5.04
CA GLU B 6 -27.54 5.90 3.83
C GLU B 6 -26.10 6.19 4.20
N LEU B 7 -25.91 7.12 5.14
CA LEU B 7 -24.58 7.51 5.58
C LEU B 7 -23.86 6.35 6.28
N TYR B 8 -24.58 5.56 7.06
CA TYR B 8 -23.96 4.43 7.75
C TYR B 8 -23.43 3.42 6.72
N ARG B 9 -24.20 3.17 5.66
CA ARG B 9 -23.73 2.24 4.65
C ARG B 9 -22.47 2.79 3.98
N GLU B 10 -22.47 4.10 3.74
CA GLU B 10 -21.32 4.75 3.12
C GLU B 10 -20.11 4.71 4.05
N ILE B 11 -20.35 4.87 5.35
CA ILE B 11 -19.24 4.82 6.28
C ILE B 11 -18.62 3.43 6.25
N LEU B 12 -19.45 2.40 6.25
CA LEU B 12 -18.91 1.05 6.24
C LEU B 12 -18.13 0.77 4.97
N LEU B 13 -18.70 1.12 3.82
CA LEU B 13 -18.02 0.89 2.54
C LEU B 13 -16.65 1.59 2.51
N ASP B 14 -16.62 2.82 3.01
CA ASP B 14 -15.40 3.62 3.04
C ASP B 14 -14.30 2.98 3.89
N HIS B 15 -14.66 2.53 5.08
CA HIS B 15 -13.67 1.91 5.96
C HIS B 15 -13.25 0.54 5.44
N TYR B 16 -14.12 -0.10 4.68
CA TYR B 16 -13.81 -1.41 4.09
C TYR B 16 -12.80 -1.19 2.98
N GLN B 17 -13.08 -0.23 2.11
CA GLN B 17 -12.19 0.08 0.98
C GLN B 17 -10.86 0.64 1.40
N SER B 18 -10.89 1.60 2.33
CA SER B 18 -9.68 2.26 2.78
C SER B 18 -9.57 2.29 4.30
N PRO B 19 -9.33 1.13 4.92
CA PRO B 19 -9.20 1.08 6.38
C PRO B 19 -8.18 2.05 6.93
N ARG B 20 -8.51 2.70 8.05
CA ARG B 20 -7.62 3.64 8.70
C ARG B 20 -6.63 2.91 9.60
N ASN B 21 -5.47 3.52 9.82
CA ASN B 21 -4.45 2.94 10.68
C ASN B 21 -4.12 1.50 10.33
N PHE B 22 -4.06 1.22 9.03
CA PHE B 22 -3.75 -0.12 8.56
C PHE B 22 -2.24 -0.24 8.34
N GLY B 23 -1.60 -1.17 9.03
CA GLY B 23 -0.17 -1.36 8.90
C GLY B 23 0.48 -1.81 10.19
N VAL B 24 1.72 -1.38 10.40
CA VAL B 24 2.43 -1.75 11.61
C VAL B 24 3.13 -0.54 12.21
N LEU B 25 3.13 -0.47 13.53
CA LEU B 25 3.78 0.63 14.23
C LEU B 25 5.28 0.46 14.14
N PRO B 26 6.02 1.56 13.98
CA PRO B 26 7.48 1.40 13.91
C PRO B 26 7.88 0.66 15.18
N GLN B 27 7.24 1.07 16.29
CA GLN B 27 7.47 0.47 17.58
C GLN B 27 6.17 0.49 18.39
N ALA B 28 5.85 -0.63 19.01
CA ALA B 28 4.63 -0.73 19.80
C ALA B 28 4.88 -1.23 21.21
N THR B 29 4.05 -0.77 22.14
CA THR B 29 4.14 -1.16 23.53
C THR B 29 3.75 -2.63 23.66
N LYS B 30 2.72 -3.01 22.91
CA LYS B 30 2.24 -4.38 22.91
C LYS B 30 1.31 -4.63 21.72
N GLN B 31 1.25 -5.88 21.29
CA GLN B 31 0.41 -6.26 20.17
C GLN B 31 -0.28 -7.57 20.45
N ALA B 32 -1.56 -7.64 20.11
CA ALA B 32 -2.34 -8.86 20.31
C ALA B 32 -3.02 -9.24 19.01
N GLY B 33 -3.19 -10.55 18.82
CA GLY B 33 -3.83 -11.03 17.62
C GLY B 33 -5.08 -11.81 17.99
N GLY B 34 -5.90 -12.08 16.97
CA GLY B 34 -7.13 -12.81 17.21
C GLY B 34 -7.67 -13.35 15.90
N MET B 35 -8.65 -14.22 16.00
CA MET B 35 -9.26 -14.81 14.83
C MET B 35 -10.54 -15.54 15.18
N ASN B 36 -11.57 -15.35 14.37
CA ASN B 36 -12.83 -16.04 14.57
C ASN B 36 -12.80 -17.18 13.58
N PRO B 37 -12.43 -18.38 14.04
CA PRO B 37 -12.36 -19.55 13.15
C PRO B 37 -13.60 -19.74 12.26
N SER B 38 -14.74 -19.22 12.69
CA SER B 38 -15.96 -19.34 11.91
C SER B 38 -15.78 -18.69 10.53
N CYS B 39 -15.77 -17.36 10.51
CA CYS B 39 -15.60 -16.62 9.27
C CYS B 39 -14.16 -16.74 8.76
N GLY B 40 -13.22 -16.93 9.69
CA GLY B 40 -11.83 -17.05 9.32
C GLY B 40 -11.11 -15.71 9.29
N ASP B 41 -11.67 -14.72 9.97
CA ASP B 41 -11.07 -13.39 10.02
C ASP B 41 -9.88 -13.43 10.96
N GLN B 42 -8.82 -12.72 10.59
CA GLN B 42 -7.62 -12.66 11.41
C GLN B 42 -7.30 -11.20 11.61
N VAL B 43 -6.91 -10.83 12.82
CA VAL B 43 -6.57 -9.44 13.09
C VAL B 43 -5.37 -9.35 14.03
N GLU B 44 -4.59 -8.28 13.85
CA GLU B 44 -3.42 -8.02 14.68
C GLU B 44 -3.51 -6.57 15.09
N VAL B 45 -3.60 -6.32 16.39
CA VAL B 45 -3.69 -4.95 16.88
C VAL B 45 -2.43 -4.62 17.68
N MET B 46 -1.80 -3.50 17.35
CA MET B 46 -0.59 -3.06 18.02
C MET B 46 -0.82 -1.66 18.54
N VAL B 47 -0.44 -1.41 19.77
CA VAL B 47 -0.64 -0.08 20.35
C VAL B 47 0.65 0.47 20.95
N LEU B 48 0.82 1.77 20.86
CA LEU B 48 1.97 2.44 21.44
C LEU B 48 1.38 3.31 22.54
N LEU B 49 1.63 2.91 23.78
CA LEU B 49 1.12 3.63 24.94
C LEU B 49 2.11 4.67 25.45
N GLU B 50 1.58 5.83 25.79
CA GLU B 50 2.37 6.91 26.35
C GLU B 50 1.66 7.28 27.65
N GLY B 51 2.02 6.54 28.69
CA GLY B 51 1.41 6.75 29.99
C GLY B 51 0.11 5.97 30.03
N ASP B 52 -1.00 6.68 30.25
CA ASP B 52 -2.31 6.04 30.29
C ASP B 52 -3.04 6.31 28.98
N THR B 53 -2.33 6.87 28.01
CA THR B 53 -2.91 7.20 26.72
C THR B 53 -2.44 6.32 25.57
N ILE B 54 -3.34 6.10 24.62
CA ILE B 54 -3.01 5.33 23.43
C ILE B 54 -2.41 6.33 22.45
N ALA B 55 -1.09 6.40 22.42
CA ALA B 55 -0.37 7.32 21.55
C ALA B 55 -0.58 6.97 20.08
N ASP B 56 -0.52 5.68 19.77
CA ASP B 56 -0.71 5.25 18.40
C ASP B 56 -1.24 3.83 18.39
N ILE B 57 -1.84 3.45 17.28
CA ILE B 57 -2.39 2.12 17.16
C ILE B 57 -2.53 1.78 15.69
N ARG B 58 -2.25 0.54 15.34
CA ARG B 58 -2.36 0.10 13.94
C ARG B 58 -2.94 -1.29 14.00
N PHE B 59 -3.48 -1.73 12.88
CA PHE B 59 -4.02 -3.08 12.84
C PHE B 59 -3.67 -3.69 11.49
N GLN B 60 -3.49 -5.00 11.50
CA GLN B 60 -3.19 -5.75 10.29
C GLN B 60 -4.12 -6.95 10.34
N GLY B 61 -4.38 -7.57 9.20
CA GLY B 61 -5.25 -8.72 9.20
C GLY B 61 -6.04 -8.94 7.92
N GLN B 62 -6.49 -10.17 7.75
CA GLN B 62 -7.26 -10.55 6.57
C GLN B 62 -8.64 -10.91 7.11
N GLY B 63 -9.68 -10.33 6.52
CA GLY B 63 -11.01 -10.63 6.99
C GLY B 63 -12.12 -10.10 6.10
N CYS B 64 -13.36 -10.34 6.53
CA CYS B 64 -14.51 -9.88 5.76
C CYS B 64 -14.65 -8.37 5.88
N ALA B 65 -15.61 -7.82 5.15
CA ALA B 65 -15.84 -6.38 5.14
C ALA B 65 -16.26 -5.86 6.52
N ILE B 66 -17.02 -6.66 7.26
CA ILE B 66 -17.43 -6.22 8.59
C ILE B 66 -16.21 -6.16 9.51
N SER B 67 -15.37 -7.20 9.49
CA SER B 67 -14.19 -7.19 10.35
C SER B 67 -13.24 -6.04 10.04
N THR B 68 -13.02 -5.76 8.76
CA THR B 68 -12.13 -4.68 8.36
C THR B 68 -12.71 -3.32 8.77
N ALA B 69 -13.99 -3.10 8.50
CA ALA B 69 -14.62 -1.85 8.85
C ALA B 69 -14.62 -1.66 10.37
N SER B 70 -14.88 -2.73 11.11
CA SER B 70 -14.90 -2.61 12.57
C SER B 70 -13.52 -2.21 13.09
N ALA B 71 -12.47 -2.90 12.63
CA ALA B 71 -11.10 -2.62 13.06
C ALA B 71 -10.67 -1.19 12.72
N SER B 72 -11.04 -0.74 11.52
CA SER B 72 -10.71 0.60 11.07
C SER B 72 -11.37 1.64 11.97
N LEU B 73 -12.69 1.52 12.15
CA LEU B 73 -13.47 2.43 12.98
C LEU B 73 -13.00 2.40 14.44
N MET B 74 -12.61 1.20 14.88
CA MET B 74 -12.10 0.99 16.25
C MET B 74 -10.82 1.80 16.48
N THR B 75 -9.84 1.62 15.59
CA THR B 75 -8.58 2.33 15.73
C THR B 75 -8.78 3.84 15.69
N GLU B 76 -9.70 4.27 14.83
CA GLU B 76 -10.02 5.69 14.71
C GLU B 76 -10.69 6.21 15.99
N ALA B 77 -11.58 5.41 16.56
CA ALA B 77 -12.28 5.84 17.76
C ALA B 77 -11.42 5.87 19.02
N VAL B 78 -10.38 5.04 19.08
CA VAL B 78 -9.59 4.99 20.29
C VAL B 78 -8.22 5.68 20.25
N LYS B 79 -7.74 6.01 19.06
CA LYS B 79 -6.44 6.67 19.00
C LYS B 79 -6.42 7.96 19.82
N GLY B 80 -5.38 8.11 20.63
CA GLY B 80 -5.26 9.29 21.45
C GLY B 80 -6.11 9.30 22.71
N LYS B 81 -6.91 8.26 22.93
CA LYS B 81 -7.76 8.20 24.13
C LYS B 81 -7.04 7.49 25.27
N LYS B 82 -7.53 7.70 26.49
CA LYS B 82 -6.96 7.02 27.64
C LYS B 82 -7.36 5.56 27.55
N VAL B 83 -6.58 4.67 28.16
CA VAL B 83 -6.90 3.25 28.12
C VAL B 83 -8.31 3.00 28.62
N ALA B 84 -8.67 3.64 29.75
CA ALA B 84 -10.00 3.47 30.32
C ALA B 84 -11.09 3.96 29.36
N GLU B 85 -10.80 5.00 28.59
CA GLU B 85 -11.78 5.52 27.63
C GLU B 85 -11.99 4.50 26.50
N ALA B 86 -10.91 3.88 26.05
CA ALA B 86 -11.01 2.89 24.99
C ALA B 86 -11.83 1.70 25.48
N LEU B 87 -11.61 1.33 26.73
CA LEU B 87 -12.35 0.20 27.31
C LEU B 87 -13.83 0.51 27.45
N GLU B 88 -14.16 1.76 27.74
CA GLU B 88 -15.56 2.18 27.85
C GLU B 88 -16.22 2.01 26.47
N LEU B 89 -15.52 2.46 25.43
CA LEU B 89 -16.05 2.35 24.07
C LEU B 89 -16.22 0.88 23.69
N SER B 90 -15.23 0.08 24.04
CA SER B 90 -15.27 -1.35 23.74
C SER B 90 -16.50 -1.99 24.35
N ARG B 91 -16.77 -1.64 25.59
CA ARG B 91 -17.91 -2.18 26.33
C ARG B 91 -19.21 -1.78 25.63
N LYS B 92 -19.37 -0.49 25.35
CA LYS B 92 -20.56 -0.01 24.67
C LYS B 92 -20.70 -0.70 23.30
N PHE B 93 -19.59 -0.81 22.59
CA PHE B 93 -19.65 -1.45 21.27
C PHE B 93 -20.15 -2.88 21.35
N GLN B 94 -19.58 -3.63 22.28
CA GLN B 94 -19.98 -5.02 22.44
C GLN B 94 -21.43 -5.14 22.92
N ALA B 95 -21.86 -4.20 23.76
CA ALA B 95 -23.22 -4.23 24.24
C ALA B 95 -24.15 -4.05 23.05
N MET B 96 -23.80 -3.13 22.16
CA MET B 96 -24.59 -2.88 20.96
C MET B 96 -24.72 -4.11 20.07
N VAL B 97 -23.60 -4.69 19.67
CA VAL B 97 -23.64 -5.83 18.76
C VAL B 97 -23.87 -7.22 19.33
N VAL B 98 -23.30 -7.49 20.50
CA VAL B 98 -23.46 -8.81 21.10
C VAL B 98 -24.80 -8.98 21.80
N GLU B 99 -25.15 -8.01 22.65
CA GLU B 99 -26.39 -8.06 23.40
C GLU B 99 -27.57 -7.44 22.66
N GLY B 100 -27.27 -6.69 21.60
CA GLY B 100 -28.32 -6.04 20.84
C GLY B 100 -28.99 -4.95 21.64
N ALA B 101 -28.24 -4.37 22.57
CA ALA B 101 -28.76 -3.29 23.41
C ALA B 101 -28.94 -2.01 22.62
N PRO B 102 -29.88 -1.13 23.02
CA PRO B 102 -30.09 0.13 22.32
C PRO B 102 -28.73 0.81 22.25
N PRO B 103 -28.26 1.11 21.03
CA PRO B 103 -26.95 1.75 20.84
C PRO B 103 -26.68 3.00 21.67
N ASP B 104 -25.54 3.01 22.36
CA ASP B 104 -25.12 4.15 23.18
C ASP B 104 -24.73 5.26 22.20
N PRO B 105 -25.42 6.41 22.27
CA PRO B 105 -25.15 7.56 21.38
C PRO B 105 -23.68 7.95 21.29
N THR B 106 -22.94 7.73 22.38
CA THR B 106 -21.53 8.12 22.40
C THR B 106 -20.66 7.30 21.44
N LEU B 107 -21.21 6.24 20.86
CA LEU B 107 -20.44 5.42 19.92
C LEU B 107 -20.15 6.16 18.60
N GLY B 108 -20.91 7.20 18.29
CA GLY B 108 -20.65 7.94 17.06
C GLY B 108 -20.70 7.11 15.78
N ASP B 109 -19.71 7.29 14.91
CA ASP B 109 -19.70 6.53 13.67
C ASP B 109 -19.68 5.01 13.85
N LEU B 110 -19.41 4.53 15.06
CA LEU B 110 -19.43 3.10 15.31
C LEU B 110 -20.87 2.62 15.23
N LEU B 111 -21.82 3.56 15.33
CA LEU B 111 -23.22 3.23 15.25
C LEU B 111 -23.56 2.61 13.90
N ALA B 112 -22.70 2.83 12.91
CA ALA B 112 -22.93 2.27 11.58
C ALA B 112 -22.97 0.74 11.58
N LEU B 113 -22.36 0.13 12.60
CA LEU B 113 -22.33 -1.33 12.71
C LEU B 113 -23.46 -1.94 13.56
N GLN B 114 -24.41 -1.13 14.01
CA GLN B 114 -25.48 -1.66 14.84
C GLN B 114 -26.30 -2.76 14.19
N GLY B 115 -26.38 -2.76 12.86
CA GLY B 115 -27.13 -3.81 12.17
C GLY B 115 -26.53 -5.20 12.37
N VAL B 116 -25.28 -5.26 12.83
CA VAL B 116 -24.60 -6.54 13.06
C VAL B 116 -25.33 -7.34 14.14
N ALA B 117 -25.99 -6.63 15.05
CA ALA B 117 -26.72 -7.27 16.14
C ALA B 117 -27.77 -8.25 15.61
N LYS B 118 -28.30 -7.96 14.42
CA LYS B 118 -29.33 -8.78 13.79
C LYS B 118 -28.75 -9.99 13.06
N LEU B 119 -27.43 -10.11 13.08
CA LEU B 119 -26.75 -11.22 12.43
C LEU B 119 -25.85 -11.87 13.48
N PRO B 120 -26.46 -12.55 14.48
CA PRO B 120 -25.79 -13.23 15.58
C PRO B 120 -24.56 -14.03 15.16
N ALA B 121 -24.60 -14.58 13.95
CA ALA B 121 -23.50 -15.37 13.42
C ALA B 121 -22.34 -14.52 12.90
N ARG B 122 -22.56 -13.21 12.79
CA ARG B 122 -21.53 -12.30 12.27
C ARG B 122 -21.03 -11.36 13.37
N VAL B 123 -21.51 -11.59 14.58
CA VAL B 123 -21.12 -10.76 15.71
C VAL B 123 -19.61 -10.82 15.93
N LYS B 124 -19.04 -12.02 15.90
CA LYS B 124 -17.61 -12.14 16.11
C LYS B 124 -16.79 -11.41 15.06
N CYS B 125 -17.36 -11.22 13.88
CA CYS B 125 -16.67 -10.49 12.82
C CYS B 125 -16.44 -9.05 13.31
N ALA B 126 -17.44 -8.50 13.98
CA ALA B 126 -17.37 -7.13 14.47
C ALA B 126 -16.59 -6.96 15.78
N THR B 127 -16.62 -7.95 16.66
CA THR B 127 -15.94 -7.85 17.95
C THR B 127 -14.46 -8.30 17.97
N LEU B 128 -14.02 -9.01 16.93
CA LEU B 128 -12.65 -9.50 16.87
C LEU B 128 -11.58 -8.46 17.18
N ALA B 129 -11.62 -7.32 16.47
CA ALA B 129 -10.64 -6.27 16.69
C ALA B 129 -10.73 -5.68 18.11
N TRP B 130 -11.94 -5.62 18.65
CA TRP B 130 -12.13 -5.09 20.00
C TRP B 130 -11.56 -6.05 21.05
N HIS B 131 -11.67 -7.36 20.81
CA HIS B 131 -11.11 -8.32 21.76
C HIS B 131 -9.59 -8.22 21.70
N ALA B 132 -9.05 -8.08 20.50
CA ALA B 132 -7.61 -7.94 20.32
C ALA B 132 -7.11 -6.67 21.00
N LEU B 133 -7.90 -5.60 20.93
CA LEU B 133 -7.52 -4.32 21.54
C LEU B 133 -7.40 -4.46 23.06
N GLU B 134 -8.42 -5.06 23.68
CA GLU B 134 -8.41 -5.21 25.14
C GLU B 134 -7.23 -6.03 25.62
N GLU B 135 -6.82 -7.03 24.84
CA GLU B 135 -5.68 -7.86 25.19
C GLU B 135 -4.42 -7.02 25.07
N ALA B 136 -4.34 -6.25 24.01
CA ALA B 136 -3.20 -5.38 23.76
C ALA B 136 -3.08 -4.33 24.86
N LEU B 137 -4.22 -3.97 25.45
CA LEU B 137 -4.25 -2.97 26.52
C LEU B 137 -4.03 -3.54 27.91
N ARG B 138 -3.99 -4.86 28.03
CA ARG B 138 -3.77 -5.52 29.32
C ARG B 138 -2.27 -5.61 29.64
N MET C 1 -33.69 -7.74 -13.62
CA MET C 1 -32.96 -8.40 -12.48
C MET C 1 -32.33 -7.39 -11.51
N SER C 2 -32.65 -7.53 -10.23
CA SER C 2 -32.15 -6.66 -9.18
C SER C 2 -30.63 -6.50 -9.25
N VAL C 3 -29.92 -7.58 -8.94
CA VAL C 3 -28.47 -7.59 -8.95
C VAL C 3 -27.89 -7.23 -10.33
N LEU C 4 -28.54 -7.69 -11.39
CA LEU C 4 -28.06 -7.37 -12.73
C LEU C 4 -28.37 -5.92 -13.06
N ASP C 5 -29.47 -5.42 -12.54
CA ASP C 5 -29.84 -4.03 -12.79
C ASP C 5 -28.72 -3.14 -12.29
N GLU C 6 -28.34 -3.33 -11.04
CA GLU C 6 -27.30 -2.51 -10.44
C GLU C 6 -25.93 -2.74 -11.04
N LEU C 7 -25.64 -3.97 -11.44
CA LEU C 7 -24.34 -4.23 -12.01
C LEU C 7 -24.27 -3.58 -13.39
N TYR C 8 -25.36 -3.63 -14.16
CA TYR C 8 -25.38 -3.00 -15.47
C TYR C 8 -25.27 -1.50 -15.37
N ARG C 9 -25.88 -0.92 -14.35
CA ARG C 9 -25.80 0.53 -14.14
C ARG C 9 -24.33 0.91 -13.94
N GLU C 10 -23.65 0.15 -13.07
CA GLU C 10 -22.26 0.39 -12.75
C GLU C 10 -21.33 0.20 -13.93
N ILE C 11 -21.61 -0.81 -14.74
CA ILE C 11 -20.79 -1.04 -15.93
C ILE C 11 -20.86 0.21 -16.81
N LEU C 12 -22.07 0.69 -17.07
CA LEU C 12 -22.23 1.87 -17.93
C LEU C 12 -21.59 3.14 -17.33
N LEU C 13 -21.75 3.32 -16.04
CA LEU C 13 -21.17 4.47 -15.35
C LEU C 13 -19.64 4.40 -15.45
N ASP C 14 -19.11 3.20 -15.20
CA ASP C 14 -17.67 2.93 -15.25
C ASP C 14 -17.07 3.26 -16.63
N HIS C 15 -17.74 2.83 -17.70
CA HIS C 15 -17.22 3.09 -19.04
C HIS C 15 -17.46 4.54 -19.48
N TYR C 16 -18.49 5.18 -18.95
CA TYR C 16 -18.75 6.57 -19.25
C TYR C 16 -17.68 7.42 -18.56
N GLN C 17 -17.42 7.12 -17.30
CA GLN C 17 -16.44 7.88 -16.53
C GLN C 17 -14.99 7.66 -16.98
N SER C 18 -14.65 6.40 -17.23
CA SER C 18 -13.31 6.01 -17.62
C SER C 18 -13.32 5.14 -18.88
N PRO C 19 -13.53 5.75 -20.05
CA PRO C 19 -13.55 4.96 -21.29
C PRO C 19 -12.24 4.22 -21.57
N ARG C 20 -12.35 2.99 -22.04
CA ARG C 20 -11.17 2.19 -22.39
C ARG C 20 -10.81 2.44 -23.85
N ASN C 21 -9.54 2.21 -24.19
CA ASN C 21 -9.06 2.38 -25.56
C ASN C 21 -9.57 3.69 -26.13
N PHE C 22 -9.22 4.78 -25.44
CA PHE C 22 -9.66 6.12 -25.78
C PHE C 22 -8.50 7.05 -26.11
N GLY C 23 -8.48 7.54 -27.34
CA GLY C 23 -7.43 8.43 -27.80
C GLY C 23 -7.06 7.98 -29.21
N VAL C 24 -6.12 8.66 -29.86
CA VAL C 24 -5.76 8.25 -31.20
C VAL C 24 -4.84 7.03 -31.16
N LEU C 25 -5.01 6.15 -32.15
CA LEU C 25 -4.18 4.95 -32.28
C LEU C 25 -3.12 5.31 -33.33
N PRO C 26 -1.84 5.35 -32.93
CA PRO C 26 -0.72 5.68 -33.82
C PRO C 26 -0.63 4.88 -35.13
N GLN C 27 -0.45 3.57 -35.02
CA GLN C 27 -0.31 2.72 -36.21
C GLN C 27 -1.61 2.16 -36.76
N ALA C 28 -2.67 2.94 -36.73
CA ALA C 28 -3.96 2.47 -37.25
C ALA C 28 -3.92 2.07 -38.72
N THR C 29 -4.50 0.91 -39.02
CA THR C 29 -4.57 0.39 -40.38
C THR C 29 -5.70 1.09 -41.11
N LYS C 30 -6.86 1.14 -40.47
CA LYS C 30 -8.05 1.78 -41.04
C LYS C 30 -8.71 2.68 -40.01
N GLN C 31 -9.53 3.60 -40.49
CA GLN C 31 -10.19 4.54 -39.59
C GLN C 31 -11.46 5.08 -40.23
N ALA C 32 -12.58 4.93 -39.52
CA ALA C 32 -13.86 5.43 -40.00
C ALA C 32 -14.48 6.26 -38.88
N GLY C 33 -15.29 7.24 -39.24
CA GLY C 33 -15.92 8.08 -38.25
C GLY C 33 -17.40 8.22 -38.51
N GLY C 34 -18.13 8.75 -37.52
CA GLY C 34 -19.56 8.93 -37.70
C GLY C 34 -20.12 9.94 -36.74
N MET C 35 -21.32 10.45 -37.03
CA MET C 35 -21.97 11.44 -36.18
C MET C 35 -23.46 11.17 -36.00
N ASN C 36 -24.00 11.68 -34.90
CA ASN C 36 -25.41 11.55 -34.57
C ASN C 36 -25.81 12.98 -34.20
N PRO C 37 -25.95 13.85 -35.22
CA PRO C 37 -26.32 15.25 -35.04
C PRO C 37 -27.57 15.57 -34.22
N SER C 38 -28.49 14.62 -34.08
CA SER C 38 -29.69 14.88 -33.30
C SER C 38 -29.32 15.01 -31.84
N CYS C 39 -28.34 14.21 -31.41
CA CYS C 39 -27.88 14.21 -30.02
C CYS C 39 -26.61 15.04 -29.85
N GLY C 40 -25.83 15.14 -30.93
CA GLY C 40 -24.59 15.89 -30.87
C GLY C 40 -23.41 14.97 -30.63
N ASP C 41 -23.58 13.69 -31.00
CA ASP C 41 -22.52 12.71 -30.80
C ASP C 41 -21.63 12.58 -32.02
N GLN C 42 -20.36 12.29 -31.76
CA GLN C 42 -19.37 12.12 -32.81
C GLN C 42 -18.39 11.05 -32.36
N VAL C 43 -18.08 10.10 -33.24
CA VAL C 43 -17.14 9.05 -32.88
C VAL C 43 -16.20 8.72 -34.03
N GLU C 44 -14.98 8.33 -33.67
CA GLU C 44 -13.97 7.96 -34.63
C GLU C 44 -13.38 6.65 -34.15
N VAL C 45 -13.37 5.63 -35.00
CA VAL C 45 -12.82 4.34 -34.63
C VAL C 45 -11.59 4.05 -35.48
N MET C 46 -10.50 3.68 -34.81
CA MET C 46 -9.24 3.38 -35.45
C MET C 46 -8.84 1.96 -35.13
N VAL C 47 -8.47 1.20 -36.15
CA VAL C 47 -8.08 -0.19 -35.96
C VAL C 47 -6.70 -0.53 -36.48
N LEU C 48 -6.04 -1.44 -35.78
CA LEU C 48 -4.72 -1.91 -36.19
C LEU C 48 -4.98 -3.37 -36.57
N LEU C 49 -4.91 -3.65 -37.86
CA LEU C 49 -5.17 -5.00 -38.32
C LEU C 49 -3.88 -5.73 -38.65
N GLU C 50 -3.77 -6.96 -38.15
CA GLU C 50 -2.61 -7.79 -38.43
C GLU C 50 -3.24 -8.96 -39.17
N GLY C 51 -3.45 -8.75 -40.47
CA GLY C 51 -4.07 -9.77 -41.28
C GLY C 51 -5.57 -9.75 -41.02
N ASP C 52 -6.08 -10.80 -40.41
CA ASP C 52 -7.50 -10.93 -40.12
C ASP C 52 -7.85 -10.60 -38.67
N THR C 53 -6.86 -10.22 -37.89
CA THR C 53 -7.09 -9.90 -36.48
C THR C 53 -7.01 -8.42 -36.14
N ILE C 54 -7.90 -7.99 -35.25
CA ILE C 54 -7.92 -6.60 -34.80
C ILE C 54 -6.90 -6.56 -33.66
N ALA C 55 -5.65 -6.27 -34.01
CA ALA C 55 -4.56 -6.21 -33.04
C ALA C 55 -4.80 -5.16 -31.96
N ASP C 56 -5.28 -3.99 -32.38
CA ASP C 56 -5.58 -2.92 -31.44
C ASP C 56 -6.71 -2.09 -32.01
N ILE C 57 -7.38 -1.35 -31.15
CA ILE C 57 -8.50 -0.53 -31.59
C ILE C 57 -8.74 0.53 -30.53
N ARG C 58 -9.06 1.74 -30.99
CA ARG C 58 -9.34 2.84 -30.09
C ARG C 58 -10.40 3.70 -30.69
N PHE C 59 -11.01 4.54 -29.88
CA PHE C 59 -12.03 5.45 -30.39
C PHE C 59 -11.74 6.85 -29.85
N GLN C 60 -12.30 7.85 -30.52
CA GLN C 60 -12.16 9.24 -30.12
C GLN C 60 -13.51 9.88 -30.35
N GLY C 61 -13.71 11.06 -29.78
CA GLY C 61 -14.97 11.75 -29.96
C GLY C 61 -15.60 12.11 -28.65
N GLN C 62 -16.67 12.89 -28.74
CA GLN C 62 -17.40 13.33 -27.57
C GLN C 62 -18.86 13.17 -27.87
N GLY C 63 -19.64 12.96 -26.82
CA GLY C 63 -21.07 12.79 -26.99
C GLY C 63 -21.73 12.45 -25.67
N CYS C 64 -22.88 11.83 -25.75
CA CYS C 64 -23.61 11.46 -24.55
C CYS C 64 -23.00 10.22 -23.92
N ALA C 65 -23.39 9.97 -22.69
CA ALA C 65 -22.89 8.84 -21.92
C ALA C 65 -23.15 7.50 -22.61
N ILE C 66 -24.32 7.36 -23.21
CA ILE C 66 -24.67 6.13 -23.90
C ILE C 66 -23.69 5.86 -25.06
N SER C 67 -23.39 6.89 -25.85
CA SER C 67 -22.46 6.68 -26.97
C SER C 67 -21.03 6.43 -26.48
N THR C 68 -20.63 7.09 -25.41
CA THR C 68 -19.28 6.88 -24.88
C THR C 68 -19.14 5.49 -24.28
N ALA C 69 -20.14 5.08 -23.49
CA ALA C 69 -20.10 3.77 -22.87
C ALA C 69 -20.14 2.69 -23.95
N SER C 70 -20.99 2.88 -24.95
CA SER C 70 -21.10 1.91 -26.03
C SER C 70 -19.78 1.73 -26.79
N ALA C 71 -19.12 2.84 -27.13
CA ALA C 71 -17.85 2.78 -27.86
C ALA C 71 -16.78 2.10 -27.01
N SER C 72 -16.75 2.45 -25.74
CA SER C 72 -15.77 1.87 -24.84
C SER C 72 -15.94 0.37 -24.75
N LEU C 73 -17.16 -0.06 -24.40
CA LEU C 73 -17.46 -1.48 -24.29
C LEU C 73 -17.17 -2.19 -25.60
N MET C 74 -17.43 -1.51 -26.71
CA MET C 74 -17.18 -2.13 -28.01
C MET C 74 -15.70 -2.42 -28.25
N THR C 75 -14.82 -1.47 -27.94
CA THR C 75 -13.38 -1.72 -28.15
C THR C 75 -12.91 -2.91 -27.30
N GLU C 76 -13.36 -2.98 -26.06
CA GLU C 76 -12.97 -4.08 -25.18
C GLU C 76 -13.46 -5.42 -25.70
N ALA C 77 -14.66 -5.43 -26.26
CA ALA C 77 -15.25 -6.66 -26.74
C ALA C 77 -14.62 -7.21 -28.01
N VAL C 78 -14.15 -6.32 -28.88
CA VAL C 78 -13.58 -6.76 -30.15
C VAL C 78 -12.06 -6.76 -30.26
N LYS C 79 -11.35 -6.14 -29.32
CA LYS C 79 -9.91 -6.12 -29.41
C LYS C 79 -9.36 -7.54 -29.36
N GLY C 80 -8.44 -7.85 -30.28
CA GLY C 80 -7.87 -9.19 -30.32
C GLY C 80 -8.70 -10.23 -31.04
N LYS C 81 -9.92 -9.90 -31.44
CA LYS C 81 -10.78 -10.85 -32.14
C LYS C 81 -10.51 -10.81 -33.64
N LYS C 82 -10.99 -11.82 -34.35
CA LYS C 82 -10.85 -11.89 -35.79
C LYS C 82 -11.98 -11.01 -36.34
N VAL C 83 -11.78 -10.44 -37.52
CA VAL C 83 -12.79 -9.57 -38.13
C VAL C 83 -14.19 -10.21 -38.16
N ALA C 84 -14.26 -11.48 -38.51
CA ALA C 84 -15.54 -12.19 -38.60
C ALA C 84 -16.24 -12.24 -37.25
N GLU C 85 -15.48 -12.44 -36.20
CA GLU C 85 -16.04 -12.51 -34.86
C GLU C 85 -16.56 -11.13 -34.46
N ALA C 86 -15.82 -10.09 -34.86
CA ALA C 86 -16.19 -8.72 -34.54
C ALA C 86 -17.50 -8.35 -35.23
N LEU C 87 -17.64 -8.77 -36.49
CA LEU C 87 -18.85 -8.49 -37.22
C LEU C 87 -20.00 -9.27 -36.61
N GLU C 88 -19.73 -10.49 -36.16
CA GLU C 88 -20.75 -11.32 -35.52
C GLU C 88 -21.22 -10.62 -34.26
N LEU C 89 -20.29 -10.02 -33.52
CA LEU C 89 -20.64 -9.30 -32.30
C LEU C 89 -21.47 -8.09 -32.67
N SER C 90 -21.04 -7.36 -33.69
CA SER C 90 -21.77 -6.16 -34.10
C SER C 90 -23.20 -6.50 -34.50
N ARG C 91 -23.37 -7.64 -35.17
CA ARG C 91 -24.69 -8.07 -35.59
C ARG C 91 -25.54 -8.42 -34.37
N LYS C 92 -24.95 -9.10 -33.40
CA LYS C 92 -25.70 -9.46 -32.20
C LYS C 92 -26.08 -8.22 -31.42
N PHE C 93 -25.17 -7.24 -31.35
CA PHE C 93 -25.44 -6.00 -30.61
C PHE C 93 -26.60 -5.22 -31.21
N GLN C 94 -26.54 -5.02 -32.52
CA GLN C 94 -27.61 -4.31 -33.21
C GLN C 94 -28.95 -5.04 -33.12
N ALA C 95 -28.95 -6.37 -33.21
CA ALA C 95 -30.20 -7.11 -33.11
C ALA C 95 -30.79 -6.85 -31.73
N MET C 96 -29.93 -6.81 -30.72
CA MET C 96 -30.37 -6.54 -29.36
C MET C 96 -30.97 -5.15 -29.22
N VAL C 97 -30.22 -4.11 -29.57
CA VAL C 97 -30.72 -2.76 -29.40
C VAL C 97 -31.62 -2.20 -30.50
N VAL C 98 -31.45 -2.65 -31.73
CA VAL C 98 -32.28 -2.15 -32.82
C VAL C 98 -33.56 -2.97 -32.98
N GLU C 99 -33.39 -4.28 -33.07
CA GLU C 99 -34.52 -5.19 -33.26
C GLU C 99 -35.22 -5.59 -31.97
N GLY C 100 -34.53 -5.41 -30.86
CA GLY C 100 -35.11 -5.78 -29.57
C GLY C 100 -35.16 -7.28 -29.42
N ALA C 101 -34.34 -7.98 -30.20
CA ALA C 101 -34.29 -9.43 -30.15
C ALA C 101 -33.77 -9.90 -28.79
N PRO C 102 -34.03 -11.17 -28.43
CA PRO C 102 -33.54 -11.65 -27.15
C PRO C 102 -32.00 -11.57 -27.14
N PRO C 103 -31.44 -10.77 -26.21
CA PRO C 103 -29.99 -10.57 -26.07
C PRO C 103 -29.16 -11.84 -26.11
N ASP C 104 -28.20 -11.90 -27.04
CA ASP C 104 -27.32 -13.06 -27.17
C ASP C 104 -26.41 -13.09 -25.96
N PRO C 105 -26.40 -14.21 -25.20
CA PRO C 105 -25.55 -14.36 -24.01
C PRO C 105 -24.08 -14.03 -24.25
N THR C 106 -23.63 -14.23 -25.48
CA THR C 106 -22.24 -13.97 -25.82
C THR C 106 -21.85 -12.49 -25.79
N LEU C 107 -22.85 -11.61 -25.66
CA LEU C 107 -22.57 -10.18 -25.62
C LEU C 107 -21.86 -9.73 -24.34
N GLY C 108 -21.93 -10.55 -23.29
CA GLY C 108 -21.25 -10.20 -22.06
C GLY C 108 -21.65 -8.87 -21.45
N ASP C 109 -20.66 -8.03 -21.12
CA ASP C 109 -20.96 -6.74 -20.51
C ASP C 109 -21.77 -5.83 -21.41
N LEU C 110 -21.76 -6.11 -22.72
CA LEU C 110 -22.55 -5.33 -23.65
C LEU C 110 -24.05 -5.47 -23.37
N LEU C 111 -24.43 -6.52 -22.62
CA LEU C 111 -25.83 -6.72 -22.27
C LEU C 111 -26.33 -5.55 -21.42
N ALA C 112 -25.40 -4.80 -20.85
CA ALA C 112 -25.77 -3.65 -20.03
C ALA C 112 -26.53 -2.59 -20.84
N LEU C 113 -26.38 -2.59 -22.17
CA LEU C 113 -27.05 -1.61 -23.02
C LEU C 113 -28.41 -2.11 -23.53
N GLN C 114 -28.79 -3.29 -23.04
CA GLN C 114 -30.04 -3.97 -23.34
C GLN C 114 -31.26 -3.03 -23.37
N GLY C 115 -31.40 -2.21 -22.33
CA GLY C 115 -32.51 -1.28 -22.22
C GLY C 115 -32.71 -0.26 -23.33
N VAL C 116 -31.67 0.00 -24.10
CA VAL C 116 -31.79 0.96 -25.21
C VAL C 116 -32.90 0.53 -26.18
N ALA C 117 -33.10 -0.77 -26.32
CA ALA C 117 -34.13 -1.28 -27.22
C ALA C 117 -35.49 -0.66 -26.92
N LYS C 118 -35.74 -0.33 -25.65
CA LYS C 118 -37.01 0.28 -25.25
C LYS C 118 -37.05 1.78 -25.45
N LEU C 119 -35.95 2.36 -25.92
CA LEU C 119 -35.84 3.79 -26.17
C LEU C 119 -35.31 4.04 -27.58
N PRO C 120 -36.15 3.83 -28.61
CA PRO C 120 -35.76 4.01 -30.02
C PRO C 120 -35.06 5.33 -30.27
N ALA C 121 -35.47 6.36 -29.54
CA ALA C 121 -34.89 7.69 -29.70
C ALA C 121 -33.39 7.76 -29.40
N ARG C 122 -32.89 6.80 -28.63
CA ARG C 122 -31.48 6.80 -28.28
C ARG C 122 -30.70 5.63 -28.89
N VAL C 123 -31.38 4.81 -29.68
CA VAL C 123 -30.71 3.68 -30.30
C VAL C 123 -29.52 4.13 -31.12
N LYS C 124 -29.64 5.30 -31.75
CA LYS C 124 -28.57 5.84 -32.57
C LYS C 124 -27.30 6.09 -31.75
N CYS C 125 -27.47 6.48 -30.49
CA CYS C 125 -26.33 6.74 -29.60
C CYS C 125 -25.54 5.45 -29.32
N ALA C 126 -26.26 4.35 -29.14
CA ALA C 126 -25.62 3.08 -28.85
C ALA C 126 -24.95 2.40 -30.05
N THR C 127 -25.52 2.57 -31.23
CA THR C 127 -24.97 1.91 -32.42
C THR C 127 -23.91 2.70 -33.17
N LEU C 128 -23.84 4.00 -32.92
CA LEU C 128 -22.89 4.87 -33.62
C LEU C 128 -21.46 4.29 -33.71
N ALA C 129 -20.89 3.91 -32.58
CA ALA C 129 -19.53 3.36 -32.58
C ALA C 129 -19.41 2.11 -33.42
N TRP C 130 -20.45 1.26 -33.40
CA TRP C 130 -20.44 0.03 -34.16
C TRP C 130 -20.51 0.27 -35.67
N HIS C 131 -21.20 1.31 -36.09
CA HIS C 131 -21.26 1.61 -37.51
C HIS C 131 -19.88 2.09 -37.94
N ALA C 132 -19.19 2.79 -37.05
CA ALA C 132 -17.85 3.26 -37.36
C ALA C 132 -16.93 2.05 -37.49
N LEU C 133 -17.07 1.09 -36.56
CA LEU C 133 -16.26 -0.11 -36.57
C LEU C 133 -16.44 -0.88 -37.88
N GLU C 134 -17.70 -1.09 -38.26
CA GLU C 134 -17.97 -1.83 -39.49
C GLU C 134 -17.40 -1.13 -40.72
N GLU C 135 -17.42 0.19 -40.74
CA GLU C 135 -16.91 0.93 -41.88
C GLU C 135 -15.38 0.83 -41.94
N ALA C 136 -14.73 0.89 -40.78
CA ALA C 136 -13.29 0.79 -40.72
C ALA C 136 -12.82 -0.62 -41.04
N LEU C 137 -13.69 -1.61 -40.83
CA LEU C 137 -13.34 -2.99 -41.12
C LEU C 137 -13.67 -3.35 -42.57
N ARG C 138 -14.29 -2.43 -43.28
CA ARG C 138 -14.64 -2.68 -44.67
C ARG C 138 -13.39 -2.68 -45.55
N SER D 2 -30.45 -4.54 6.75
CA SER D 2 -30.72 -3.66 5.58
C SER D 2 -29.48 -2.83 5.26
N VAL D 3 -28.94 -2.10 6.24
CA VAL D 3 -27.75 -1.31 6.01
C VAL D 3 -26.70 -2.31 5.53
N LEU D 4 -26.66 -3.47 6.19
CA LEU D 4 -25.73 -4.54 5.85
C LEU D 4 -26.12 -5.19 4.51
N ASP D 5 -27.42 -5.31 4.27
CA ASP D 5 -27.92 -5.89 3.02
C ASP D 5 -27.46 -5.04 1.85
N GLU D 6 -27.65 -3.73 1.98
CA GLU D 6 -27.24 -2.81 0.94
C GLU D 6 -25.73 -2.75 0.86
N LEU D 7 -25.06 -3.05 1.97
CA LEU D 7 -23.61 -3.05 1.98
C LEU D 7 -23.11 -4.18 1.10
N TYR D 8 -23.78 -5.32 1.15
CA TYR D 8 -23.39 -6.46 0.34
C TYR D 8 -23.48 -6.14 -1.16
N ARG D 9 -24.52 -5.41 -1.54
CA ARG D 9 -24.68 -5.04 -2.93
C ARG D 9 -23.53 -4.11 -3.30
N GLU D 10 -23.22 -3.18 -2.40
CA GLU D 10 -22.13 -2.23 -2.63
C GLU D 10 -20.82 -3.00 -2.76
N ILE D 11 -20.67 -4.06 -1.98
CA ILE D 11 -19.46 -4.87 -2.01
C ILE D 11 -19.30 -5.55 -3.39
N LEU D 12 -20.38 -6.10 -3.91
CA LEU D 12 -20.30 -6.75 -5.21
C LEU D 12 -19.84 -5.72 -6.24
N LEU D 13 -20.51 -4.57 -6.24
CA LEU D 13 -20.19 -3.51 -7.20
C LEU D 13 -18.76 -3.04 -7.05
N ASP D 14 -18.27 -2.96 -5.82
CA ASP D 14 -16.92 -2.52 -5.58
C ASP D 14 -15.89 -3.49 -6.14
N HIS D 15 -16.19 -4.78 -6.04
CA HIS D 15 -15.27 -5.80 -6.54
C HIS D 15 -15.29 -5.82 -8.08
N TYR D 16 -16.38 -5.35 -8.68
CA TYR D 16 -16.43 -5.28 -10.15
C TYR D 16 -15.57 -4.08 -10.58
N GLN D 17 -15.83 -2.94 -9.95
CA GLN D 17 -15.13 -1.71 -10.29
C GLN D 17 -13.64 -1.69 -9.95
N SER D 18 -13.27 -2.29 -8.82
CA SER D 18 -11.87 -2.31 -8.40
C SER D 18 -11.49 -3.70 -7.89
N PRO D 19 -11.33 -4.65 -8.82
CA PRO D 19 -10.98 -6.04 -8.48
C PRO D 19 -9.73 -6.15 -7.59
N ARG D 20 -9.77 -7.07 -6.63
CA ARG D 20 -8.62 -7.31 -5.75
C ARG D 20 -7.78 -8.43 -6.33
N ASN D 21 -6.48 -8.40 -6.03
CA ASN D 21 -5.56 -9.44 -6.48
C ASN D 21 -5.69 -9.72 -7.99
N PHE D 22 -5.86 -8.66 -8.75
CA PHE D 22 -6.05 -8.74 -10.20
C PHE D 22 -4.74 -8.42 -10.94
N GLY D 23 -4.14 -9.47 -11.51
CA GLY D 23 -2.89 -9.31 -12.24
C GLY D 23 -2.04 -10.57 -12.10
N VAL D 24 -0.95 -10.62 -12.85
CA VAL D 24 -0.06 -11.79 -12.81
C VAL D 24 0.65 -11.92 -11.48
N LEU D 25 0.91 -13.17 -11.08
CA LEU D 25 1.62 -13.47 -9.84
C LEU D 25 2.95 -14.12 -10.22
N PRO D 26 4.04 -13.33 -10.26
CA PRO D 26 5.39 -13.74 -10.60
C PRO D 26 5.89 -15.09 -10.07
N GLN D 27 5.82 -15.29 -8.76
CA GLN D 27 6.28 -16.55 -8.17
C GLN D 27 5.14 -17.53 -7.93
N ALA D 28 4.36 -17.80 -8.97
CA ALA D 28 3.23 -18.71 -8.86
C ALA D 28 3.70 -20.17 -8.75
N THR D 29 3.22 -20.87 -7.73
CA THR D 29 3.57 -22.28 -7.51
C THR D 29 2.66 -23.16 -8.36
N LYS D 30 1.40 -22.75 -8.49
CA LYS D 30 0.42 -23.49 -9.26
C LYS D 30 -0.47 -22.54 -10.07
N GLN D 31 -0.84 -22.97 -11.27
CA GLN D 31 -1.65 -22.14 -12.15
C GLN D 31 -2.67 -22.97 -12.92
N ALA D 32 -3.86 -22.42 -13.12
CA ALA D 32 -4.92 -23.11 -13.86
C ALA D 32 -5.88 -22.10 -14.48
N GLY D 33 -6.40 -22.42 -15.65
CA GLY D 33 -7.32 -21.53 -16.34
C GLY D 33 -8.71 -22.11 -16.52
N GLY D 34 -9.65 -21.26 -16.89
CA GLY D 34 -11.01 -21.69 -17.12
C GLY D 34 -11.66 -20.83 -18.19
N MET D 35 -12.67 -21.37 -18.86
CA MET D 35 -13.35 -20.61 -19.90
C MET D 35 -14.85 -20.87 -19.90
N ASN D 36 -15.63 -19.83 -20.15
CA ASN D 36 -17.10 -19.93 -20.19
C ASN D 36 -17.56 -19.29 -21.50
N PRO D 37 -17.46 -20.04 -22.62
CA PRO D 37 -17.84 -19.59 -23.95
C PRO D 37 -19.27 -19.05 -24.06
N SER D 38 -20.16 -19.57 -23.24
CA SER D 38 -21.56 -19.15 -23.23
C SER D 38 -21.67 -17.64 -23.05
N CYS D 39 -20.76 -17.09 -22.25
CA CYS D 39 -20.74 -15.66 -21.99
C CYS D 39 -19.52 -15.05 -22.64
N GLY D 40 -18.46 -15.84 -22.75
CA GLY D 40 -17.21 -15.38 -23.35
C GLY D 40 -16.19 -15.03 -22.28
N ASP D 41 -16.31 -15.68 -21.12
CA ASP D 41 -15.39 -15.42 -20.01
C ASP D 41 -14.19 -16.33 -20.00
N GLN D 42 -13.05 -15.78 -19.59
CA GLN D 42 -11.81 -16.53 -19.50
C GLN D 42 -11.11 -16.07 -18.23
N VAL D 43 -10.56 -17.01 -17.47
CA VAL D 43 -9.88 -16.65 -16.24
C VAL D 43 -8.68 -17.55 -15.98
N GLU D 44 -7.68 -16.99 -15.32
CA GLU D 44 -6.48 -17.74 -14.97
C GLU D 44 -6.21 -17.46 -13.49
N VAL D 45 -6.14 -18.51 -12.68
CA VAL D 45 -5.89 -18.35 -11.25
C VAL D 45 -4.49 -18.85 -10.91
N MET D 46 -3.71 -17.99 -10.25
CA MET D 46 -2.34 -18.32 -9.87
C MET D 46 -2.22 -18.33 -8.35
N VAL D 47 -1.54 -19.35 -7.82
CA VAL D 47 -1.40 -19.48 -6.38
C VAL D 47 0.02 -19.74 -5.92
N LEU D 48 0.38 -19.11 -4.80
CA LEU D 48 1.70 -19.30 -4.23
C LEU D 48 1.48 -20.11 -2.95
N LEU D 49 1.93 -21.36 -2.98
CA LEU D 49 1.78 -22.22 -1.82
C LEU D 49 3.05 -22.32 -1.00
N GLU D 50 2.88 -22.26 0.32
CA GLU D 50 3.99 -22.38 1.26
C GLU D 50 3.46 -23.43 2.21
N GLY D 51 3.87 -24.67 1.98
CA GLY D 51 3.36 -25.76 2.79
C GLY D 51 2.00 -26.03 2.18
N ASP D 52 0.96 -26.11 3.00
CA ASP D 52 -0.38 -26.34 2.48
C ASP D 52 -1.17 -25.05 2.68
N THR D 53 -0.44 -23.95 2.79
CA THR D 53 -1.06 -22.64 3.00
C THR D 53 -0.97 -21.78 1.76
N ILE D 54 -2.05 -21.08 1.44
CA ILE D 54 -2.08 -20.21 0.27
C ILE D 54 -1.48 -18.87 0.69
N ALA D 55 -0.17 -18.72 0.45
CA ALA D 55 0.54 -17.49 0.80
C ALA D 55 -0.06 -16.32 0.02
N ASP D 56 -0.19 -16.49 -1.30
CA ASP D 56 -0.76 -15.44 -2.13
C ASP D 56 -1.59 -16.08 -3.22
N ILE D 57 -2.38 -15.26 -3.91
CA ILE D 57 -3.22 -15.74 -4.99
C ILE D 57 -3.74 -14.55 -5.76
N ARG D 58 -3.72 -14.68 -7.08
CA ARG D 58 -4.20 -13.61 -7.95
C ARG D 58 -4.85 -14.25 -9.17
N PHE D 59 -5.66 -13.46 -9.88
CA PHE D 59 -6.31 -13.96 -11.07
C PHE D 59 -6.03 -12.99 -12.21
N GLN D 60 -6.17 -13.48 -13.43
CA GLN D 60 -5.96 -12.68 -14.64
C GLN D 60 -7.07 -13.10 -15.57
N GLY D 61 -7.33 -12.31 -16.60
CA GLY D 61 -8.36 -12.68 -17.54
C GLY D 61 -9.29 -11.58 -18.01
N GLN D 62 -10.06 -11.90 -19.03
CA GLN D 62 -11.03 -11.00 -19.62
C GLN D 62 -12.41 -11.64 -19.47
N GLY D 63 -13.25 -11.03 -18.65
CA GLY D 63 -14.57 -11.59 -18.46
C GLY D 63 -15.60 -10.55 -18.10
N CYS D 64 -16.84 -11.00 -18.01
CA CYS D 64 -17.97 -10.14 -17.66
C CYS D 64 -17.84 -9.65 -16.22
N ALA D 65 -18.71 -8.74 -15.85
CA ALA D 65 -18.70 -8.15 -14.51
C ALA D 65 -18.83 -9.18 -13.39
N ILE D 66 -19.74 -10.15 -13.58
CA ILE D 66 -19.93 -11.20 -12.57
C ILE D 66 -18.68 -12.08 -12.47
N SER D 67 -18.12 -12.49 -13.62
CA SER D 67 -16.94 -13.33 -13.54
C SER D 67 -15.76 -12.58 -12.92
N THR D 68 -15.69 -11.28 -13.15
CA THR D 68 -14.63 -10.46 -12.61
C THR D 68 -14.78 -10.26 -11.10
N ALA D 69 -15.98 -9.86 -10.68
CA ALA D 69 -16.27 -9.64 -9.26
C ALA D 69 -16.09 -10.96 -8.49
N SER D 70 -16.59 -12.05 -9.06
CA SER D 70 -16.44 -13.35 -8.41
C SER D 70 -14.99 -13.75 -8.22
N ALA D 71 -14.16 -13.58 -9.25
CA ALA D 71 -12.75 -13.91 -9.14
C ALA D 71 -12.10 -13.09 -8.03
N SER D 72 -12.46 -11.81 -7.98
CA SER D 72 -11.95 -10.90 -6.98
C SER D 72 -12.30 -11.37 -5.58
N LEU D 73 -13.57 -11.63 -5.35
CA LEU D 73 -14.02 -12.08 -4.03
C LEU D 73 -13.39 -13.43 -3.65
N MET D 74 -13.24 -14.32 -4.63
CA MET D 74 -12.63 -15.62 -4.36
C MET D 74 -11.19 -15.50 -3.87
N THR D 75 -10.37 -14.70 -4.53
CA THR D 75 -8.98 -14.56 -4.10
C THR D 75 -8.90 -14.02 -2.69
N GLU D 76 -9.76 -13.07 -2.37
CA GLU D 76 -9.78 -12.49 -1.04
C GLU D 76 -10.30 -13.47 0.02
N ALA D 77 -11.27 -14.28 -0.36
CA ALA D 77 -11.85 -15.24 0.58
C ALA D 77 -10.92 -16.39 0.98
N VAL D 78 -9.95 -16.74 0.12
CA VAL D 78 -9.05 -17.85 0.42
C VAL D 78 -7.59 -17.47 0.65
N LYS D 79 -7.21 -16.22 0.40
CA LYS D 79 -5.82 -15.82 0.60
C LYS D 79 -5.40 -16.07 2.04
N GLY D 80 -4.23 -16.66 2.23
CA GLY D 80 -3.73 -16.92 3.57
C GLY D 80 -4.42 -18.06 4.30
N LYS D 81 -5.15 -18.88 3.56
CA LYS D 81 -5.84 -20.01 4.16
C LYS D 81 -5.26 -21.31 3.64
N LYS D 82 -5.54 -22.40 4.34
CA LYS D 82 -5.05 -23.70 3.93
C LYS D 82 -5.89 -24.30 2.82
N VAL D 83 -5.24 -25.00 1.90
CA VAL D 83 -5.91 -25.63 0.78
C VAL D 83 -7.25 -26.26 1.18
N ALA D 84 -7.24 -27.04 2.26
CA ALA D 84 -8.45 -27.70 2.74
C ALA D 84 -9.54 -26.67 2.98
N GLU D 85 -9.16 -25.54 3.56
CA GLU D 85 -10.10 -24.47 3.85
C GLU D 85 -10.63 -23.88 2.54
N ALA D 86 -9.74 -23.72 1.57
CA ALA D 86 -10.13 -23.17 0.27
C ALA D 86 -11.18 -24.04 -0.42
N LEU D 87 -10.89 -25.32 -0.58
CA LEU D 87 -11.83 -26.24 -1.21
C LEU D 87 -13.16 -26.29 -0.48
N GLU D 88 -13.11 -26.07 0.83
CA GLU D 88 -14.33 -26.09 1.63
C GLU D 88 -15.19 -24.87 1.27
N LEU D 89 -14.54 -23.73 1.10
CA LEU D 89 -15.24 -22.49 0.73
C LEU D 89 -15.79 -22.66 -0.69
N SER D 90 -14.99 -23.28 -1.56
CA SER D 90 -15.44 -23.50 -2.94
C SER D 90 -16.69 -24.39 -2.92
N ARG D 91 -16.67 -25.45 -2.13
CA ARG D 91 -17.82 -26.36 -2.05
C ARG D 91 -19.03 -25.57 -1.59
N LYS D 92 -18.83 -24.73 -0.59
CA LYS D 92 -19.92 -23.91 -0.05
C LYS D 92 -20.40 -22.87 -1.06
N PHE D 93 -19.47 -22.21 -1.73
CA PHE D 93 -19.86 -21.20 -2.70
C PHE D 93 -20.72 -21.79 -3.81
N GLN D 94 -20.29 -22.93 -4.34
CA GLN D 94 -21.04 -23.58 -5.41
C GLN D 94 -22.41 -24.00 -4.94
N ALA D 95 -22.48 -24.49 -3.70
CA ALA D 95 -23.75 -24.90 -3.12
C ALA D 95 -24.67 -23.70 -3.11
N MET D 96 -24.13 -22.55 -2.70
CA MET D 96 -24.93 -21.32 -2.66
C MET D 96 -25.46 -20.94 -4.04
N VAL D 97 -24.57 -20.84 -5.02
CA VAL D 97 -24.93 -20.42 -6.37
C VAL D 97 -25.62 -21.42 -7.30
N VAL D 98 -25.06 -22.62 -7.40
CA VAL D 98 -25.64 -23.61 -8.28
C VAL D 98 -26.91 -24.24 -7.73
N GLU D 99 -26.90 -24.55 -6.43
CA GLU D 99 -28.04 -25.19 -5.77
C GLU D 99 -28.94 -24.26 -4.97
N GLY D 100 -28.51 -23.02 -4.76
CA GLY D 100 -29.33 -22.10 -3.98
C GLY D 100 -29.45 -22.52 -2.52
N ALA D 101 -28.36 -23.03 -1.97
CA ALA D 101 -28.35 -23.46 -0.57
C ALA D 101 -28.60 -22.29 0.37
N PRO D 102 -29.03 -22.59 1.61
CA PRO D 102 -29.30 -21.58 2.62
C PRO D 102 -28.05 -20.75 2.95
N PRO D 103 -28.25 -19.53 3.47
CA PRO D 103 -27.15 -18.61 3.83
C PRO D 103 -26.11 -19.19 4.80
N ASP D 104 -24.88 -19.35 4.31
CA ASP D 104 -23.82 -19.87 5.16
C ASP D 104 -22.91 -18.70 5.52
N PRO D 105 -23.08 -18.15 6.74
CA PRO D 105 -22.28 -17.02 7.23
C PRO D 105 -20.77 -17.21 7.13
N THR D 106 -20.33 -18.46 6.99
CA THR D 106 -18.90 -18.74 6.89
C THR D 106 -18.32 -18.24 5.56
N LEU D 107 -19.20 -17.99 4.60
CA LEU D 107 -18.77 -17.51 3.28
C LEU D 107 -18.28 -16.06 3.32
N GLY D 108 -18.73 -15.32 4.33
CA GLY D 108 -18.31 -13.94 4.46
C GLY D 108 -18.74 -13.03 3.32
N ASP D 109 -17.77 -12.32 2.75
CA ASP D 109 -18.08 -11.40 1.66
C ASP D 109 -18.65 -12.14 0.44
N LEU D 110 -18.35 -13.42 0.33
CA LEU D 110 -18.84 -14.20 -0.82
C LEU D 110 -20.36 -14.13 -0.96
N LEU D 111 -21.05 -13.84 0.14
CA LEU D 111 -22.51 -13.75 0.13
C LEU D 111 -23.04 -12.69 -0.83
N ALA D 112 -22.17 -11.78 -1.26
CA ALA D 112 -22.57 -10.71 -2.17
C ALA D 112 -23.03 -11.25 -3.53
N LEU D 113 -22.65 -12.49 -3.82
CA LEU D 113 -23.02 -13.11 -5.09
C LEU D 113 -24.21 -14.06 -4.98
N GLN D 114 -24.82 -14.11 -3.80
CA GLN D 114 -25.96 -15.01 -3.59
C GLN D 114 -27.05 -14.81 -4.64
N GLY D 115 -27.25 -13.57 -5.09
CA GLY D 115 -28.28 -13.31 -6.08
C GLY D 115 -28.08 -13.99 -7.43
N VAL D 116 -26.90 -14.54 -7.67
CA VAL D 116 -26.61 -15.21 -8.94
C VAL D 116 -27.31 -16.58 -9.03
N ALA D 117 -27.69 -17.13 -7.88
CA ALA D 117 -28.37 -18.42 -7.84
C ALA D 117 -29.67 -18.35 -8.61
N LYS D 118 -30.19 -17.13 -8.75
CA LYS D 118 -31.44 -16.90 -9.46
C LYS D 118 -31.23 -16.58 -10.94
N LEU D 119 -29.98 -16.63 -11.38
CA LEU D 119 -29.62 -16.33 -12.78
C LEU D 119 -28.97 -17.51 -13.49
N PRO D 120 -29.79 -18.48 -13.95
CA PRO D 120 -29.30 -19.67 -14.64
C PRO D 120 -28.19 -19.38 -15.64
N ALA D 121 -28.36 -18.31 -16.40
CA ALA D 121 -27.40 -17.92 -17.42
C ALA D 121 -26.07 -17.34 -16.90
N ARG D 122 -25.98 -17.00 -15.63
CA ARG D 122 -24.74 -16.45 -15.10
C ARG D 122 -24.10 -17.30 -13.99
N VAL D 123 -24.69 -18.45 -13.71
CA VAL D 123 -24.13 -19.32 -12.67
C VAL D 123 -22.69 -19.65 -13.03
N LYS D 124 -22.46 -19.99 -14.30
CA LYS D 124 -21.12 -20.36 -14.76
C LYS D 124 -20.13 -19.20 -14.71
N CYS D 125 -20.63 -17.98 -14.84
CA CYS D 125 -19.76 -16.80 -14.75
C CYS D 125 -19.22 -16.71 -13.32
N ALA D 126 -20.10 -16.98 -12.35
CA ALA D 126 -19.71 -16.92 -10.94
C ALA D 126 -18.81 -18.07 -10.46
N THR D 127 -19.04 -19.29 -10.96
CA THR D 127 -18.23 -20.43 -10.53
C THR D 127 -16.93 -20.62 -11.27
N LEU D 128 -16.79 -19.96 -12.41
CA LEU D 128 -15.58 -20.09 -13.21
C LEU D 128 -14.27 -20.00 -12.43
N ALA D 129 -14.11 -18.95 -11.65
CA ALA D 129 -12.87 -18.78 -10.87
C ALA D 129 -12.68 -19.88 -9.85
N TRP D 130 -13.76 -20.35 -9.28
CA TRP D 130 -13.65 -21.40 -8.28
C TRP D 130 -13.18 -22.72 -8.89
N HIS D 131 -13.73 -23.09 -10.04
CA HIS D 131 -13.30 -24.32 -10.71
C HIS D 131 -11.82 -24.20 -11.05
N ALA D 132 -11.40 -23.01 -11.48
CA ALA D 132 -10.00 -22.79 -11.81
C ALA D 132 -9.14 -22.95 -10.56
N LEU D 133 -9.57 -22.40 -9.42
CA LEU D 133 -8.79 -22.54 -8.19
C LEU D 133 -8.58 -24.02 -7.86
N GLU D 134 -9.68 -24.78 -7.88
CA GLU D 134 -9.65 -26.21 -7.58
C GLU D 134 -8.62 -26.96 -8.42
N GLU D 135 -8.57 -26.63 -9.70
CA GLU D 135 -7.62 -27.29 -10.59
C GLU D 135 -6.22 -26.88 -10.20
N ALA D 136 -6.04 -25.62 -9.82
CA ALA D 136 -4.73 -25.14 -9.42
C ALA D 136 -4.31 -25.78 -8.11
N LEU D 137 -5.28 -26.11 -7.26
CA LEU D 137 -4.99 -26.73 -5.98
C LEU D 137 -4.94 -28.25 -6.07
N ARG D 138 -4.97 -28.76 -7.30
CA ARG D 138 -4.96 -30.20 -7.55
C ARG D 138 -3.90 -30.94 -6.72
N SER E 2 -36.52 10.78 -6.73
CA SER E 2 -36.06 11.44 -5.47
C SER E 2 -34.77 12.22 -5.69
N VAL E 3 -34.68 12.92 -6.81
CA VAL E 3 -33.49 13.69 -7.15
C VAL E 3 -32.93 14.49 -5.98
N LEU E 4 -33.61 15.55 -5.57
CA LEU E 4 -33.13 16.34 -4.44
C LEU E 4 -32.75 15.44 -3.28
N ASP E 5 -33.61 14.49 -2.99
CA ASP E 5 -33.37 13.56 -1.90
C ASP E 5 -32.04 12.82 -2.06
N GLU E 6 -31.75 12.36 -3.28
CA GLU E 6 -30.52 11.64 -3.54
C GLU E 6 -29.34 12.61 -3.71
N LEU E 7 -29.65 13.85 -4.06
CA LEU E 7 -28.62 14.86 -4.26
C LEU E 7 -28.17 15.29 -2.86
N TYR E 8 -29.14 15.46 -1.95
CA TYR E 8 -28.82 15.85 -0.59
C TYR E 8 -27.99 14.73 0.05
N ARG E 9 -28.31 13.48 -0.28
CA ARG E 9 -27.59 12.34 0.26
C ARG E 9 -26.12 12.42 -0.17
N GLU E 10 -25.89 12.82 -1.41
CA GLU E 10 -24.55 12.93 -1.95
C GLU E 10 -23.78 14.11 -1.30
N ILE E 11 -24.47 15.21 -1.05
CA ILE E 11 -23.82 16.36 -0.40
C ILE E 11 -23.26 15.92 0.96
N LEU E 12 -24.10 15.26 1.75
CA LEU E 12 -23.64 14.79 3.06
C LEU E 12 -22.42 13.89 2.94
N LEU E 13 -22.46 12.97 1.99
CA LEU E 13 -21.34 12.05 1.80
C LEU E 13 -20.06 12.77 1.42
N ASP E 14 -20.17 13.70 0.47
CA ASP E 14 -19.02 14.47 0.00
C ASP E 14 -18.36 15.29 1.11
N HIS E 15 -19.16 15.99 1.90
CA HIS E 15 -18.60 16.81 2.98
C HIS E 15 -18.03 16.00 4.14
N TYR E 16 -18.67 14.87 4.45
CA TYR E 16 -18.18 14.00 5.52
C TYR E 16 -16.83 13.42 5.13
N GLN E 17 -16.74 12.88 3.92
CA GLN E 17 -15.49 12.28 3.46
C GLN E 17 -14.41 13.27 3.03
N SER E 18 -14.82 14.41 2.46
CA SER E 18 -13.85 15.42 2.04
C SER E 18 -14.30 16.80 2.54
N PRO E 19 -14.23 17.02 3.86
CA PRO E 19 -14.63 18.30 4.45
C PRO E 19 -13.82 19.49 3.96
N ARG E 20 -14.50 20.59 3.68
CA ARG E 20 -13.87 21.82 3.22
C ARG E 20 -13.32 22.59 4.41
N ASN E 21 -12.32 23.43 4.14
CA ASN E 21 -11.72 24.30 5.14
C ASN E 21 -11.38 23.56 6.42
N PHE E 22 -10.89 22.34 6.26
CA PHE E 22 -10.53 21.51 7.40
C PHE E 22 -9.06 21.64 7.78
N GLY E 23 -8.80 22.18 8.97
CA GLY E 23 -7.44 22.35 9.43
C GLY E 23 -7.31 23.62 10.24
N VAL E 24 -6.11 23.96 10.68
CA VAL E 24 -5.91 25.18 11.46
C VAL E 24 -5.79 26.40 10.55
N LEU E 25 -6.16 27.56 11.05
CA LEU E 25 -6.09 28.80 10.28
C LEU E 25 -4.95 29.63 10.86
N PRO E 26 -3.81 29.69 10.14
CA PRO E 26 -2.59 30.42 10.51
C PRO E 26 -2.74 31.79 11.16
N GLN E 27 -3.43 32.72 10.50
CA GLN E 27 -3.58 34.07 11.04
C GLN E 27 -4.96 34.29 11.62
N ALA E 28 -5.53 33.23 12.20
CA ALA E 28 -6.87 33.31 12.81
C ALA E 28 -7.04 34.53 13.71
N THR E 29 -8.17 35.22 13.54
CA THR E 29 -8.51 36.40 14.32
C THR E 29 -9.11 35.98 15.67
N LYS E 30 -10.13 35.13 15.60
CA LYS E 30 -10.78 34.65 16.80
C LYS E 30 -11.04 33.16 16.67
N GLN E 31 -11.21 32.49 17.81
CA GLN E 31 -11.43 31.06 17.86
C GLN E 31 -12.45 30.70 18.92
N ALA E 32 -13.02 29.51 18.82
CA ALA E 32 -13.99 29.02 19.79
C ALA E 32 -14.26 27.55 19.51
N GLY E 33 -14.34 26.75 20.56
CA GLY E 33 -14.58 25.33 20.41
C GLY E 33 -15.85 24.85 21.08
N GLY E 34 -16.26 23.63 20.73
CA GLY E 34 -17.47 23.08 21.31
C GLY E 34 -17.40 21.57 21.42
N MET E 35 -18.17 21.02 22.34
CA MET E 35 -18.20 19.58 22.54
C MET E 35 -19.65 19.12 22.71
N ASN E 36 -19.97 18.00 22.06
CA ASN E 36 -21.30 17.43 22.13
C ASN E 36 -21.09 16.06 22.78
N PRO E 37 -20.87 16.05 24.12
CA PRO E 37 -20.64 14.86 24.95
C PRO E 37 -21.58 13.69 24.71
N SER E 38 -22.81 13.93 24.30
CA SER E 38 -23.74 12.84 24.05
C SER E 38 -23.24 11.96 22.90
N CYS E 39 -22.65 12.59 21.89
CA CYS E 39 -22.12 11.85 20.75
C CYS E 39 -20.61 11.75 20.84
N GLY E 40 -19.99 12.75 21.47
CA GLY E 40 -18.55 12.74 21.62
C GLY E 40 -17.85 13.50 20.51
N ASP E 41 -18.48 14.55 20.01
CA ASP E 41 -17.91 15.36 18.95
C ASP E 41 -17.19 16.57 19.51
N GLN E 42 -16.06 16.91 18.89
CA GLN E 42 -15.27 18.06 19.30
C GLN E 42 -15.01 18.90 18.05
N VAL E 43 -15.13 20.22 18.19
CA VAL E 43 -14.89 21.09 17.05
C VAL E 43 -14.33 22.44 17.50
N GLU E 44 -13.45 22.99 16.68
CA GLU E 44 -12.89 24.31 16.94
C GLU E 44 -13.13 25.08 15.66
N VAL E 45 -13.62 26.31 15.77
CA VAL E 45 -13.86 27.14 14.61
C VAL E 45 -12.93 28.33 14.71
N MET E 46 -12.25 28.63 13.61
CA MET E 46 -11.31 29.73 13.56
C MET E 46 -11.68 30.66 12.42
N VAL E 47 -11.78 31.96 12.69
CA VAL E 47 -12.13 32.92 11.64
C VAL E 47 -11.06 34.00 11.50
N LEU E 48 -10.90 34.49 10.27
CA LEU E 48 -9.95 35.56 9.97
C LEU E 48 -10.87 36.73 9.61
N LEU E 49 -10.92 37.75 10.46
CA LEU E 49 -11.79 38.88 10.19
C LEU E 49 -11.09 40.11 9.63
N GLU E 50 -11.75 40.76 8.68
CA GLU E 50 -11.29 41.99 8.05
C GLU E 50 -12.54 42.85 8.13
N GLY E 51 -12.54 43.82 9.05
CA GLY E 51 -13.73 44.64 9.21
C GLY E 51 -14.77 43.71 9.82
N ASP E 52 -16.00 43.73 9.31
CA ASP E 52 -17.03 42.84 9.81
C ASP E 52 -17.24 41.71 8.80
N THR E 53 -16.21 41.46 7.99
CA THR E 53 -16.29 40.41 6.99
C THR E 53 -15.46 39.20 7.42
N ILE E 54 -16.02 38.02 7.21
CA ILE E 54 -15.30 36.78 7.53
C ILE E 54 -14.42 36.51 6.32
N ALA E 55 -13.19 37.03 6.33
CA ALA E 55 -12.27 36.84 5.22
C ALA E 55 -11.94 35.38 4.97
N ASP E 56 -11.80 34.61 6.04
CA ASP E 56 -11.50 33.19 5.87
C ASP E 56 -11.96 32.47 7.10
N ILE E 57 -12.13 31.15 7.00
CA ILE E 57 -12.60 30.40 8.14
C ILE E 57 -12.15 28.94 8.00
N ARG E 58 -11.88 28.30 9.13
CA ARG E 58 -11.48 26.90 9.13
C ARG E 58 -12.02 26.24 10.39
N PHE E 59 -12.07 24.92 10.37
CA PHE E 59 -12.53 24.17 11.51
C PHE E 59 -11.67 22.92 11.59
N GLN E 60 -11.55 22.39 12.79
CA GLN E 60 -10.80 21.16 12.96
C GLN E 60 -11.49 20.46 14.12
N GLY E 61 -11.16 19.19 14.32
CA GLY E 61 -11.77 18.45 15.41
C GLY E 61 -12.24 17.08 14.98
N GLN E 62 -12.49 16.23 15.97
CA GLN E 62 -12.95 14.88 15.71
C GLN E 62 -14.41 14.73 16.07
N GLY E 63 -15.18 14.15 15.16
CA GLY E 63 -16.58 13.97 15.41
C GLY E 63 -17.21 13.07 14.38
N CYS E 64 -18.46 12.70 14.64
CA CYS E 64 -19.21 11.82 13.75
C CYS E 64 -19.31 12.44 12.34
N ALA E 65 -19.93 11.70 11.43
CA ALA E 65 -20.07 12.17 10.05
C ALA E 65 -21.02 13.36 9.94
N ILE E 66 -22.04 13.40 10.79
CA ILE E 66 -22.99 14.50 10.76
C ILE E 66 -22.31 15.79 11.20
N SER E 67 -21.48 15.71 12.24
CA SER E 67 -20.80 16.90 12.76
C SER E 67 -19.70 17.37 11.81
N THR E 68 -19.05 16.43 11.15
CA THR E 68 -17.99 16.78 10.22
C THR E 68 -18.58 17.44 8.98
N ALA E 69 -19.68 16.87 8.48
CA ALA E 69 -20.34 17.43 7.31
C ALA E 69 -20.95 18.78 7.66
N SER E 70 -21.54 18.89 8.84
CA SER E 70 -22.13 20.15 9.24
C SER E 70 -21.08 21.27 9.30
N ALA E 71 -19.92 21.01 9.89
CA ALA E 71 -18.87 22.01 10.01
C ALA E 71 -18.33 22.42 8.65
N SER E 72 -18.17 21.44 7.77
CA SER E 72 -17.65 21.69 6.42
C SER E 72 -18.63 22.60 5.67
N LEU E 73 -19.90 22.20 5.64
CA LEU E 73 -20.93 22.97 4.97
C LEU E 73 -21.05 24.38 5.55
N MET E 74 -20.92 24.50 6.86
CA MET E 74 -20.99 25.80 7.52
C MET E 74 -19.88 26.74 7.09
N THR E 75 -18.63 26.26 7.12
CA THR E 75 -17.50 27.11 6.74
C THR E 75 -17.67 27.59 5.30
N GLU E 76 -18.17 26.72 4.44
CA GLU E 76 -18.37 27.04 3.03
C GLU E 76 -19.52 28.05 2.85
N ALA E 77 -20.54 27.94 3.68
CA ALA E 77 -21.70 28.81 3.62
C ALA E 77 -21.47 30.23 4.16
N VAL E 78 -20.48 30.40 5.02
CA VAL E 78 -20.23 31.71 5.60
C VAL E 78 -18.96 32.43 5.18
N LYS E 79 -18.02 31.73 4.55
CA LYS E 79 -16.79 32.38 4.13
C LYS E 79 -17.09 33.53 3.17
N GLY E 80 -16.49 34.69 3.42
CA GLY E 80 -16.71 35.84 2.55
C GLY E 80 -17.91 36.69 2.92
N LYS E 81 -18.77 36.16 3.79
CA LYS E 81 -19.97 36.88 4.21
C LYS E 81 -19.66 37.85 5.33
N LYS E 82 -20.56 38.81 5.53
CA LYS E 82 -20.44 39.78 6.61
C LYS E 82 -20.85 38.99 7.86
N VAL E 83 -20.36 39.39 9.02
CA VAL E 83 -20.73 38.70 10.25
C VAL E 83 -22.25 38.59 10.37
N ALA E 84 -22.95 39.69 10.15
CA ALA E 84 -24.41 39.68 10.24
C ALA E 84 -25.10 38.65 9.34
N GLU E 85 -24.59 38.48 8.11
CA GLU E 85 -25.21 37.50 7.23
C GLU E 85 -24.96 36.09 7.74
N ALA E 86 -23.80 35.90 8.34
CA ALA E 86 -23.43 34.59 8.90
C ALA E 86 -24.36 34.24 10.04
N LEU E 87 -24.57 35.20 10.93
CA LEU E 87 -25.45 34.97 12.07
C LEU E 87 -26.87 34.70 11.61
N GLU E 88 -27.25 35.28 10.48
CA GLU E 88 -28.59 35.05 9.95
C GLU E 88 -28.67 33.60 9.45
N LEU E 89 -27.60 33.13 8.81
CA LEU E 89 -27.57 31.76 8.31
C LEU E 89 -27.66 30.81 9.51
N SER E 90 -26.93 31.14 10.56
CA SER E 90 -26.95 30.31 11.77
C SER E 90 -28.38 30.23 12.32
N ARG E 91 -29.06 31.36 12.37
CA ARG E 91 -30.44 31.40 12.87
C ARG E 91 -31.33 30.49 12.01
N LYS E 92 -31.29 30.69 10.71
CA LYS E 92 -32.07 29.90 9.78
C LYS E 92 -31.76 28.41 9.92
N PHE E 93 -30.48 28.09 10.03
CA PHE E 93 -30.05 26.70 10.16
C PHE E 93 -30.60 26.05 11.42
N GLN E 94 -30.55 26.78 12.53
CA GLN E 94 -31.05 26.25 13.78
C GLN E 94 -32.56 26.14 13.77
N ALA E 95 -33.23 27.05 13.07
CA ALA E 95 -34.68 27.01 12.97
C ALA E 95 -35.06 25.71 12.25
N MET E 96 -34.29 25.34 11.24
CA MET E 96 -34.53 24.14 10.46
C MET E 96 -34.30 22.85 11.24
N VAL E 97 -33.15 22.74 11.88
CA VAL E 97 -32.80 21.54 12.63
C VAL E 97 -33.33 21.47 14.05
N VAL E 98 -33.20 22.56 14.79
CA VAL E 98 -33.66 22.61 16.19
C VAL E 98 -35.17 22.73 16.32
N GLU E 99 -35.78 23.60 15.52
CA GLU E 99 -37.22 23.82 15.56
C GLU E 99 -38.01 22.99 14.56
N GLY E 100 -37.34 22.54 13.51
CA GLY E 100 -38.02 21.75 12.49
C GLY E 100 -38.96 22.67 11.74
N ALA E 101 -38.55 23.91 11.56
CA ALA E 101 -39.34 24.91 10.87
C ALA E 101 -39.16 24.80 9.36
N PRO E 102 -40.15 25.27 8.58
CA PRO E 102 -40.03 25.20 7.13
C PRO E 102 -38.68 25.80 6.71
N PRO E 103 -37.76 24.94 6.23
CA PRO E 103 -36.42 25.35 5.80
C PRO E 103 -36.40 26.57 4.90
N ASP E 104 -35.55 27.53 5.24
CA ASP E 104 -35.41 28.75 4.45
C ASP E 104 -34.56 28.40 3.23
N PRO E 105 -35.09 28.62 2.02
CA PRO E 105 -34.40 28.33 0.75
C PRO E 105 -32.99 28.91 0.68
N THR E 106 -32.77 30.00 1.40
CA THR E 106 -31.47 30.67 1.45
C THR E 106 -30.35 29.75 1.94
N LEU E 107 -30.70 28.66 2.62
CA LEU E 107 -29.71 27.72 3.14
C LEU E 107 -28.92 26.93 2.10
N GLY E 108 -29.39 26.90 0.86
CA GLY E 108 -28.69 26.18 -0.19
C GLY E 108 -28.40 24.74 0.17
N ASP E 109 -27.16 24.31 -0.01
CA ASP E 109 -26.77 22.94 0.31
C ASP E 109 -26.92 22.55 1.78
N LEU E 110 -27.02 23.56 2.66
CA LEU E 110 -27.20 23.27 4.08
C LEU E 110 -28.53 22.54 4.22
N LEU E 111 -29.39 22.70 3.23
CA LEU E 111 -30.71 22.05 3.25
C LEU E 111 -30.59 20.54 3.35
N ALA E 112 -29.42 20.01 2.99
CA ALA E 112 -29.16 18.58 3.03
C ALA E 112 -29.24 17.98 4.44
N LEU E 113 -29.13 18.83 5.46
CA LEU E 113 -29.19 18.33 6.83
C LEU E 113 -30.61 18.41 7.41
N GLN E 114 -31.57 18.74 6.56
CA GLN E 114 -32.98 18.84 6.95
C GLN E 114 -33.44 17.67 7.79
N GLY E 115 -33.06 16.46 7.37
CA GLY E 115 -33.47 15.26 8.07
C GLY E 115 -33.01 15.14 9.51
N VAL E 116 -32.02 15.93 9.90
CA VAL E 116 -31.53 15.88 11.28
C VAL E 116 -32.59 16.38 12.24
N ALA E 117 -33.47 17.25 11.76
CA ALA E 117 -34.54 17.79 12.59
C ALA E 117 -35.41 16.64 13.10
N LYS E 118 -35.45 15.56 12.34
CA LYS E 118 -36.23 14.39 12.70
C LYS E 118 -35.46 13.50 13.67
N LEU E 119 -34.22 13.88 13.98
CA LEU E 119 -33.37 13.09 14.87
C LEU E 119 -32.92 13.87 16.10
N PRO E 120 -33.70 13.78 17.21
CA PRO E 120 -33.38 14.48 18.45
C PRO E 120 -31.97 14.23 19.00
N ALA E 121 -31.50 12.99 18.90
CA ALA E 121 -30.19 12.62 19.41
C ALA E 121 -29.04 13.19 18.58
N ARG E 122 -29.32 13.58 17.33
CA ARG E 122 -28.26 14.10 16.47
C ARG E 122 -28.36 15.58 16.15
N VAL E 123 -29.41 16.24 16.61
CA VAL E 123 -29.58 17.66 16.35
C VAL E 123 -28.31 18.41 16.74
N LYS E 124 -27.74 18.04 17.88
CA LYS E 124 -26.54 18.69 18.36
C LYS E 124 -25.30 18.39 17.54
N CYS E 125 -25.31 17.30 16.78
CA CYS E 125 -24.15 16.98 15.95
C CYS E 125 -24.12 18.02 14.82
N ALA E 126 -25.31 18.45 14.40
CA ALA E 126 -25.44 19.42 13.33
C ALA E 126 -25.23 20.87 13.80
N THR E 127 -25.70 21.18 15.01
CA THR E 127 -25.58 22.56 15.51
C THR E 127 -24.28 22.91 16.21
N LEU E 128 -23.49 21.91 16.60
CA LEU E 128 -22.23 22.16 17.31
C LEU E 128 -21.32 23.18 16.64
N ALA E 129 -21.12 23.04 15.33
CA ALA E 129 -20.24 23.96 14.62
C ALA E 129 -20.80 25.37 14.54
N TRP E 130 -22.12 25.47 14.46
CA TRP E 130 -22.75 26.77 14.38
C TRP E 130 -22.69 27.49 15.72
N HIS E 131 -22.77 26.74 16.81
CA HIS E 131 -22.68 27.37 18.12
C HIS E 131 -21.26 27.90 18.27
N ALA E 132 -20.28 27.11 17.81
CA ALA E 132 -18.88 27.54 17.90
C ALA E 132 -18.64 28.78 17.06
N LEU E 133 -19.23 28.83 15.87
CA LEU E 133 -19.06 30.02 15.02
C LEU E 133 -19.57 31.26 15.76
N GLU E 134 -20.79 31.17 16.29
CA GLU E 134 -21.37 32.30 17.01
C GLU E 134 -20.48 32.80 18.15
N GLU E 135 -19.92 31.89 18.94
CA GLU E 135 -19.04 32.29 20.03
C GLU E 135 -17.78 32.92 19.45
N ALA E 136 -17.31 32.35 18.34
CA ALA E 136 -16.09 32.85 17.70
C ALA E 136 -16.32 34.23 17.09
N LEU E 137 -17.57 34.55 16.79
CA LEU E 137 -17.86 35.85 16.20
C LEU E 137 -18.14 36.95 17.22
N ARG E 138 -18.52 36.56 18.43
CA ARG E 138 -18.79 37.56 19.47
C ARG E 138 -17.60 38.47 19.69
N VAL F 3 33.99 -11.38 11.29
CA VAL F 3 34.95 -10.48 11.99
C VAL F 3 34.27 -9.78 13.16
N LEU F 4 35.02 -9.62 14.25
CA LEU F 4 34.51 -8.99 15.46
C LEU F 4 33.83 -7.65 15.19
N ASP F 5 34.48 -6.80 14.40
CA ASP F 5 33.90 -5.50 14.09
C ASP F 5 32.60 -5.64 13.30
N GLU F 6 32.55 -6.63 12.41
CA GLU F 6 31.36 -6.85 11.60
C GLU F 6 30.21 -7.36 12.47
N LEU F 7 30.53 -8.25 13.41
CA LEU F 7 29.52 -8.80 14.30
C LEU F 7 28.96 -7.81 15.30
N TYR F 8 29.81 -6.90 15.79
CA TYR F 8 29.33 -5.91 16.75
C TYR F 8 28.38 -4.94 16.03
N ARG F 9 28.74 -4.53 14.82
CA ARG F 9 27.90 -3.63 14.05
C ARG F 9 26.53 -4.27 13.88
N GLU F 10 26.53 -5.55 13.53
CA GLU F 10 25.30 -6.29 13.31
C GLU F 10 24.48 -6.43 14.59
N ILE F 11 25.15 -6.57 15.73
CA ILE F 11 24.47 -6.69 17.00
C ILE F 11 23.74 -5.39 17.31
N LEU F 12 24.43 -4.27 17.18
CA LEU F 12 23.82 -2.97 17.44
C LEU F 12 22.60 -2.74 16.54
N LEU F 13 22.72 -3.10 15.26
CA LEU F 13 21.62 -2.94 14.32
C LEU F 13 20.41 -3.79 14.71
N ASP F 14 20.65 -5.07 14.94
CA ASP F 14 19.60 -6.01 15.32
C ASP F 14 18.80 -5.53 16.55
N HIS F 15 19.50 -4.97 17.54
CA HIS F 15 18.85 -4.49 18.75
C HIS F 15 18.13 -3.16 18.55
N TYR F 16 18.64 -2.36 17.61
CA TYR F 16 18.01 -1.07 17.30
C TYR F 16 16.73 -1.35 16.53
N GLN F 17 16.81 -2.32 15.63
CA GLN F 17 15.67 -2.70 14.79
C GLN F 17 14.63 -3.49 15.57
N SER F 18 15.08 -4.45 16.37
CA SER F 18 14.17 -5.28 17.13
C SER F 18 14.52 -5.33 18.61
N PRO F 19 14.33 -4.21 19.32
CA PRO F 19 14.65 -4.15 20.75
C PRO F 19 13.88 -5.17 21.58
N ARG F 20 14.62 -5.96 22.36
CA ARG F 20 14.01 -6.98 23.22
C ARG F 20 13.36 -6.36 24.43
N ASN F 21 12.40 -7.09 25.01
CA ASN F 21 11.68 -6.69 26.20
C ASN F 21 11.20 -5.23 26.17
N PHE F 22 10.76 -4.76 25.03
CA PHE F 22 10.27 -3.39 24.92
C PHE F 22 8.80 -3.40 25.36
N GLY F 23 8.40 -2.44 26.18
CA GLY F 23 7.02 -2.41 26.62
C GLY F 23 6.83 -2.00 28.08
N VAL F 24 5.79 -2.55 28.69
CA VAL F 24 5.44 -2.23 30.06
C VAL F 24 5.10 -3.50 30.85
N LEU F 25 5.46 -3.50 32.13
CA LEU F 25 5.15 -4.63 33.00
C LEU F 25 3.92 -4.28 33.81
N PRO F 26 2.88 -5.13 33.74
CA PRO F 26 1.65 -4.87 34.48
C PRO F 26 1.87 -4.86 35.99
N GLN F 27 2.30 -5.99 36.53
CA GLN F 27 2.54 -6.13 37.96
C GLN F 27 4.04 -5.99 38.19
N ALA F 28 4.59 -4.81 37.91
CA ALA F 28 6.02 -4.56 38.08
C ALA F 28 6.31 -4.31 39.57
N THR F 29 7.32 -4.99 40.09
CA THR F 29 7.72 -4.84 41.49
C THR F 29 8.16 -3.41 41.77
N LYS F 30 8.97 -2.86 40.89
CA LYS F 30 9.45 -1.50 41.03
C LYS F 30 9.95 -0.95 39.71
N GLN F 31 9.57 0.30 39.41
CA GLN F 31 9.95 0.96 38.18
C GLN F 31 10.91 2.09 38.48
N ALA F 32 11.58 2.60 37.44
CA ALA F 32 12.52 3.70 37.58
C ALA F 32 12.71 4.37 36.23
N GLY F 33 12.80 5.70 36.22
CA GLY F 33 12.96 6.41 34.97
C GLY F 33 14.27 7.15 34.87
N GLY F 34 14.60 7.61 33.66
CA GLY F 34 15.83 8.33 33.46
C GLY F 34 15.76 9.24 32.25
N MET F 35 16.48 10.36 32.32
CA MET F 35 16.51 11.33 31.24
C MET F 35 17.94 11.81 30.97
N ASN F 36 18.22 12.11 29.70
CA ASN F 36 19.54 12.56 29.29
C ASN F 36 19.58 14.06 29.02
N PRO F 37 20.62 14.75 29.50
CA PRO F 37 20.78 16.20 29.33
C PRO F 37 21.38 16.64 27.99
N SER F 38 22.43 15.95 27.54
CA SER F 38 23.11 16.28 26.29
C SER F 38 22.42 15.79 25.02
N CYS F 39 21.64 14.72 25.14
CA CYS F 39 20.96 14.18 23.96
C CYS F 39 19.45 14.15 24.13
N GLY F 40 18.99 14.24 25.37
CA GLY F 40 17.56 14.23 25.63
C GLY F 40 16.93 12.86 25.48
N ASP F 41 17.68 11.83 25.89
CA ASP F 41 17.17 10.47 25.83
C ASP F 41 16.38 10.20 27.10
N GLN F 42 15.25 9.51 26.98
CA GLN F 42 14.43 9.21 28.13
C GLN F 42 14.11 7.72 28.21
N VAL F 43 14.24 7.15 29.41
CA VAL F 43 13.98 5.74 29.59
C VAL F 43 13.29 5.46 30.92
N GLU F 44 12.68 4.28 31.00
CA GLU F 44 12.03 3.84 32.22
C GLU F 44 12.08 2.33 32.23
N VAL F 45 12.64 1.76 33.29
CA VAL F 45 12.77 0.32 33.42
C VAL F 45 11.87 -0.26 34.50
N MET F 46 11.24 -1.38 34.17
CA MET F 46 10.34 -2.05 35.08
C MET F 46 10.83 -3.47 35.27
N VAL F 47 10.82 -3.94 36.51
CA VAL F 47 11.26 -5.31 36.78
C VAL F 47 10.30 -6.04 37.70
N LEU F 48 10.25 -7.36 37.53
CA LEU F 48 9.41 -8.21 38.36
C LEU F 48 10.40 -9.07 39.13
N LEU F 49 10.38 -8.94 40.46
CA LEU F 49 11.30 -9.69 41.28
C LEU F 49 10.62 -10.81 42.05
N GLU F 50 11.25 -11.98 42.03
CA GLU F 50 10.77 -13.14 42.76
C GLU F 50 11.93 -13.41 43.68
N GLY F 51 11.85 -12.86 44.88
CA GLY F 51 12.94 -13.00 45.83
C GLY F 51 13.90 -11.92 45.40
N ASP F 52 15.13 -12.30 45.06
CA ASP F 52 16.11 -11.33 44.59
C ASP F 52 16.53 -11.69 43.17
N THR F 53 15.62 -12.33 42.44
CA THR F 53 15.86 -12.73 41.07
C THR F 53 14.96 -11.90 40.16
N ILE F 54 15.54 -11.39 39.08
CA ILE F 54 14.76 -10.59 38.12
C ILE F 54 13.97 -11.55 37.25
N ALA F 55 12.76 -11.89 37.71
CA ALA F 55 11.89 -12.80 36.99
C ALA F 55 11.57 -12.29 35.60
N ASP F 56 11.32 -10.98 35.50
CA ASP F 56 11.03 -10.37 34.22
C ASP F 56 11.38 -8.89 34.27
N ILE F 57 11.63 -8.30 33.11
CA ILE F 57 11.99 -6.90 32.99
C ILE F 57 11.50 -6.35 31.65
N ARG F 58 11.24 -5.05 31.61
CA ARG F 58 10.77 -4.39 30.39
C ARG F 58 11.22 -2.93 30.43
N PHE F 59 11.38 -2.33 29.26
CA PHE F 59 11.76 -0.93 29.19
C PHE F 59 11.00 -0.25 28.06
N GLN F 60 10.77 1.04 28.21
CA GLN F 60 10.09 1.81 27.18
C GLN F 60 10.64 3.23 27.14
N GLY F 61 9.98 4.08 26.35
CA GLY F 61 10.45 5.44 26.20
C GLY F 61 11.29 5.43 24.95
N GLN F 62 11.96 6.54 24.63
CA GLN F 62 12.78 6.55 23.44
C GLN F 62 13.74 7.72 23.32
N GLY F 63 14.71 7.56 22.42
CA GLY F 63 15.71 8.57 22.19
C GLY F 63 16.51 8.19 20.97
N CYS F 64 17.83 8.35 21.03
CA CYS F 64 18.70 8.02 19.92
C CYS F 64 18.80 6.51 19.75
N ALA F 65 19.45 6.09 18.66
CA ALA F 65 19.62 4.68 18.36
C ALA F 65 20.46 3.98 19.43
N ILE F 66 21.50 4.67 19.91
CA ILE F 66 22.38 4.11 20.93
C ILE F 66 21.63 3.74 22.22
N SER F 67 20.84 4.67 22.75
CA SER F 67 20.10 4.41 23.96
C SER F 67 19.14 3.24 23.84
N THR F 68 18.54 3.10 22.65
CA THR F 68 17.60 2.01 22.41
C THR F 68 18.32 0.67 22.34
N ALA F 69 19.41 0.62 21.59
CA ALA F 69 20.17 -0.61 21.46
C ALA F 69 20.75 -1.01 22.81
N SER F 70 21.25 -0.02 23.55
CA SER F 70 21.82 -0.30 24.85
C SER F 70 20.76 -0.80 25.82
N ALA F 71 19.56 -0.25 25.74
CA ALA F 71 18.48 -0.66 26.64
C ALA F 71 18.05 -2.10 26.34
N SER F 72 17.98 -2.42 25.05
CA SER F 72 17.59 -3.75 24.60
C SER F 72 18.62 -4.78 25.07
N LEU F 73 19.89 -4.51 24.78
CA LEU F 73 20.96 -5.41 25.18
C LEU F 73 20.96 -5.61 26.70
N MET F 74 20.67 -4.54 27.42
CA MET F 74 20.67 -4.59 28.88
C MET F 74 19.60 -5.52 29.45
N THR F 75 18.35 -5.34 29.02
CA THR F 75 17.26 -6.17 29.51
C THR F 75 17.52 -7.63 29.16
N GLU F 76 18.06 -7.87 27.97
CA GLU F 76 18.35 -9.23 27.53
C GLU F 76 19.36 -9.90 28.46
N ALA F 77 20.40 -9.17 28.81
CA ALA F 77 21.47 -9.71 29.65
C ALA F 77 21.11 -9.97 31.11
N VAL F 78 20.18 -9.19 31.67
CA VAL F 78 19.82 -9.34 33.07
C VAL F 78 18.53 -10.10 33.37
N LYS F 79 17.69 -10.29 32.37
CA LYS F 79 16.43 -11.00 32.58
C LYS F 79 16.69 -12.40 33.14
N GLY F 80 16.01 -12.71 34.24
CA GLY F 80 16.18 -14.02 34.85
C GLY F 80 17.38 -14.13 35.77
N LYS F 81 18.25 -13.13 35.74
CA LYS F 81 19.46 -13.12 36.57
C LYS F 81 19.21 -12.58 37.98
N LYS F 82 20.14 -12.86 38.88
CA LYS F 82 20.06 -12.39 40.25
C LYS F 82 20.27 -10.88 40.25
N VAL F 83 19.62 -10.19 41.17
CA VAL F 83 19.78 -8.74 41.26
C VAL F 83 21.26 -8.41 41.38
N ALA F 84 21.98 -9.21 42.17
CA ALA F 84 23.41 -9.00 42.35
C ALA F 84 24.16 -9.14 41.04
N GLU F 85 23.73 -10.09 40.20
CA GLU F 85 24.36 -10.30 38.91
C GLU F 85 24.11 -9.09 38.01
N ALA F 86 22.88 -8.58 38.02
CA ALA F 86 22.55 -7.42 37.21
C ALA F 86 23.49 -6.26 37.55
N LEU F 87 23.74 -6.09 38.85
CA LEU F 87 24.62 -5.02 39.32
C LEU F 87 26.05 -5.27 38.89
N GLU F 88 26.45 -6.54 38.91
CA GLU F 88 27.80 -6.92 38.49
C GLU F 88 28.01 -6.57 37.01
N LEU F 89 27.02 -6.90 36.18
CA LEU F 89 27.10 -6.60 34.75
C LEU F 89 27.10 -5.09 34.51
N SER F 90 26.31 -4.37 35.30
CA SER F 90 26.23 -2.93 35.18
C SER F 90 27.60 -2.29 35.43
N ARG F 91 28.28 -2.69 36.50
CA ARG F 91 29.59 -2.11 36.79
C ARG F 91 30.55 -2.41 35.64
N LYS F 92 30.58 -3.66 35.19
CA LYS F 92 31.44 -4.07 34.09
C LYS F 92 31.16 -3.24 32.84
N PHE F 93 29.88 -3.06 32.55
CA PHE F 93 29.49 -2.28 31.37
C PHE F 93 29.98 -0.85 31.46
N GLN F 94 29.72 -0.20 32.60
CA GLN F 94 30.10 1.19 32.79
C GLN F 94 31.62 1.37 32.82
N ALA F 95 32.32 0.38 33.37
CA ALA F 95 33.78 0.45 33.43
C ALA F 95 34.27 0.51 31.99
N MET F 96 33.65 -0.29 31.13
CA MET F 96 34.00 -0.33 29.72
C MET F 96 33.68 0.97 28.97
N VAL F 97 32.45 1.44 29.13
CA VAL F 97 31.99 2.64 28.44
C VAL F 97 32.41 3.98 29.04
N VAL F 98 32.31 4.10 30.37
CA VAL F 98 32.67 5.34 31.04
C VAL F 98 34.18 5.50 31.09
N GLU F 99 34.86 4.48 31.62
CA GLU F 99 36.31 4.48 31.74
C GLU F 99 36.87 3.74 30.52
N GLY F 100 38.15 3.93 30.22
CA GLY F 100 38.72 3.25 29.08
C GLY F 100 39.04 1.81 29.44
N ALA F 101 38.66 1.42 30.66
CA ALA F 101 38.93 0.08 31.16
C ALA F 101 38.85 -1.02 30.12
N PRO F 102 39.81 -1.96 30.15
CA PRO F 102 39.83 -3.08 29.20
C PRO F 102 38.55 -3.89 29.41
N PRO F 103 37.72 -4.03 28.37
CA PRO F 103 36.45 -4.75 28.43
C PRO F 103 36.48 -6.12 29.10
N ASP F 104 35.58 -6.31 30.05
CA ASP F 104 35.47 -7.59 30.74
C ASP F 104 34.84 -8.55 29.74
N PRO F 105 35.53 -9.66 29.42
CA PRO F 105 35.02 -10.65 28.47
C PRO F 105 33.66 -11.26 28.79
N THR F 106 33.24 -11.21 30.05
CA THR F 106 31.93 -11.76 30.42
C THR F 106 30.80 -10.82 30.02
N LEU F 107 31.13 -9.71 29.38
CA LEU F 107 30.12 -8.75 28.94
C LEU F 107 29.38 -9.29 27.72
N GLY F 108 29.98 -10.26 27.04
CA GLY F 108 29.34 -10.85 25.87
C GLY F 108 28.97 -9.86 24.79
N ASP F 109 27.75 -9.97 24.28
CA ASP F 109 27.27 -9.07 23.23
C ASP F 109 27.25 -7.60 23.59
N LEU F 110 27.29 -7.30 24.89
CA LEU F 110 27.31 -5.92 25.34
C LEU F 110 28.63 -5.28 24.88
N LEU F 111 29.60 -6.12 24.52
CA LEU F 111 30.88 -5.64 24.07
C LEU F 111 30.76 -4.87 22.75
N ALA F 112 29.63 -5.00 22.08
CA ALA F 112 29.42 -4.29 20.81
C ALA F 112 29.35 -2.78 21.02
N LEU F 113 29.05 -2.36 22.24
CA LEU F 113 28.96 -0.93 22.54
C LEU F 113 30.29 -0.36 23.03
N GLN F 114 31.35 -1.13 22.84
CA GLN F 114 32.68 -0.70 23.27
C GLN F 114 33.10 0.60 22.59
N GLY F 115 32.70 0.78 21.35
CA GLY F 115 33.06 1.98 20.60
C GLY F 115 32.56 3.29 21.19
N VAL F 116 31.54 3.22 22.04
CA VAL F 116 30.99 4.42 22.66
C VAL F 116 31.96 5.06 23.65
N ALA F 117 32.91 4.27 24.16
CA ALA F 117 33.89 4.77 25.10
C ALA F 117 34.66 5.95 24.50
N LYS F 118 34.85 5.90 23.19
CA LYS F 118 35.56 6.98 22.50
C LYS F 118 34.61 7.98 21.87
N LEU F 119 33.48 8.22 22.54
CA LEU F 119 32.47 9.15 22.07
C LEU F 119 31.76 9.82 23.23
N PRO F 120 32.46 10.72 23.94
CA PRO F 120 31.80 11.39 25.06
C PRO F 120 30.56 12.12 24.55
N ALA F 121 29.68 12.53 25.46
CA ALA F 121 28.44 13.19 25.07
C ALA F 121 27.54 12.13 24.47
N ARG F 122 28.10 10.93 24.31
CA ARG F 122 27.38 9.80 23.75
C ARG F 122 27.50 8.63 24.72
N VAL F 123 28.27 8.84 25.78
CA VAL F 123 28.47 7.83 26.80
C VAL F 123 27.19 7.74 27.61
N LYS F 124 26.56 8.89 27.84
CA LYS F 124 25.32 8.95 28.60
C LYS F 124 24.17 8.28 27.85
N CYS F 125 24.31 8.15 26.53
CA CYS F 125 23.27 7.50 25.73
C CYS F 125 23.31 6.01 26.02
N ALA F 126 24.51 5.50 26.26
CA ALA F 126 24.71 4.09 26.54
C ALA F 126 24.39 3.71 27.99
N THR F 127 24.79 4.56 28.93
CA THR F 127 24.57 4.26 30.34
C THR F 127 23.20 4.61 30.93
N LEU F 128 22.42 5.39 30.19
CA LEU F 128 21.10 5.78 30.68
C LEU F 128 20.24 4.61 31.16
N ALA F 129 20.12 3.59 30.33
CA ALA F 129 19.32 2.42 30.70
C ALA F 129 19.85 1.72 31.94
N TRP F 130 21.17 1.67 32.08
CA TRP F 130 21.76 1.00 33.23
C TRP F 130 21.53 1.76 34.53
N HIS F 131 21.59 3.09 34.47
CA HIS F 131 21.36 3.89 35.65
C HIS F 131 19.92 3.73 36.12
N ALA F 132 18.99 3.65 35.17
CA ALA F 132 17.58 3.47 35.51
C ALA F 132 17.38 2.12 36.16
N LEU F 133 18.05 1.09 35.62
CA LEU F 133 17.94 -0.26 36.18
C LEU F 133 18.37 -0.24 37.64
N GLU F 134 19.55 0.27 37.91
CA GLU F 134 20.06 0.35 39.27
C GLU F 134 19.06 1.07 40.18
N GLU F 135 18.52 2.18 39.69
CA GLU F 135 17.54 2.95 40.45
C GLU F 135 16.30 2.12 40.74
N ALA F 136 15.94 1.26 39.79
CA ALA F 136 14.77 0.40 39.92
C ALA F 136 15.00 -0.72 40.95
N LEU F 137 16.24 -1.17 41.05
CA LEU F 137 16.57 -2.23 41.99
C LEU F 137 16.90 -1.67 43.36
N ARG F 138 16.37 -0.47 43.64
CA ARG F 138 16.57 0.26 44.89
C ARG F 138 17.73 1.23 44.76
N SER G 2 -34.86 2.02 -17.21
CA SER G 2 -34.64 2.08 -15.73
C SER G 2 -33.16 1.97 -15.42
N VAL G 3 -32.45 1.06 -16.09
CA VAL G 3 -31.01 0.96 -15.88
C VAL G 3 -30.50 2.31 -16.37
N LEU G 4 -30.99 2.73 -17.52
CA LEU G 4 -30.62 4.01 -18.09
C LEU G 4 -31.08 5.13 -17.16
N ASP G 5 -32.27 4.97 -16.57
CA ASP G 5 -32.79 5.98 -15.64
C ASP G 5 -31.80 6.15 -14.49
N GLU G 6 -31.35 5.03 -13.93
CA GLU G 6 -30.41 5.08 -12.82
C GLU G 6 -29.05 5.63 -13.27
N LEU G 7 -28.64 5.31 -14.49
CA LEU G 7 -27.38 5.84 -14.99
C LEU G 7 -27.44 7.37 -14.97
N TYR G 8 -28.54 7.94 -15.46
CA TYR G 8 -28.68 9.39 -15.50
C TYR G 8 -28.58 10.02 -14.12
N ARG G 9 -29.15 9.35 -13.13
CA ARG G 9 -29.07 9.87 -11.78
C ARG G 9 -27.60 9.85 -11.37
N GLU G 10 -26.88 8.78 -11.70
CA GLU G 10 -25.47 8.66 -11.34
C GLU G 10 -24.62 9.75 -12.02
N ILE G 11 -25.00 10.10 -13.25
CA ILE G 11 -24.29 11.13 -13.98
C ILE G 11 -24.50 12.48 -13.28
N LEU G 12 -25.72 12.70 -12.80
CA LEU G 12 -26.04 13.94 -12.10
C LEU G 12 -25.13 14.08 -10.89
N LEU G 13 -25.08 13.03 -10.07
CA LEU G 13 -24.25 13.04 -8.87
C LEU G 13 -22.77 13.20 -9.22
N ASP G 14 -22.36 12.60 -10.33
CA ASP G 14 -20.98 12.67 -10.79
C ASP G 14 -20.58 14.10 -11.14
N HIS G 15 -21.45 14.81 -11.87
CA HIS G 15 -21.17 16.19 -12.24
C HIS G 15 -21.15 17.08 -11.00
N TYR G 16 -21.96 16.73 -10.00
CA TYR G 16 -21.98 17.51 -8.77
C TYR G 16 -20.64 17.29 -8.05
N GLN G 17 -20.23 16.03 -7.95
CA GLN G 17 -18.99 15.67 -7.28
C GLN G 17 -17.74 16.19 -7.98
N SER G 18 -17.67 15.98 -9.29
CA SER G 18 -16.54 16.41 -10.07
C SER G 18 -16.95 17.25 -11.27
N PRO G 19 -17.39 18.49 -11.02
CA PRO G 19 -17.81 19.33 -12.15
C PRO G 19 -16.76 19.43 -13.26
N ARG G 20 -17.22 19.49 -14.51
CA ARG G 20 -16.33 19.63 -15.66
C ARG G 20 -16.16 21.11 -16.01
N ASN G 21 -15.04 21.44 -16.62
CA ASN G 21 -14.75 22.81 -17.05
C ASN G 21 -14.94 23.86 -15.96
N PHE G 22 -14.53 23.54 -14.74
CA PHE G 22 -14.64 24.49 -13.64
C PHE G 22 -13.31 25.23 -13.51
N GLY G 23 -13.37 26.56 -13.51
CA GLY G 23 -12.16 27.35 -13.38
C GLY G 23 -12.10 28.49 -14.39
N VAL G 24 -11.13 29.38 -14.21
CA VAL G 24 -10.97 30.51 -15.12
C VAL G 24 -10.55 30.03 -16.51
N LEU G 25 -11.04 30.73 -17.53
CA LEU G 25 -10.72 30.42 -18.93
C LEU G 25 -9.85 31.58 -19.46
N PRO G 26 -8.52 31.43 -19.39
CA PRO G 26 -7.57 32.46 -19.86
C PRO G 26 -7.85 33.11 -21.23
N GLN G 27 -8.33 32.32 -22.19
CA GLN G 27 -8.59 32.87 -23.53
C GLN G 27 -10.01 33.38 -23.75
N ALA G 28 -10.82 33.40 -22.71
CA ALA G 28 -12.21 33.85 -22.81
C ALA G 28 -12.33 35.15 -23.60
N THR G 29 -13.23 35.16 -24.58
CA THR G 29 -13.47 36.35 -25.40
C THR G 29 -14.68 37.11 -24.86
N LYS G 30 -15.63 36.36 -24.30
CA LYS G 30 -16.83 36.94 -23.71
C LYS G 30 -17.11 36.27 -22.38
N GLN G 31 -17.85 36.97 -21.52
CA GLN G 31 -18.14 36.45 -20.19
C GLN G 31 -19.46 37.03 -19.68
N ALA G 32 -20.03 36.39 -18.66
CA ALA G 32 -21.29 36.84 -18.07
C ALA G 32 -21.61 36.05 -16.81
N GLY G 33 -22.18 36.73 -15.82
CA GLY G 33 -22.51 36.06 -14.57
C GLY G 33 -23.98 36.11 -14.20
N GLY G 34 -24.37 35.24 -13.28
CA GLY G 34 -25.75 35.20 -12.84
C GLY G 34 -25.88 34.83 -11.37
N MET G 35 -26.91 35.35 -10.72
CA MET G 35 -27.13 35.07 -9.32
C MET G 35 -28.57 34.63 -9.08
N ASN G 36 -28.75 33.80 -8.04
CA ASN G 36 -30.06 33.31 -7.66
C ASN G 36 -30.13 33.44 -6.13
N PRO G 37 -30.39 34.66 -5.63
CA PRO G 37 -30.48 34.99 -4.21
C PRO G 37 -31.45 34.11 -3.42
N SER G 38 -32.50 33.66 -4.10
CA SER G 38 -33.50 32.80 -3.46
C SER G 38 -32.80 31.61 -2.79
N CYS G 39 -31.71 31.17 -3.42
CA CYS G 39 -30.95 30.03 -2.93
C CYS G 39 -29.54 30.45 -2.52
N GLY G 40 -28.99 31.42 -3.24
CA GLY G 40 -27.65 31.91 -2.94
C GLY G 40 -26.61 31.49 -3.97
N ASP G 41 -27.08 31.10 -5.14
CA ASP G 41 -26.18 30.66 -6.21
C ASP G 41 -25.59 31.82 -7.02
N GLN G 42 -24.35 31.63 -7.46
CA GLN G 42 -23.65 32.62 -8.26
C GLN G 42 -22.74 31.91 -9.25
N VAL G 43 -22.95 32.16 -10.53
CA VAL G 43 -22.12 31.52 -11.55
C VAL G 43 -21.62 32.51 -12.60
N GLU G 44 -20.40 32.29 -13.04
CA GLU G 44 -19.77 33.12 -14.06
C GLU G 44 -19.41 32.19 -15.21
N VAL G 45 -19.96 32.45 -16.39
CA VAL G 45 -19.69 31.64 -17.56
C VAL G 45 -18.77 32.40 -18.54
N MET G 46 -17.66 31.77 -18.90
CA MET G 46 -16.67 32.34 -19.82
C MET G 46 -16.63 31.51 -21.10
N VAL G 47 -16.53 32.18 -22.24
CA VAL G 47 -16.49 31.45 -23.52
C VAL G 47 -15.39 31.91 -24.45
N LEU G 48 -14.85 30.96 -25.21
CA LEU G 48 -13.82 31.23 -26.21
C LEU G 48 -14.52 31.02 -27.54
N LEU G 49 -14.98 32.11 -28.13
CA LEU G 49 -15.70 32.04 -29.39
C LEU G 49 -14.80 32.20 -30.63
N GLU G 50 -14.84 31.20 -31.50
CA GLU G 50 -14.07 31.21 -32.74
C GLU G 50 -15.06 31.25 -33.90
N GLY G 51 -15.34 32.45 -34.38
CA GLY G 51 -16.29 32.61 -35.46
C GLY G 51 -17.68 32.50 -34.86
N ASP G 52 -18.36 31.39 -35.14
CA ASP G 52 -19.70 31.17 -34.62
C ASP G 52 -19.73 29.83 -33.88
N THR G 53 -18.57 29.45 -33.38
CA THR G 53 -18.41 28.19 -32.64
C THR G 53 -17.83 28.47 -31.25
N ILE G 54 -18.28 27.69 -30.28
CA ILE G 54 -17.79 27.82 -28.91
C ILE G 54 -16.57 26.91 -28.80
N ALA G 55 -15.39 27.48 -29.01
CA ALA G 55 -14.14 26.73 -28.98
C ALA G 55 -13.93 26.08 -27.63
N ASP G 56 -14.15 26.86 -26.57
CA ASP G 56 -13.99 26.36 -25.22
C ASP G 56 -14.97 27.11 -24.33
N ILE G 57 -15.16 26.62 -23.12
CA ILE G 57 -16.09 27.26 -22.19
C ILE G 57 -15.86 26.70 -20.79
N ARG G 58 -15.89 27.58 -19.78
CA ARG G 58 -15.71 27.18 -18.39
C ARG G 58 -16.54 28.06 -17.49
N PHE G 59 -16.68 27.65 -16.23
CA PHE G 59 -17.45 28.44 -15.28
C PHE G 59 -16.77 28.51 -13.92
N GLN G 60 -17.12 29.54 -13.16
CA GLN G 60 -16.61 29.73 -11.82
C GLN G 60 -17.80 30.15 -10.99
N GLY G 61 -17.62 30.19 -9.67
CA GLY G 61 -18.70 30.60 -8.79
C GLY G 61 -18.98 29.54 -7.75
N GLN G 62 -20.01 29.76 -6.95
CA GLN G 62 -20.39 28.82 -5.92
C GLN G 62 -21.89 28.77 -5.83
N GLY G 63 -22.44 27.57 -5.79
CA GLY G 63 -23.88 27.41 -5.69
C GLY G 63 -24.21 26.07 -5.10
N CYS G 64 -25.50 25.77 -5.01
CA CYS G 64 -25.97 24.51 -4.47
C CYS G 64 -25.56 23.39 -5.42
N ALA G 65 -25.83 22.15 -5.00
CA ALA G 65 -25.49 20.98 -5.80
C ALA G 65 -26.12 21.04 -7.20
N ILE G 66 -27.38 21.45 -7.28
CA ILE G 66 -28.07 21.55 -8.57
C ILE G 66 -27.37 22.56 -9.49
N SER G 67 -27.11 23.76 -8.97
CA SER G 67 -26.47 24.79 -9.79
C SER G 67 -25.11 24.36 -10.30
N THR G 68 -24.32 23.72 -9.45
CA THR G 68 -23.01 23.26 -9.84
C THR G 68 -23.07 22.16 -10.90
N ALA G 69 -23.93 21.17 -10.67
CA ALA G 69 -24.07 20.07 -11.62
C ALA G 69 -24.60 20.60 -12.96
N SER G 70 -25.53 21.56 -12.89
CA SER G 70 -26.09 22.11 -14.11
C SER G 70 -25.05 22.87 -14.94
N ALA G 71 -24.24 23.70 -14.27
CA ALA G 71 -23.21 24.44 -14.99
C ALA G 71 -22.25 23.44 -15.66
N SER G 72 -21.88 22.39 -14.94
CA SER G 72 -20.96 21.40 -15.51
C SER G 72 -21.58 20.75 -16.73
N LEU G 73 -22.82 20.29 -16.59
CA LEU G 73 -23.54 19.64 -17.68
C LEU G 73 -23.72 20.58 -18.88
N MET G 74 -24.02 21.84 -18.59
CA MET G 74 -24.20 22.87 -19.61
C MET G 74 -22.92 23.10 -20.42
N THR G 75 -21.80 23.29 -19.74
CA THR G 75 -20.53 23.53 -20.44
C THR G 75 -20.15 22.37 -21.36
N GLU G 76 -20.35 21.14 -20.89
CA GLU G 76 -19.99 20.01 -21.72
C GLU G 76 -20.97 19.80 -22.87
N ALA G 77 -22.22 20.16 -22.67
CA ALA G 77 -23.22 20.00 -23.71
C ALA G 77 -23.00 20.96 -24.88
N VAL G 78 -22.58 22.19 -24.59
CA VAL G 78 -22.38 23.18 -25.66
C VAL G 78 -20.94 23.37 -26.17
N LYS G 79 -19.94 22.85 -25.46
CA LYS G 79 -18.57 23.04 -25.93
C LYS G 79 -18.42 22.43 -27.33
N GLY G 80 -17.82 23.17 -28.25
CA GLY G 80 -17.63 22.69 -29.60
C GLY G 80 -18.83 22.87 -30.51
N LYS G 81 -19.95 23.31 -29.94
CA LYS G 81 -21.17 23.52 -30.72
C LYS G 81 -21.26 24.98 -31.17
N LYS G 82 -22.19 25.25 -32.08
CA LYS G 82 -22.40 26.60 -32.59
C LYS G 82 -23.32 27.38 -31.68
N VAL G 83 -23.16 28.70 -31.65
CA VAL G 83 -23.99 29.55 -30.81
C VAL G 83 -25.47 29.23 -30.98
N ALA G 84 -25.92 29.13 -32.22
CA ALA G 84 -27.33 28.82 -32.51
C ALA G 84 -27.71 27.45 -31.94
N GLU G 85 -26.78 26.50 -32.00
CA GLU G 85 -27.03 25.17 -31.48
C GLU G 85 -27.11 25.24 -29.96
N ALA G 86 -26.26 26.07 -29.37
CA ALA G 86 -26.23 26.22 -27.93
C ALA G 86 -27.54 26.85 -27.45
N LEU G 87 -28.07 27.78 -28.24
CA LEU G 87 -29.32 28.44 -27.88
C LEU G 87 -30.50 27.49 -28.05
N GLU G 88 -30.39 26.58 -29.00
CA GLU G 88 -31.44 25.59 -29.22
C GLU G 88 -31.45 24.63 -28.03
N LEU G 89 -30.27 24.26 -27.57
CA LEU G 89 -30.15 23.37 -26.42
C LEU G 89 -30.73 24.06 -25.19
N SER G 90 -30.36 25.33 -25.02
CA SER G 90 -30.84 26.11 -23.89
C SER G 90 -32.36 26.16 -23.90
N ARG G 91 -32.92 26.38 -25.08
CA ARG G 91 -34.38 26.45 -25.22
C ARG G 91 -34.98 25.13 -24.80
N LYS G 92 -34.48 24.03 -25.37
CA LYS G 92 -34.98 22.71 -25.04
C LYS G 92 -34.84 22.38 -23.57
N PHE G 93 -33.71 22.80 -22.99
CA PHE G 93 -33.46 22.55 -21.57
C PHE G 93 -34.51 23.28 -20.72
N GLN G 94 -34.64 24.59 -20.95
CA GLN G 94 -35.60 25.39 -20.21
C GLN G 94 -37.00 24.84 -20.37
N ALA G 95 -37.34 24.44 -21.59
CA ALA G 95 -38.65 23.86 -21.90
C ALA G 95 -38.93 22.63 -21.04
N MET G 96 -37.88 21.87 -20.72
CA MET G 96 -38.03 20.67 -19.91
C MET G 96 -38.24 20.99 -18.44
N VAL G 97 -37.38 21.85 -17.89
CA VAL G 97 -37.47 22.20 -16.48
C VAL G 97 -38.43 23.35 -16.14
N VAL G 98 -38.52 24.34 -17.03
CA VAL G 98 -39.39 25.48 -16.78
C VAL G 98 -40.83 25.21 -17.19
N GLU G 99 -41.02 24.71 -18.41
CA GLU G 99 -42.35 24.42 -18.93
C GLU G 99 -42.86 23.06 -18.50
N GLY G 100 -41.95 22.10 -18.35
CA GLY G 100 -42.34 20.77 -17.94
C GLY G 100 -42.69 19.91 -19.14
N ALA G 101 -42.26 20.35 -20.31
CA ALA G 101 -42.51 19.62 -21.55
C ALA G 101 -41.83 18.25 -21.50
N PRO G 102 -42.42 17.25 -22.19
CA PRO G 102 -41.82 15.91 -22.20
C PRO G 102 -40.35 16.02 -22.61
N PRO G 103 -39.45 15.49 -21.76
CA PRO G 103 -38.00 15.52 -22.00
C PRO G 103 -37.59 15.16 -23.43
N ASP G 104 -37.20 16.17 -24.20
CA ASP G 104 -36.75 15.97 -25.57
C ASP G 104 -35.52 15.06 -25.53
N PRO G 105 -35.62 13.84 -26.10
CA PRO G 105 -34.51 12.88 -26.11
C PRO G 105 -33.18 13.42 -26.64
N THR G 106 -33.22 14.52 -27.38
CA THR G 106 -32.01 15.09 -27.93
C THR G 106 -31.21 15.91 -26.91
N LEU G 107 -31.71 15.95 -25.68
CA LEU G 107 -31.02 16.69 -24.63
C LEU G 107 -29.82 15.88 -24.13
N GLY G 108 -29.84 14.58 -24.45
CA GLY G 108 -28.76 13.69 -24.05
C GLY G 108 -28.47 13.68 -22.56
N ASP G 109 -27.21 13.89 -22.20
CA ASP G 109 -26.83 13.88 -20.79
C ASP G 109 -27.59 14.92 -19.96
N LEU G 110 -28.05 16.00 -20.59
CA LEU G 110 -28.79 17.02 -19.84
C LEU G 110 -30.05 16.43 -19.21
N LEU G 111 -30.46 15.25 -19.67
CA LEU G 111 -31.63 14.57 -19.12
C LEU G 111 -31.38 14.19 -17.67
N ALA G 112 -30.14 14.31 -17.23
CA ALA G 112 -29.78 13.99 -15.85
C ALA G 112 -30.52 14.92 -14.89
N LEU G 113 -30.93 16.08 -15.38
CA LEU G 113 -31.65 17.06 -14.56
C LEU G 113 -33.17 17.10 -14.75
N GLN G 114 -33.70 16.23 -15.60
CA GLN G 114 -35.14 16.23 -15.87
C GLN G 114 -35.98 16.17 -14.60
N GLY G 115 -35.44 15.53 -13.57
CA GLY G 115 -36.15 15.44 -12.31
C GLY G 115 -36.48 16.80 -11.73
N VAL G 116 -35.61 17.77 -11.99
CA VAL G 116 -35.80 19.13 -11.48
C VAL G 116 -37.12 19.75 -11.95
N ALA G 117 -37.67 19.23 -13.04
CA ALA G 117 -38.93 19.74 -13.56
C ALA G 117 -40.03 19.54 -12.52
N LYS G 118 -39.81 18.61 -11.60
CA LYS G 118 -40.79 18.30 -10.56
C LYS G 118 -40.56 19.11 -9.28
N LEU G 119 -39.69 20.11 -9.35
CA LEU G 119 -39.41 20.95 -8.20
C LEU G 119 -39.30 22.40 -8.66
N PRO G 120 -40.46 23.03 -8.94
CA PRO G 120 -40.51 24.42 -9.41
C PRO G 120 -39.64 25.36 -8.59
N ALA G 121 -39.56 25.09 -7.29
CA ALA G 121 -38.78 25.91 -6.38
C ALA G 121 -37.29 25.91 -6.69
N ARG G 122 -36.80 24.82 -7.25
CA ARG G 122 -35.38 24.72 -7.55
C ARG G 122 -35.02 24.80 -9.03
N VAL G 123 -36.03 24.99 -9.88
CA VAL G 123 -35.81 25.08 -11.32
C VAL G 123 -34.82 26.17 -11.70
N LYS G 124 -34.86 27.32 -11.02
CA LYS G 124 -33.95 28.41 -11.35
C LYS G 124 -32.50 28.10 -10.97
N CYS G 125 -32.31 27.12 -10.11
CA CYS G 125 -30.96 26.72 -9.71
C CYS G 125 -30.32 26.01 -10.90
N ALA G 126 -31.15 25.34 -11.70
CA ALA G 126 -30.67 24.61 -12.87
C ALA G 126 -30.54 25.49 -14.10
N THR G 127 -31.44 26.47 -14.23
CA THR G 127 -31.43 27.38 -15.37
C THR G 127 -30.42 28.53 -15.26
N LEU G 128 -29.91 28.77 -14.07
CA LEU G 128 -28.96 29.87 -13.86
C LEU G 128 -27.78 29.90 -14.83
N ALA G 129 -27.06 28.77 -14.93
CA ALA G 129 -25.91 28.69 -15.82
C ALA G 129 -26.31 28.94 -17.27
N TRP G 130 -27.51 28.52 -17.63
CA TRP G 130 -27.97 28.72 -19.00
C TRP G 130 -28.26 30.19 -19.27
N HIS G 131 -28.87 30.88 -18.31
CA HIS G 131 -29.14 32.30 -18.51
C HIS G 131 -27.82 33.05 -18.63
N ALA G 132 -26.83 32.63 -17.85
CA ALA G 132 -25.53 33.27 -17.90
C ALA G 132 -24.89 33.02 -19.26
N LEU G 133 -25.06 31.82 -19.79
CA LEU G 133 -24.50 31.46 -21.09
C LEU G 133 -25.11 32.32 -22.21
N GLU G 134 -26.43 32.43 -22.22
CA GLU G 134 -27.10 33.21 -23.24
C GLU G 134 -26.65 34.66 -23.25
N GLU G 135 -26.42 35.22 -22.07
CA GLU G 135 -25.97 36.60 -21.97
C GLU G 135 -24.54 36.73 -22.47
N ALA G 136 -23.73 35.71 -22.22
CA ALA G 136 -22.35 35.72 -22.67
C ALA G 136 -22.26 35.59 -24.18
N LEU G 137 -23.19 34.84 -24.77
CA LEU G 137 -23.20 34.63 -26.22
C LEU G 137 -23.85 35.80 -26.95
N ARG G 138 -24.57 36.63 -26.21
CA ARG G 138 -25.26 37.79 -26.76
C ARG G 138 -24.37 38.53 -27.76
N MET H 1 28.41 -2.52 -11.22
CA MET H 1 28.24 -1.23 -10.49
C MET H 1 28.10 -1.51 -8.99
N SER H 2 28.58 -0.59 -8.16
CA SER H 2 28.55 -0.75 -6.70
C SER H 2 27.15 -0.90 -6.11
N VAL H 3 26.27 0.07 -6.33
CA VAL H 3 24.91 -0.02 -5.81
C VAL H 3 24.28 -1.30 -6.36
N LEU H 4 24.54 -1.58 -7.63
CA LEU H 4 24.02 -2.77 -8.27
C LEU H 4 24.68 -4.04 -7.77
N ASP H 5 25.98 -3.99 -7.48
CA ASP H 5 26.67 -5.16 -6.96
C ASP H 5 26.05 -5.57 -5.63
N GLU H 6 25.63 -4.57 -4.87
CA GLU H 6 25.04 -4.85 -3.56
C GLU H 6 23.62 -5.38 -3.72
N LEU H 7 22.91 -4.90 -4.74
CA LEU H 7 21.56 -5.40 -5.00
C LEU H 7 21.71 -6.89 -5.30
N TYR H 8 22.68 -7.23 -6.14
CA TYR H 8 22.95 -8.62 -6.51
C TYR H 8 23.26 -9.47 -5.28
N ARG H 9 24.10 -8.93 -4.39
CA ARG H 9 24.46 -9.65 -3.19
C ARG H 9 23.20 -9.93 -2.38
N GLU H 10 22.31 -8.94 -2.31
CA GLU H 10 21.06 -9.11 -1.58
C GLU H 10 20.25 -10.20 -2.24
N ILE H 11 20.29 -10.25 -3.57
CA ILE H 11 19.56 -11.28 -4.31
C ILE H 11 20.11 -12.64 -3.93
N LEU H 12 21.42 -12.79 -3.94
CA LEU H 12 22.04 -14.06 -3.58
C LEU H 12 21.62 -14.48 -2.17
N LEU H 13 21.74 -13.55 -1.23
CA LEU H 13 21.38 -13.81 0.16
C LEU H 13 19.92 -14.26 0.29
N ASP H 14 19.04 -13.62 -0.48
CA ASP H 14 17.62 -13.95 -0.44
C ASP H 14 17.40 -15.39 -0.89
N HIS H 15 17.98 -15.74 -2.02
CA HIS H 15 17.83 -17.10 -2.54
C HIS H 15 18.49 -18.11 -1.61
N TYR H 16 19.55 -17.68 -0.93
CA TYR H 16 20.24 -18.54 0.02
C TYR H 16 19.32 -18.86 1.19
N GLN H 17 18.74 -17.81 1.76
CA GLN H 17 17.83 -17.95 2.91
C GLN H 17 16.52 -18.62 2.59
N SER H 18 15.93 -18.25 1.45
CA SER H 18 14.64 -18.80 1.05
C SER H 18 14.68 -19.27 -0.40
N PRO H 19 15.38 -20.38 -0.65
CA PRO H 19 15.45 -20.90 -2.03
C PRO H 19 14.07 -21.17 -2.61
N ARG H 20 13.91 -20.90 -3.90
CA ARG H 20 12.67 -21.12 -4.61
C ARG H 20 12.66 -22.54 -5.14
N ASN H 21 11.47 -23.08 -5.35
CA ASN H 21 11.32 -24.41 -5.90
C ASN H 21 12.15 -25.47 -5.17
N PHE H 22 12.24 -25.33 -3.86
CA PHE H 22 13.02 -26.26 -3.05
C PHE H 22 12.14 -27.37 -2.47
N GLY H 23 12.44 -28.61 -2.82
CA GLY H 23 11.66 -29.73 -2.31
C GLY H 23 11.38 -30.76 -3.39
N VAL H 24 10.84 -31.90 -2.97
CA VAL H 24 10.51 -32.99 -3.90
C VAL H 24 9.42 -32.57 -4.88
N LEU H 25 9.48 -33.13 -6.08
CA LEU H 25 8.51 -32.82 -7.11
C LEU H 25 7.70 -34.07 -7.47
N PRO H 26 6.40 -34.07 -7.16
CA PRO H 26 5.57 -35.22 -7.48
C PRO H 26 5.44 -35.38 -9.00
N GLN H 27 5.37 -36.61 -9.48
CA GLN H 27 5.25 -36.87 -10.91
C GLN H 27 6.43 -36.33 -11.72
N ALA H 28 7.62 -36.34 -11.13
CA ALA H 28 8.80 -35.84 -11.83
C ALA H 28 9.11 -36.71 -13.05
N THR H 29 9.20 -36.08 -14.22
CA THR H 29 9.50 -36.79 -15.46
C THR H 29 10.87 -37.47 -15.35
N LYS H 30 11.83 -36.76 -14.80
CA LYS H 30 13.17 -37.29 -14.62
C LYS H 30 13.93 -36.44 -13.60
N GLN H 31 15.03 -36.97 -13.08
CA GLN H 31 15.82 -36.24 -12.11
C GLN H 31 17.26 -36.74 -12.13
N ALA H 32 18.20 -35.87 -11.76
CA ALA H 32 19.61 -36.21 -11.72
C ALA H 32 20.25 -35.60 -10.48
N GLY H 33 21.29 -36.25 -9.98
CA GLY H 33 21.99 -35.76 -8.81
C GLY H 33 23.40 -35.30 -9.11
N GLY H 34 23.98 -34.54 -8.19
CA GLY H 34 25.33 -34.05 -8.39
C GLY H 34 26.05 -33.83 -7.06
N MET H 35 27.37 -34.00 -7.08
CA MET H 35 28.18 -33.84 -5.88
C MET H 35 29.45 -33.04 -6.14
N ASN H 36 29.77 -32.14 -5.21
CA ASN H 36 30.98 -31.32 -5.30
C ASN H 36 31.68 -31.46 -3.96
N PRO H 37 32.29 -32.64 -3.71
CA PRO H 37 33.02 -32.97 -2.48
C PRO H 37 34.10 -31.97 -2.11
N SER H 38 34.62 -31.26 -3.10
CA SER H 38 35.66 -30.26 -2.84
C SER H 38 35.16 -29.22 -1.85
N CYS H 39 33.85 -29.06 -1.78
CA CYS H 39 33.23 -28.10 -0.88
C CYS H 39 32.29 -28.81 0.08
N GLY H 40 31.66 -29.87 -0.41
CA GLY H 40 30.73 -30.63 0.41
C GLY H 40 29.30 -30.36 0.00
N ASP H 41 29.10 -29.96 -1.26
CA ASP H 41 27.76 -29.66 -1.76
C ASP H 41 27.12 -30.86 -2.44
N GLN H 42 25.81 -30.97 -2.29
CA GLN H 42 25.04 -32.04 -2.89
C GLN H 42 23.72 -31.46 -3.40
N VAL H 43 23.28 -31.89 -4.57
CA VAL H 43 22.02 -31.39 -5.12
C VAL H 43 21.31 -32.42 -5.98
N GLU H 44 19.99 -32.32 -6.03
CA GLU H 44 19.15 -33.19 -6.81
C GLU H 44 18.16 -32.32 -7.57
N VAL H 45 18.14 -32.43 -8.88
CA VAL H 45 17.21 -31.65 -9.68
C VAL H 45 16.14 -32.57 -10.25
N MET H 46 14.88 -32.17 -10.14
CA MET H 46 13.77 -32.94 -10.66
C MET H 46 12.98 -32.05 -11.60
N VAL H 47 12.60 -32.58 -12.75
CA VAL H 47 11.85 -31.81 -13.73
C VAL H 47 10.59 -32.53 -14.18
N LEU H 48 9.57 -31.75 -14.54
CA LEU H 48 8.31 -32.31 -15.04
C LEU H 48 8.26 -31.77 -16.46
N LEU H 49 8.38 -32.67 -17.43
CA LEU H 49 8.39 -32.28 -18.84
C LEU H 49 7.09 -32.51 -19.57
N GLU H 50 6.76 -31.57 -20.45
CA GLU H 50 5.55 -31.66 -21.26
C GLU H 50 5.92 -31.15 -22.65
N GLY H 51 6.19 -32.10 -23.54
CA GLY H 51 6.58 -31.74 -24.88
C GLY H 51 8.06 -31.38 -24.82
N ASP H 52 8.39 -30.19 -25.31
CA ASP H 52 9.77 -29.72 -25.31
C ASP H 52 9.92 -28.61 -24.28
N THR H 53 8.96 -28.55 -23.36
CA THR H 53 8.97 -27.50 -22.34
C THR H 53 9.06 -28.04 -20.91
N ILE H 54 9.77 -27.31 -20.07
CA ILE H 54 9.92 -27.67 -18.66
C ILE H 54 8.72 -27.07 -17.95
N ALA H 55 7.71 -27.90 -17.68
CA ALA H 55 6.50 -27.44 -17.02
C ALA H 55 6.75 -27.03 -15.57
N ASP H 56 7.55 -27.83 -14.87
CA ASP H 56 7.84 -27.54 -13.47
C ASP H 56 9.24 -28.08 -13.16
N ILE H 57 9.80 -27.62 -12.05
CA ILE H 57 11.14 -28.05 -11.65
C ILE H 57 11.39 -27.71 -10.19
N ARG H 58 12.16 -28.55 -9.52
CA ARG H 58 12.50 -28.33 -8.13
C ARG H 58 13.86 -28.95 -7.85
N PHE H 59 14.46 -28.59 -6.72
CA PHE H 59 15.75 -29.14 -6.36
C PHE H 59 15.78 -29.43 -4.87
N GLN H 60 16.70 -30.31 -4.48
CA GLN H 60 16.88 -30.67 -3.08
C GLN H 60 18.36 -30.82 -2.86
N GLY H 61 18.76 -30.93 -1.60
CA GLY H 61 20.16 -31.10 -1.28
C GLY H 61 20.59 -30.15 -0.19
N GLN H 62 21.90 -29.99 -0.05
CA GLN H 62 22.47 -29.11 0.96
C GLN H 62 23.88 -28.74 0.55
N GLY H 63 24.32 -27.56 0.96
CA GLY H 63 25.66 -27.12 0.60
C GLY H 63 25.89 -25.66 0.95
N CYS H 64 26.92 -25.09 0.35
CA CYS H 64 27.24 -23.69 0.60
C CYS H 64 26.15 -22.76 0.08
N ALA H 65 26.22 -21.50 0.49
CA ALA H 65 25.25 -20.51 0.07
C ALA H 65 25.26 -20.34 -1.45
N ILE H 66 26.44 -20.40 -2.04
CA ILE H 66 26.57 -20.24 -3.49
C ILE H 66 25.82 -21.32 -4.26
N SER H 67 26.01 -22.59 -3.89
CA SER H 67 25.33 -23.67 -4.58
C SER H 67 23.82 -23.65 -4.38
N THR H 68 23.36 -23.29 -3.18
CA THR H 68 21.93 -23.23 -2.92
C THR H 68 21.30 -22.08 -3.70
N ALA H 69 21.97 -20.92 -3.70
CA ALA H 69 21.48 -19.74 -4.41
C ALA H 69 21.52 -19.99 -5.91
N SER H 70 22.53 -20.71 -6.36
CA SER H 70 22.66 -21.03 -7.78
C SER H 70 21.50 -21.94 -8.16
N ALA H 71 21.21 -22.91 -7.29
CA ALA H 71 20.11 -23.85 -7.54
C ALA H 71 18.78 -23.13 -7.61
N SER H 72 18.52 -22.28 -6.63
CA SER H 72 17.27 -21.52 -6.59
C SER H 72 17.11 -20.63 -7.82
N LEU H 73 18.15 -19.85 -8.11
CA LEU H 73 18.15 -18.95 -9.26
C LEU H 73 18.00 -19.70 -10.59
N MET H 74 18.60 -20.88 -10.65
CA MET H 74 18.52 -21.70 -11.85
C MET H 74 17.10 -22.20 -12.09
N THR H 75 16.43 -22.63 -11.03
CA THR H 75 15.06 -23.14 -11.16
C THR H 75 14.16 -22.02 -11.68
N GLU H 76 14.35 -20.82 -11.15
CA GLU H 76 13.52 -19.70 -11.58
C GLU H 76 13.81 -19.30 -13.01
N ALA H 77 15.06 -19.48 -13.44
CA ALA H 77 15.45 -19.11 -14.79
C ALA H 77 14.99 -20.07 -15.89
N VAL H 78 14.79 -21.34 -15.56
CA VAL H 78 14.38 -22.29 -16.58
C VAL H 78 12.94 -22.79 -16.55
N LYS H 79 12.24 -22.62 -15.42
CA LYS H 79 10.85 -23.08 -15.33
C LYS H 79 10.00 -22.45 -16.43
N GLY H 80 9.27 -23.28 -17.16
CA GLY H 80 8.42 -22.78 -18.23
C GLY H 80 9.15 -22.48 -19.52
N LYS H 81 10.41 -22.89 -19.60
CA LYS H 81 11.21 -22.67 -20.80
C LYS H 81 11.32 -23.95 -21.61
N LYS H 82 11.83 -23.82 -22.83
CA LYS H 82 12.03 -24.97 -23.73
C LYS H 82 13.32 -25.66 -23.30
N VAL H 83 13.32 -26.99 -23.29
CA VAL H 83 14.50 -27.74 -22.89
C VAL H 83 15.76 -27.18 -23.56
N ALA H 84 15.68 -26.94 -24.86
CA ALA H 84 16.82 -26.40 -25.60
C ALA H 84 17.20 -25.03 -25.04
N GLU H 85 16.21 -24.21 -24.73
CA GLU H 85 16.46 -22.88 -24.17
C GLU H 85 17.19 -22.99 -22.84
N ALA H 86 16.66 -23.84 -21.95
CA ALA H 86 17.27 -24.03 -20.64
C ALA H 86 18.73 -24.40 -20.82
N LEU H 87 19.00 -25.32 -21.74
CA LEU H 87 20.36 -25.76 -21.99
C LEU H 87 21.20 -24.60 -22.53
N GLU H 88 20.57 -23.71 -23.28
CA GLU H 88 21.26 -22.56 -23.83
C GLU H 88 21.66 -21.63 -22.69
N LEU H 89 20.74 -21.43 -21.75
CA LEU H 89 21.01 -20.59 -20.59
C LEU H 89 22.14 -21.19 -19.77
N SER H 90 22.15 -22.52 -19.70
CA SER H 90 23.19 -23.23 -18.94
C SER H 90 24.54 -23.01 -19.62
N ARG H 91 24.52 -22.96 -20.95
CA ARG H 91 25.71 -22.75 -21.75
C ARG H 91 26.28 -21.37 -21.41
N LYS H 92 25.43 -20.36 -21.53
CA LYS H 92 25.82 -18.99 -21.23
C LYS H 92 26.25 -18.83 -19.78
N PHE H 93 25.54 -19.48 -18.87
CA PHE H 93 25.86 -19.36 -17.45
C PHE H 93 27.25 -19.92 -17.15
N GLN H 94 27.53 -21.11 -17.65
CA GLN H 94 28.83 -21.73 -17.42
C GLN H 94 29.92 -20.95 -18.14
N ALA H 95 29.57 -20.35 -19.27
CA ALA H 95 30.54 -19.57 -20.03
C ALA H 95 30.95 -18.35 -19.21
N MET H 96 30.02 -17.82 -18.43
CA MET H 96 30.29 -16.66 -17.58
C MET H 96 31.11 -17.03 -16.36
N VAL H 97 30.71 -18.11 -15.69
CA VAL H 97 31.38 -18.58 -14.48
C VAL H 97 32.65 -19.38 -14.72
N VAL H 98 32.69 -20.16 -15.80
CA VAL H 98 33.85 -20.98 -16.11
C VAL H 98 34.84 -20.31 -17.08
N GLU H 99 34.32 -19.63 -18.10
CA GLU H 99 35.18 -18.97 -19.08
C GLU H 99 35.31 -17.47 -18.81
N GLY H 100 34.62 -16.98 -17.79
CA GLY H 100 34.68 -15.57 -17.44
C GLY H 100 34.25 -14.67 -18.60
N ALA H 101 33.71 -15.28 -19.65
CA ALA H 101 33.25 -14.55 -20.82
C ALA H 101 32.25 -13.46 -20.44
N PRO H 102 32.13 -12.41 -21.27
CA PRO H 102 31.19 -11.32 -21.00
C PRO H 102 29.77 -11.87 -20.97
N PRO H 103 29.08 -11.77 -19.83
CA PRO H 103 27.71 -12.27 -19.70
C PRO H 103 26.66 -11.31 -20.24
N ASP H 104 25.81 -11.80 -21.12
CA ASP H 104 24.76 -10.96 -21.69
C ASP H 104 23.68 -10.76 -20.63
N PRO H 105 22.79 -9.76 -20.80
CA PRO H 105 21.73 -9.51 -19.83
C PRO H 105 20.68 -10.61 -19.79
N THR H 106 20.70 -11.51 -20.78
CA THR H 106 19.72 -12.58 -20.85
C THR H 106 19.91 -13.59 -19.71
N LEU H 107 20.87 -13.30 -18.83
CA LEU H 107 21.12 -14.15 -17.68
C LEU H 107 20.35 -13.58 -16.51
N GLY H 108 19.96 -12.32 -16.65
CA GLY H 108 19.19 -11.63 -15.62
C GLY H 108 19.77 -11.71 -14.22
N ASP H 109 18.94 -12.16 -13.28
CA ASP H 109 19.38 -12.26 -11.90
C ASP H 109 20.57 -13.20 -11.72
N LEU H 110 20.77 -14.10 -12.67
CA LEU H 110 21.90 -15.02 -12.59
C LEU H 110 23.22 -14.25 -12.62
N LEU H 111 23.19 -13.02 -13.13
CA LEU H 111 24.39 -12.22 -13.19
C LEU H 111 24.98 -12.00 -11.79
N ALA H 112 24.16 -12.21 -10.77
CA ALA H 112 24.61 -12.05 -9.39
C ALA H 112 25.83 -12.92 -9.09
N LEU H 113 25.92 -14.05 -9.77
CA LEU H 113 27.04 -14.98 -9.57
C LEU H 113 28.18 -14.79 -10.56
N GLN H 114 28.20 -13.64 -11.24
CA GLN H 114 29.25 -13.37 -12.21
C GLN H 114 30.67 -13.38 -11.63
N GLY H 115 30.80 -12.95 -10.38
CA GLY H 115 32.09 -12.89 -9.74
C GLY H 115 32.75 -14.24 -9.47
N VAL H 116 31.99 -15.32 -9.62
CA VAL H 116 32.50 -16.67 -9.40
C VAL H 116 33.58 -17.03 -10.42
N ALA H 117 33.58 -16.33 -11.54
CA ALA H 117 34.57 -16.57 -12.58
C ALA H 117 35.97 -16.29 -12.03
N LYS H 118 36.05 -15.37 -11.07
CA LYS H 118 37.33 -15.01 -10.46
C LYS H 118 37.64 -15.84 -9.21
N LEU H 119 36.82 -16.85 -8.97
CA LEU H 119 36.99 -17.73 -7.81
C LEU H 119 36.99 -19.20 -8.26
N PRO H 120 38.13 -19.68 -8.77
CA PRO H 120 38.28 -21.06 -9.24
C PRO H 120 37.76 -22.14 -8.29
N ALA H 121 38.00 -21.96 -6.99
CA ALA H 121 37.57 -22.94 -6.00
C ALA H 121 36.07 -22.88 -5.69
N ARG H 122 35.34 -22.05 -6.41
CA ARG H 122 33.90 -21.96 -6.18
C ARG H 122 33.09 -22.20 -7.45
N VAL H 123 33.76 -22.31 -8.58
CA VAL H 123 33.09 -22.53 -9.85
C VAL H 123 32.16 -23.75 -9.82
N LYS H 124 32.62 -24.84 -9.20
CA LYS H 124 31.81 -26.06 -9.11
C LYS H 124 30.63 -25.90 -8.16
N CYS H 125 30.72 -24.95 -7.24
CA CYS H 125 29.61 -24.72 -6.31
C CYS H 125 28.46 -24.12 -7.11
N ALA H 126 28.80 -23.24 -8.05
CA ALA H 126 27.81 -22.57 -8.87
C ALA H 126 27.29 -23.42 -10.02
N THR H 127 28.17 -24.15 -10.68
CA THR H 127 27.79 -24.98 -11.82
C THR H 127 27.13 -26.33 -11.49
N LEU H 128 27.23 -26.75 -10.24
CA LEU H 128 26.67 -28.03 -9.83
C LEU H 128 25.21 -28.27 -10.16
N ALA H 129 24.36 -27.31 -9.82
CA ALA H 129 22.93 -27.44 -10.06
C ALA H 129 22.62 -27.51 -11.56
N TRP H 130 23.44 -26.83 -12.35
CA TRP H 130 23.24 -26.82 -13.80
C TRP H 130 23.67 -28.12 -14.47
N HIS H 131 24.76 -28.72 -14.01
CA HIS H 131 25.21 -29.98 -14.58
C HIS H 131 24.10 -30.99 -14.29
N ALA H 132 23.55 -30.91 -13.08
CA ALA H 132 22.47 -31.79 -12.65
C ALA H 132 21.24 -31.60 -13.54
N LEU H 133 20.90 -30.34 -13.80
CA LEU H 133 19.75 -30.03 -14.66
C LEU H 133 19.96 -30.68 -16.02
N GLU H 134 21.12 -30.40 -16.61
CA GLU H 134 21.46 -30.94 -17.91
C GLU H 134 21.35 -32.46 -17.94
N GLU H 135 21.84 -33.11 -16.89
CA GLU H 135 21.79 -34.57 -16.82
C GLU H 135 20.35 -35.05 -16.62
N ALA H 136 19.55 -34.22 -15.94
CA ALA H 136 18.15 -34.56 -15.71
C ALA H 136 17.34 -34.39 -16.98
N LEU H 137 17.82 -33.54 -17.89
CA LEU H 137 17.11 -33.30 -19.14
C LEU H 137 17.60 -34.17 -20.28
N ARG H 138 18.83 -34.67 -20.18
CA ARG H 138 19.39 -35.52 -21.22
C ARG H 138 18.62 -36.84 -21.33
N ASP I 5 28.74 5.51 14.22
CA ASP I 5 28.65 4.02 14.34
C ASP I 5 28.27 3.36 13.03
N GLU I 6 28.08 4.17 12.00
CA GLU I 6 27.71 3.66 10.69
C GLU I 6 26.46 2.80 10.81
N LEU I 7 25.71 2.98 11.89
CA LEU I 7 24.48 2.23 12.07
C LEU I 7 23.47 3.31 11.71
N TYR I 8 24.00 4.50 11.41
CA TYR I 8 23.19 5.63 11.01
C TYR I 8 22.60 5.33 9.65
N ARG I 9 23.18 4.34 8.97
CA ARG I 9 22.68 3.92 7.67
C ARG I 9 21.34 3.25 7.91
N GLU I 10 21.23 2.58 9.06
CA GLU I 10 19.99 1.89 9.41
C GLU I 10 18.94 2.91 9.83
N ILE I 11 19.39 3.98 10.49
CA ILE I 11 18.46 5.03 10.92
C ILE I 11 17.81 5.63 9.69
N LEU I 12 18.61 5.90 8.66
CA LEU I 12 18.08 6.47 7.43
C LEU I 12 17.10 5.51 6.77
N LEU I 13 17.48 4.24 6.69
CA LEU I 13 16.63 3.24 6.07
C LEU I 13 15.33 3.04 6.86
N ASP I 14 15.46 3.00 8.18
CA ASP I 14 14.33 2.81 9.07
C ASP I 14 13.28 3.90 8.91
N HIS I 15 13.72 5.15 8.94
CA HIS I 15 12.82 6.29 8.81
C HIS I 15 12.24 6.48 7.41
N TYR I 16 12.99 6.08 6.41
CA TYR I 16 12.53 6.19 5.02
C TYR I 16 11.39 5.21 4.77
N GLN I 17 11.53 3.98 5.25
CA GLN I 17 10.51 2.98 5.05
C GLN I 17 9.39 2.97 6.09
N SER I 18 9.70 3.42 7.31
CA SER I 18 8.69 3.45 8.37
C SER I 18 8.65 4.84 8.99
N PRO I 19 8.23 5.86 8.22
CA PRO I 19 8.18 7.22 8.77
C PRO I 19 7.33 7.38 10.03
N ARG I 20 7.90 8.09 10.99
CA ARG I 20 7.22 8.35 12.26
C ARG I 20 6.34 9.58 12.16
N ASN I 21 5.33 9.63 13.02
CA ASN I 21 4.41 10.76 13.10
C ASN I 21 3.91 11.22 11.73
N PHE I 22 3.61 10.24 10.89
CA PHE I 22 3.11 10.52 9.56
C PHE I 22 1.59 10.51 9.62
N GLY I 23 0.97 11.61 9.21
CA GLY I 23 -0.48 11.69 9.24
C GLY I 23 -0.99 13.07 9.58
N VAL I 24 -2.24 13.14 10.04
CA VAL I 24 -2.86 14.41 10.39
C VAL I 24 -3.11 14.54 11.89
N LEU I 25 -3.03 15.78 12.37
CA LEU I 25 -3.29 16.07 13.78
C LEU I 25 -4.74 16.52 13.88
N PRO I 26 -5.57 15.80 14.63
CA PRO I 26 -6.98 16.14 14.80
C PRO I 26 -7.10 17.60 15.19
N GLN I 27 -6.49 17.93 16.33
CA GLN I 27 -6.49 19.27 16.86
C GLN I 27 -5.04 19.77 16.86
N ALA I 28 -4.76 20.77 16.04
CA ALA I 28 -3.43 21.31 15.94
C ALA I 28 -3.39 22.80 16.28
N THR I 29 -2.26 23.24 16.83
CA THR I 29 -2.10 24.63 17.18
C THR I 29 -1.48 25.39 16.01
N LYS I 30 -0.49 24.78 15.37
CA LYS I 30 0.20 25.40 14.23
C LYS I 30 0.27 24.45 13.03
N GLN I 31 0.45 25.02 11.85
CA GLN I 31 0.52 24.20 10.64
C GLN I 31 1.15 25.00 9.51
N ALA I 32 2.08 24.38 8.78
CA ALA I 32 2.75 25.04 7.66
C ALA I 32 3.28 24.01 6.68
N GLY I 33 3.07 24.29 5.40
CA GLY I 33 3.53 23.38 4.37
C GLY I 33 4.78 23.87 3.67
N GLY I 34 5.33 23.00 2.83
CA GLY I 34 6.51 23.33 2.07
C GLY I 34 6.50 22.48 0.82
N MET I 35 7.17 22.92 -0.22
CA MET I 35 7.17 22.15 -1.44
C MET I 35 8.43 22.37 -2.25
N ASN I 36 8.83 21.34 -2.97
CA ASN I 36 10.01 21.39 -3.82
C ASN I 36 9.60 20.91 -5.21
N PRO I 37 9.16 21.84 -6.06
CA PRO I 37 8.73 21.54 -7.43
C PRO I 37 9.72 20.69 -8.22
N SER I 38 11.01 21.03 -8.10
CA SER I 38 12.04 20.29 -8.82
C SER I 38 11.98 18.79 -8.56
N CYS I 39 12.34 18.37 -7.35
CA CYS I 39 12.32 16.96 -7.01
C CYS I 39 10.89 16.43 -6.93
N GLY I 40 9.99 17.25 -6.43
CA GLY I 40 8.61 16.83 -6.32
C GLY I 40 8.23 16.56 -4.87
N ASP I 41 9.10 17.02 -3.96
CA ASP I 41 8.86 16.83 -2.53
C ASP I 41 7.84 17.82 -1.99
N GLN I 42 6.94 17.34 -1.15
CA GLN I 42 5.95 18.20 -0.51
C GLN I 42 5.74 17.69 0.89
N VAL I 43 5.70 18.60 1.84
CA VAL I 43 5.52 18.22 3.22
C VAL I 43 4.78 19.31 3.96
N GLU I 44 3.83 18.90 4.79
CA GLU I 44 3.10 19.84 5.61
C GLU I 44 3.29 19.35 7.04
N VAL I 45 3.67 20.28 7.91
CA VAL I 45 3.90 19.94 9.30
C VAL I 45 2.79 20.51 10.16
N MET I 46 2.26 19.68 11.04
CA MET I 46 1.20 20.08 11.96
C MET I 46 1.78 19.95 13.36
N VAL I 47 1.51 20.93 14.21
CA VAL I 47 2.03 20.92 15.56
C VAL I 47 0.98 21.32 16.59
N LEU I 48 1.04 20.66 17.74
CA LEU I 48 0.13 20.96 18.85
C LEU I 48 1.00 21.51 19.97
N LEU I 49 0.76 22.76 20.33
CA LEU I 49 1.53 23.37 21.40
C LEU I 49 0.77 23.43 22.71
N GLU I 50 1.51 23.22 23.79
CA GLU I 50 0.96 23.29 25.14
C GLU I 50 2.03 24.10 25.87
N GLY I 51 1.72 25.37 26.11
CA GLY I 51 2.68 26.25 26.75
C GLY I 51 3.74 26.55 25.71
N ASP I 52 4.98 26.23 26.02
CA ASP I 52 6.09 26.45 25.08
C ASP I 52 6.63 25.09 24.64
N THR I 53 5.80 24.06 24.75
CA THR I 53 6.22 22.71 24.38
C THR I 53 5.45 22.12 23.21
N ILE I 54 6.18 21.44 22.34
CA ILE I 54 5.59 20.78 21.18
C ILE I 54 5.00 19.48 21.72
N ALA I 55 3.74 19.55 22.12
CA ALA I 55 3.04 18.39 22.67
C ALA I 55 3.06 17.24 21.68
N ASP I 56 2.56 17.50 20.47
CA ASP I 56 2.52 16.49 19.43
C ASP I 56 2.86 17.14 18.09
N ILE I 57 3.34 16.34 17.16
CA ILE I 57 3.67 16.85 15.84
C ILE I 57 3.57 15.74 14.83
N ARG I 58 3.10 16.08 13.63
CA ARG I 58 2.96 15.11 12.56
C ARG I 58 3.20 15.77 11.22
N PHE I 59 3.55 14.98 10.22
CA PHE I 59 3.77 15.52 8.89
C PHE I 59 3.04 14.69 7.85
N GLN I 60 2.87 15.28 6.68
CA GLN I 60 2.22 14.61 5.57
C GLN I 60 2.95 15.05 4.31
N GLY I 61 2.71 14.34 3.22
CA GLY I 61 3.36 14.69 1.99
C GLY I 61 4.05 13.50 1.35
N GLN I 62 4.56 13.73 0.15
CA GLN I 62 5.25 12.70 -0.60
C GLN I 62 6.50 13.29 -1.21
N GLY I 63 7.49 12.44 -1.46
CA GLY I 63 8.73 12.91 -2.04
C GLY I 63 9.78 11.82 -2.04
N CYS I 64 11.02 12.20 -2.24
CA CYS I 64 12.11 11.23 -2.27
C CYS I 64 12.36 10.64 -0.89
N ALA I 65 13.14 9.57 -0.85
CA ALA I 65 13.46 8.90 0.40
C ALA I 65 14.11 9.87 1.38
N ILE I 66 14.98 10.72 0.87
CA ILE I 66 15.69 11.69 1.71
C ILE I 66 14.75 12.67 2.42
N SER I 67 13.74 13.15 1.70
CA SER I 67 12.80 14.09 2.30
C SER I 67 11.88 13.39 3.29
N THR I 68 11.51 12.15 2.98
CA THR I 68 10.62 11.40 3.88
C THR I 68 11.34 11.04 5.19
N ALA I 69 12.59 10.59 5.06
CA ALA I 69 13.37 10.22 6.23
C ALA I 69 13.64 11.46 7.07
N SER I 70 13.93 12.57 6.37
CA SER I 70 14.21 13.82 7.07
C SER I 70 13.01 14.31 7.87
N ALA I 71 11.81 14.26 7.27
CA ALA I 71 10.61 14.71 7.98
C ALA I 71 10.37 13.82 9.20
N SER I 72 10.50 12.52 9.01
CA SER I 72 10.30 11.57 10.11
C SER I 72 11.26 11.88 11.24
N LEU I 73 12.55 11.94 10.92
CA LEU I 73 13.57 12.23 11.90
C LEU I 73 13.35 13.56 12.62
N MET I 74 12.88 14.56 11.87
CA MET I 74 12.63 15.87 12.44
C MET I 74 11.50 15.82 13.48
N THR I 75 10.41 15.13 13.15
CA THR I 75 9.28 15.03 14.08
C THR I 75 9.72 14.35 15.37
N GLU I 76 10.53 13.30 15.26
CA GLU I 76 11.00 12.61 16.44
C GLU I 76 11.99 13.46 17.23
N ALA I 77 12.75 14.29 16.52
CA ALA I 77 13.74 15.14 17.15
C ALA I 77 13.18 16.30 17.96
N VAL I 78 12.00 16.80 17.60
CA VAL I 78 11.46 17.94 18.34
C VAL I 78 10.26 17.66 19.24
N LYS I 79 9.58 16.54 19.03
CA LYS I 79 8.41 16.22 19.84
C LYS I 79 8.78 16.23 21.33
N GLY I 80 7.98 16.92 22.13
CA GLY I 80 8.23 17.00 23.56
C GLY I 80 9.21 18.08 23.98
N LYS I 81 9.86 18.72 23.02
CA LYS I 81 10.82 19.77 23.31
C LYS I 81 10.13 21.13 23.31
N LYS I 82 10.84 22.16 23.74
CA LYS I 82 10.26 23.52 23.75
C LYS I 82 10.49 24.15 22.40
N VAL I 83 9.59 25.04 21.99
CA VAL I 83 9.71 25.69 20.70
C VAL I 83 11.10 26.27 20.47
N ALA I 84 11.67 26.85 21.52
CA ALA I 84 13.00 27.44 21.43
C ALA I 84 14.03 26.35 21.14
N GLU I 85 13.96 25.26 21.89
CA GLU I 85 14.88 24.15 21.72
C GLU I 85 14.73 23.50 20.36
N ALA I 86 13.52 23.59 19.80
CA ALA I 86 13.25 23.01 18.49
C ALA I 86 13.86 23.88 17.40
N LEU I 87 13.71 25.19 17.53
CA LEU I 87 14.26 26.11 16.55
C LEU I 87 15.78 26.06 16.53
N GLU I 88 16.37 25.59 17.62
CA GLU I 88 17.82 25.50 17.69
C GLU I 88 18.35 24.28 16.96
N LEU I 89 17.58 23.20 16.97
CA LEU I 89 17.98 22.00 16.26
C LEU I 89 17.84 22.30 14.77
N SER I 90 16.84 23.12 14.45
CA SER I 90 16.58 23.50 13.07
C SER I 90 17.74 24.29 12.49
N ARG I 91 18.00 25.47 13.07
CA ARG I 91 19.09 26.31 12.59
C ARG I 91 20.35 25.46 12.46
N LYS I 92 20.65 24.69 13.50
CA LYS I 92 21.81 23.81 13.51
C LYS I 92 21.83 22.84 12.32
N PHE I 93 20.81 21.98 12.27
CA PHE I 93 20.69 20.98 11.22
C PHE I 93 20.91 21.59 9.84
N GLN I 94 20.35 22.77 9.63
CA GLN I 94 20.48 23.48 8.35
C GLN I 94 21.92 23.86 8.06
N ALA I 95 22.72 23.81 9.12
CA ALA I 95 24.12 24.13 9.07
C ALA I 95 24.90 22.88 8.68
N MET I 96 24.51 21.75 9.25
CA MET I 96 25.18 20.48 8.90
C MET I 96 25.06 20.24 7.40
N VAL I 97 23.90 20.56 6.82
CA VAL I 97 23.70 20.28 5.38
C VAL I 97 23.74 21.46 4.37
N VAL I 98 23.50 22.69 4.82
CA VAL I 98 23.52 23.81 3.88
C VAL I 98 24.85 24.51 3.79
N GLU I 99 25.45 24.79 4.95
CA GLU I 99 26.72 25.51 5.00
C GLU I 99 27.84 24.54 5.29
N GLY I 100 27.51 23.26 5.36
CA GLY I 100 28.53 22.28 5.63
C GLY I 100 29.17 22.50 7.00
N ALA I 101 28.40 23.09 7.91
CA ALA I 101 28.93 23.38 9.25
C ALA I 101 29.41 22.10 9.89
N PRO I 102 30.14 22.19 11.00
CA PRO I 102 30.64 20.99 11.68
C PRO I 102 29.58 20.23 12.48
N PRO I 103 29.65 18.89 12.47
CA PRO I 103 28.74 17.96 13.16
C PRO I 103 28.51 18.38 14.62
N ASP I 104 27.37 17.96 15.18
CA ASP I 104 27.01 18.26 16.57
C ASP I 104 26.37 17.03 17.22
N PRO I 105 26.99 16.53 18.31
CA PRO I 105 26.53 15.36 19.07
C PRO I 105 25.10 15.43 19.62
N THR I 106 24.60 16.65 19.83
CA THR I 106 23.27 16.83 20.37
C THR I 106 22.19 16.73 19.30
N LEU I 107 22.57 16.27 18.12
CA LEU I 107 21.62 16.10 17.02
C LEU I 107 21.14 14.65 17.01
N GLY I 108 21.88 13.79 17.69
CA GLY I 108 21.53 12.39 17.77
C GLY I 108 21.30 11.77 16.41
N ASP I 109 20.20 11.02 16.29
CA ASP I 109 19.86 10.35 15.04
C ASP I 109 19.91 11.28 13.82
N LEU I 110 19.75 12.57 14.03
CA LEU I 110 19.77 13.52 12.92
C LEU I 110 21.12 13.50 12.20
N LEU I 111 22.15 13.05 12.90
CA LEU I 111 23.49 12.98 12.33
C LEU I 111 23.46 12.15 11.04
N ALA I 112 22.63 11.12 11.04
CA ALA I 112 22.47 10.22 9.90
C ALA I 112 22.35 10.91 8.54
N LEU I 113 22.04 12.20 8.55
CA LEU I 113 21.89 12.95 7.30
C LEU I 113 23.04 13.89 6.96
N GLN I 114 24.20 13.68 7.59
CA GLN I 114 25.36 14.53 7.31
C GLN I 114 25.74 14.57 5.84
N GLY I 115 25.86 13.40 5.23
CA GLY I 115 26.23 13.30 3.83
C GLY I 115 25.48 14.22 2.89
N VAL I 116 24.32 14.71 3.31
CA VAL I 116 23.53 15.60 2.48
C VAL I 116 24.32 16.88 2.20
N ALA I 117 25.27 17.19 3.09
CA ALA I 117 26.11 18.37 2.90
C ALA I 117 26.73 18.20 1.52
N LYS I 118 27.17 16.98 1.24
CA LYS I 118 27.75 16.64 -0.04
C LYS I 118 26.51 16.45 -0.92
N LEU I 119 26.66 16.67 -2.23
CA LEU I 119 25.53 16.58 -3.14
C LEU I 119 24.57 17.71 -2.77
N PRO I 120 25.09 18.95 -2.68
CA PRO I 120 24.31 20.14 -2.33
C PRO I 120 23.04 20.36 -3.14
N ALA I 121 22.82 19.53 -4.15
CA ALA I 121 21.63 19.66 -4.98
C ALA I 121 20.42 19.06 -4.28
N ARG I 122 20.67 18.11 -3.39
CA ARG I 122 19.60 17.45 -2.66
C ARG I 122 19.37 18.05 -1.26
N VAL I 123 20.16 19.08 -0.92
CA VAL I 123 20.03 19.76 0.37
C VAL I 123 18.58 20.20 0.54
N LYS I 124 17.96 20.61 -0.55
CA LYS I 124 16.57 21.04 -0.54
C LYS I 124 15.69 19.91 0.00
N CYS I 125 16.00 18.68 -0.41
CA CYS I 125 15.25 17.50 0.01
C CYS I 125 15.28 17.30 1.53
N ALA I 126 16.40 17.63 2.15
CA ALA I 126 16.55 17.44 3.60
C ALA I 126 16.06 18.59 4.49
N THR I 127 16.04 19.81 3.96
CA THR I 127 15.61 20.96 4.77
C THR I 127 14.14 21.32 4.61
N LEU I 128 13.47 20.73 3.65
CA LEU I 128 12.07 21.03 3.41
C LEU I 128 11.27 20.95 4.71
N ALA I 129 11.36 19.82 5.39
CA ALA I 129 10.64 19.59 6.64
C ALA I 129 10.99 20.60 7.72
N TRP I 130 12.27 20.93 7.82
CA TRP I 130 12.70 21.88 8.83
C TRP I 130 12.22 23.30 8.56
N HIS I 131 12.13 23.68 7.29
CA HIS I 131 11.64 25.00 6.95
C HIS I 131 10.16 25.06 7.34
N ALA I 132 9.41 24.05 6.94
CA ALA I 132 8.00 23.97 7.25
C ALA I 132 7.78 24.08 8.76
N LEU I 133 8.65 23.46 9.54
CA LEU I 133 8.52 23.51 11.00
C LEU I 133 8.70 24.93 11.52
N GLU I 134 9.75 25.60 11.06
CA GLU I 134 10.03 26.96 11.50
C GLU I 134 8.90 27.90 11.09
N GLU I 135 8.34 27.71 9.91
CA GLU I 135 7.25 28.55 9.44
C GLU I 135 6.01 28.32 10.30
N ALA I 136 5.97 27.17 10.96
CA ALA I 136 4.86 26.83 11.83
C ALA I 136 5.05 27.40 13.22
N LEU I 137 6.26 27.25 13.76
CA LEU I 137 6.57 27.72 15.10
C LEU I 137 6.81 29.22 15.24
N ARG I 138 7.03 29.91 14.14
CA ARG I 138 7.28 31.35 14.17
C ARG I 138 6.12 32.11 14.81
N SER J 2 33.13 -7.94 -6.85
CA SER J 2 33.21 -8.26 -5.40
C SER J 2 31.83 -8.42 -4.78
N VAL J 3 30.91 -8.99 -5.54
CA VAL J 3 29.55 -9.22 -5.06
C VAL J 3 29.59 -10.40 -4.09
N LEU J 4 30.58 -11.27 -4.28
CA LEU J 4 30.75 -12.46 -3.45
C LEU J 4 31.85 -12.28 -2.42
N ASP J 5 32.83 -11.44 -2.74
CA ASP J 5 33.96 -11.18 -1.86
C ASP J 5 33.60 -10.94 -0.41
N GLU J 6 32.37 -10.47 -0.17
CA GLU J 6 31.92 -10.19 1.18
C GLU J 6 30.67 -11.00 1.53
N LEU J 7 30.48 -12.11 0.81
CA LEU J 7 29.32 -12.96 1.05
C LEU J 7 29.45 -13.70 2.37
N TYR J 8 30.66 -14.14 2.69
CA TYR J 8 30.90 -14.84 3.95
C TYR J 8 30.46 -14.01 5.13
N ARG J 9 30.77 -12.71 5.10
CA ARG J 9 30.38 -11.83 6.20
C ARG J 9 28.87 -11.87 6.34
N GLU J 10 28.18 -11.76 5.21
CA GLU J 10 26.72 -11.77 5.19
C GLU J 10 26.18 -13.10 5.69
N ILE J 11 26.81 -14.19 5.27
CA ILE J 11 26.36 -15.51 5.70
C ILE J 11 26.47 -15.59 7.22
N LEU J 12 27.61 -15.13 7.74
CA LEU J 12 27.84 -15.13 9.18
C LEU J 12 26.84 -14.25 9.89
N LEU J 13 26.72 -13.01 9.43
CA LEU J 13 25.80 -12.06 10.03
C LEU J 13 24.36 -12.59 10.00
N ASP J 14 24.02 -13.30 8.93
CA ASP J 14 22.68 -13.88 8.79
C ASP J 14 22.42 -14.97 9.83
N HIS J 15 23.43 -15.77 10.11
CA HIS J 15 23.28 -16.85 11.08
C HIS J 15 23.25 -16.32 12.51
N TYR J 16 23.89 -15.19 12.75
CA TYR J 16 23.83 -14.59 14.07
C TYR J 16 22.39 -14.13 14.25
N GLN J 17 21.94 -13.32 13.30
CA GLN J 17 20.58 -12.77 13.32
C GLN J 17 19.49 -13.83 13.37
N SER J 18 19.55 -14.79 12.46
CA SER J 18 18.54 -15.85 12.40
C SER J 18 19.19 -17.23 12.49
N PRO J 19 19.66 -17.60 13.69
CA PRO J 19 20.27 -18.93 13.83
C PRO J 19 19.29 -20.04 13.46
N ARG J 20 19.80 -21.06 12.76
CA ARG J 20 19.01 -22.22 12.34
C ARG J 20 18.98 -23.30 13.41
N ASN J 21 18.03 -24.23 13.26
CA ASN J 21 17.88 -25.34 14.19
C ASN J 21 17.90 -24.96 15.66
N PHE J 22 17.42 -23.75 15.99
CA PHE J 22 17.39 -23.31 17.38
C PHE J 22 16.11 -23.85 18.02
N GLY J 23 16.27 -24.56 19.12
CA GLY J 23 15.11 -25.12 19.80
C GLY J 23 15.46 -26.37 20.59
N VAL J 24 14.53 -27.31 20.66
CA VAL J 24 14.76 -28.55 21.40
C VAL J 24 14.27 -29.76 20.63
N LEU J 25 14.82 -30.93 20.97
CA LEU J 25 14.44 -32.17 20.32
C LEU J 25 14.05 -33.23 21.36
N PRO J 26 12.89 -33.07 22.02
CA PRO J 26 12.48 -34.06 23.01
C PRO J 26 12.64 -35.47 22.44
N GLN J 27 13.28 -36.34 23.21
CA GLN J 27 13.54 -37.72 22.80
C GLN J 27 14.69 -37.76 21.81
N ALA J 28 15.74 -37.01 22.12
CA ALA J 28 16.92 -36.97 21.28
C ALA J 28 17.76 -38.20 21.61
N THR J 29 18.33 -38.82 20.59
CA THR J 29 19.16 -40.00 20.77
C THR J 29 20.16 -39.75 21.89
N LYS J 30 20.72 -38.55 21.93
CA LYS J 30 21.68 -38.15 22.94
C LYS J 30 21.77 -36.63 23.01
N GLN J 31 22.21 -36.13 24.15
CA GLN J 31 22.34 -34.70 24.37
C GLN J 31 23.65 -34.40 25.09
N ALA J 32 24.07 -33.14 25.04
CA ALA J 32 25.31 -32.72 25.70
C ALA J 32 25.35 -31.20 25.84
N GLY J 33 25.92 -30.73 26.95
CA GLY J 33 26.00 -29.30 27.20
C GLY J 33 27.42 -28.79 27.36
N GLY J 34 27.60 -27.51 27.05
CA GLY J 34 28.92 -26.90 27.16
C GLY J 34 28.85 -25.53 27.79
N MET J 35 30.00 -25.05 28.26
CA MET J 35 30.05 -23.74 28.91
C MET J 35 31.47 -23.23 29.10
N ASN J 36 31.71 -21.98 28.69
CA ASN J 36 33.02 -21.37 28.86
C ASN J 36 32.81 -20.06 29.60
N PRO J 37 33.24 -19.99 30.87
CA PRO J 37 33.09 -18.78 31.68
C PRO J 37 33.85 -17.57 31.15
N SER J 38 34.71 -17.81 30.16
CA SER J 38 35.49 -16.74 29.55
C SER J 38 34.59 -15.64 29.00
N CYS J 39 33.59 -16.05 28.22
CA CYS J 39 32.65 -15.10 27.63
C CYS J 39 31.30 -15.19 28.32
N GLY J 40 31.03 -16.32 28.97
CA GLY J 40 29.77 -16.51 29.65
C GLY J 40 28.78 -17.23 28.75
N ASP J 41 29.29 -18.04 27.83
CA ASP J 41 28.43 -18.77 26.91
C ASP J 41 27.99 -20.13 27.46
N GLN J 42 26.78 -20.54 27.07
CA GLN J 42 26.20 -21.81 27.48
C GLN J 42 25.53 -22.42 26.27
N VAL J 43 25.68 -23.74 26.09
CA VAL J 43 25.07 -24.41 24.93
C VAL J 43 24.56 -25.80 25.24
N GLU J 44 23.47 -26.18 24.58
CA GLU J 44 22.85 -27.49 24.73
C GLU J 44 22.70 -28.10 23.34
N VAL J 45 23.28 -29.27 23.12
CA VAL J 45 23.21 -29.93 21.83
C VAL J 45 22.43 -31.23 21.90
N MET J 46 21.49 -31.40 20.97
CA MET J 46 20.65 -32.59 20.92
C MET J 46 20.61 -33.12 19.48
N VAL J 47 20.82 -34.43 19.31
CA VAL J 47 20.82 -35.02 17.99
C VAL J 47 19.93 -36.25 17.81
N LEU J 48 19.41 -36.41 16.60
CA LEU J 48 18.56 -37.55 16.24
C LEU J 48 19.36 -38.57 15.45
N LEU J 49 19.78 -39.64 16.12
CA LEU J 49 20.56 -40.67 15.46
C LEU J 49 19.73 -41.86 15.00
N GLU J 50 19.18 -41.77 13.80
CA GLU J 50 18.39 -42.85 13.23
C GLU J 50 19.37 -43.94 12.78
N GLY J 51 20.08 -44.50 13.75
CA GLY J 51 21.05 -45.53 13.45
C GLY J 51 22.46 -44.98 13.46
N ASP J 52 23.02 -44.78 12.28
CA ASP J 52 24.38 -44.28 12.14
C ASP J 52 24.43 -42.86 11.57
N THR J 53 23.28 -42.30 11.22
CA THR J 53 23.22 -40.96 10.67
C THR J 53 22.50 -39.97 11.59
N ILE J 54 22.93 -38.72 11.54
CA ILE J 54 22.35 -37.66 12.34
C ILE J 54 21.12 -37.10 11.64
N ALA J 55 19.97 -37.75 11.88
CA ALA J 55 18.70 -37.36 11.28
C ALA J 55 18.38 -35.88 11.45
N ASP J 56 18.28 -35.42 12.70
CA ASP J 56 17.98 -34.03 12.98
C ASP J 56 18.83 -33.55 14.16
N ILE J 57 18.93 -32.24 14.34
CA ILE J 57 19.73 -31.68 15.43
C ILE J 57 19.30 -30.24 15.77
N ARG J 58 19.40 -29.89 17.05
CA ARG J 58 19.05 -28.54 17.51
C ARG J 58 19.89 -28.15 18.71
N PHE J 59 20.00 -26.85 18.95
CA PHE J 59 20.79 -26.36 20.08
C PHE J 59 20.07 -25.31 20.93
N GLN J 60 20.41 -25.29 22.22
CA GLN J 60 19.83 -24.35 23.18
C GLN J 60 20.95 -23.60 23.91
N GLY J 61 20.55 -22.74 24.84
CA GLY J 61 21.54 -21.98 25.60
C GLY J 61 21.74 -20.56 25.11
N GLN J 62 22.11 -19.68 26.03
CA GLN J 62 22.34 -18.29 25.68
C GLN J 62 23.84 -18.00 25.62
N GLY J 63 24.23 -17.21 24.63
CA GLY J 63 25.64 -16.88 24.48
C GLY J 63 25.81 -15.71 23.54
N CYS J 64 27.06 -15.34 23.27
CA CYS J 64 27.36 -14.24 22.39
C CYS J 64 27.00 -14.55 20.94
N ALA J 65 27.23 -13.58 20.06
CA ALA J 65 26.93 -13.72 18.64
C ALA J 65 27.72 -14.84 17.96
N ILE J 66 29.01 -14.94 18.28
CA ILE J 66 29.85 -15.96 17.68
C ILE J 66 29.38 -17.36 18.07
N SER J 67 29.10 -17.55 19.35
CA SER J 67 28.66 -18.86 19.82
C SER J 67 27.34 -19.22 19.13
N THR J 68 26.48 -18.23 18.95
CA THR J 68 25.20 -18.45 18.31
C THR J 68 25.37 -18.81 16.83
N ALA J 69 26.08 -17.97 16.09
CA ALA J 69 26.30 -18.22 14.67
C ALA J 69 27.00 -19.56 14.47
N SER J 70 28.07 -19.80 15.24
CA SER J 70 28.81 -21.05 15.15
C SER J 70 27.88 -22.24 15.31
N ALA J 71 27.15 -22.31 16.41
CA ALA J 71 26.23 -23.43 16.63
C ALA J 71 25.16 -23.50 15.53
N SER J 72 24.84 -22.38 14.91
CA SER J 72 23.84 -22.40 13.84
C SER J 72 24.49 -23.08 12.63
N LEU J 73 25.60 -22.49 12.18
CA LEU J 73 26.35 -23.02 11.05
C LEU J 73 26.70 -24.49 11.29
N MET J 74 26.93 -24.82 12.55
CA MET J 74 27.28 -26.17 12.94
C MET J 74 26.18 -27.17 12.60
N THR J 75 24.98 -26.98 13.14
CA THR J 75 23.86 -27.88 12.88
C THR J 75 23.51 -28.02 11.39
N GLU J 76 23.62 -26.94 10.63
CA GLU J 76 23.31 -27.01 9.20
C GLU J 76 24.34 -27.84 8.45
N ALA J 77 25.58 -27.79 8.92
CA ALA J 77 26.67 -28.52 8.27
C ALA J 77 26.72 -30.00 8.66
N VAL J 78 26.03 -30.35 9.75
CA VAL J 78 26.03 -31.72 10.25
C VAL J 78 24.75 -32.55 10.11
N LYS J 79 23.59 -31.90 10.10
CA LYS J 79 22.34 -32.64 9.99
C LYS J 79 22.30 -33.54 8.75
N GLY J 80 21.88 -34.78 8.95
CA GLY J 80 21.78 -35.71 7.85
C GLY J 80 23.09 -36.34 7.41
N LYS J 81 24.17 -36.08 8.14
CA LYS J 81 25.47 -36.65 7.79
C LYS J 81 25.79 -37.81 8.74
N LYS J 82 26.69 -38.70 8.30
CA LYS J 82 27.11 -39.84 9.11
C LYS J 82 27.83 -39.30 10.35
N VAL J 83 27.78 -40.04 11.44
CA VAL J 83 28.44 -39.61 12.67
C VAL J 83 29.89 -39.26 12.40
N ALA J 84 30.61 -40.17 11.75
CA ALA J 84 32.01 -39.97 11.43
C ALA J 84 32.23 -38.72 10.60
N GLU J 85 31.33 -38.47 9.65
CA GLU J 85 31.43 -37.28 8.80
C GLU J 85 31.39 -36.02 9.66
N ALA J 86 30.46 -35.99 10.61
CA ALA J 86 30.32 -34.84 11.49
C ALA J 86 31.60 -34.59 12.29
N LEU J 87 32.16 -35.67 12.86
CA LEU J 87 33.40 -35.56 13.64
C LEU J 87 34.57 -35.13 12.75
N GLU J 88 34.55 -35.53 11.49
CA GLU J 88 35.59 -35.14 10.55
C GLU J 88 35.54 -33.62 10.39
N LEU J 89 34.32 -33.10 10.26
CA LEU J 89 34.11 -31.66 10.11
C LEU J 89 34.49 -30.97 11.40
N SER J 90 34.21 -31.61 12.51
CA SER J 90 34.54 -31.02 13.81
C SER J 90 36.06 -30.83 13.91
N ARG J 91 36.81 -31.84 13.50
CA ARG J 91 38.27 -31.76 13.56
C ARG J 91 38.76 -30.65 12.64
N LYS J 92 38.27 -30.65 11.40
CA LYS J 92 38.66 -29.65 10.41
C LYS J 92 38.34 -28.25 10.91
N PHE J 93 37.18 -28.10 11.54
CA PHE J 93 36.76 -26.79 12.05
C PHE J 93 37.70 -26.33 13.15
N GLN J 94 37.95 -27.20 14.13
CA GLN J 94 38.83 -26.85 15.23
C GLN J 94 40.23 -26.55 14.70
N ALA J 95 40.67 -27.30 13.70
CA ALA J 95 41.99 -27.07 13.12
C ALA J 95 42.06 -25.65 12.57
N MET J 96 40.95 -25.19 12.01
CA MET J 96 40.88 -23.85 11.45
C MET J 96 40.90 -22.76 12.51
N VAL J 97 40.02 -22.84 13.49
CA VAL J 97 39.95 -21.81 14.53
C VAL J 97 40.96 -21.92 15.67
N VAL J 98 41.16 -23.13 16.19
CA VAL J 98 42.10 -23.35 17.29
C VAL J 98 43.57 -23.26 16.90
N GLU J 99 44.00 -24.13 15.98
CA GLU J 99 45.40 -24.13 15.55
C GLU J 99 45.72 -23.14 14.45
N GLY J 100 44.70 -22.46 13.92
CA GLY J 100 44.93 -21.49 12.87
C GLY J 100 45.53 -22.07 11.61
N ALA J 101 45.22 -23.33 11.35
CA ALA J 101 45.73 -24.02 10.17
C ALA J 101 44.94 -23.59 8.94
N PRO J 102 45.51 -23.77 7.74
CA PRO J 102 44.77 -23.37 6.53
C PRO J 102 43.43 -24.09 6.54
N PRO J 103 42.31 -23.33 6.58
CA PRO J 103 40.99 -23.92 6.60
C PRO J 103 40.74 -24.90 5.47
N ASP J 104 40.20 -26.06 5.82
CA ASP J 104 39.90 -27.11 4.86
C ASP J 104 38.69 -26.68 4.02
N PRO J 105 38.88 -26.47 2.71
CA PRO J 105 37.80 -26.06 1.82
C PRO J 105 36.53 -26.91 1.98
N THR J 106 36.72 -28.14 2.46
CA THR J 106 35.60 -29.06 2.66
C THR J 106 34.64 -28.55 3.74
N LEU J 107 35.06 -27.51 4.44
CA LEU J 107 34.26 -26.90 5.50
C LEU J 107 33.08 -26.08 4.97
N GLY J 108 33.12 -25.71 3.69
CA GLY J 108 32.04 -24.93 3.12
C GLY J 108 31.71 -23.65 3.90
N ASP J 109 30.44 -23.42 4.15
CA ASP J 109 29.95 -22.23 4.88
C ASP J 109 30.74 -21.96 6.18
N LEU J 110 31.23 -23.02 6.82
CA LEU J 110 31.99 -22.88 8.06
C LEU J 110 33.16 -21.93 7.95
N LEU J 111 33.66 -21.73 6.73
CA LEU J 111 34.79 -20.84 6.52
C LEU J 111 34.41 -19.41 6.92
N ALA J 112 33.12 -19.19 7.16
CA ALA J 112 32.63 -17.87 7.56
C ALA J 112 33.25 -17.48 8.90
N LEU J 113 33.62 -18.48 9.69
CA LEU J 113 34.22 -18.26 11.00
C LEU J 113 35.75 -18.31 11.01
N GLN J 114 36.34 -18.44 9.83
CA GLN J 114 37.79 -18.49 9.71
C GLN J 114 38.51 -17.38 10.47
N GLY J 115 37.90 -16.20 10.51
CA GLY J 115 38.50 -15.07 11.21
C GLY J 115 38.65 -15.24 12.71
N VAL J 116 37.96 -16.21 13.30
CA VAL J 116 38.04 -16.44 14.73
C VAL J 116 39.43 -16.92 15.13
N ALA J 117 40.17 -17.47 14.18
CA ALA J 117 41.52 -17.97 14.43
C ALA J 117 42.43 -16.83 14.88
N LYS J 118 42.05 -15.60 14.53
CA LYS J 118 42.83 -14.43 14.89
C LYS J 118 42.35 -13.83 16.21
N LEU J 119 41.39 -14.49 16.86
CA LEU J 119 40.86 -13.99 18.12
C LEU J 119 40.99 -15.01 19.23
N PRO J 120 42.18 -15.11 19.85
CA PRO J 120 42.43 -16.06 20.94
C PRO J 120 41.36 -16.04 22.04
N ALA J 121 40.89 -14.86 22.40
CA ALA J 121 39.88 -14.73 23.44
C ALA J 121 38.49 -15.21 23.04
N ARG J 122 38.28 -15.45 21.75
CA ARG J 122 36.96 -15.89 21.27
C ARG J 122 36.93 -17.28 20.62
N VAL J 123 38.06 -17.99 20.63
CA VAL J 123 38.14 -19.32 20.03
C VAL J 123 37.16 -20.30 20.67
N LYS J 124 37.06 -20.26 22.00
CA LYS J 124 36.16 -21.16 22.71
C LYS J 124 34.70 -20.88 22.40
N CYS J 125 34.40 -19.64 22.03
CA CYS J 125 33.03 -19.25 21.70
C CYS J 125 32.56 -20.08 20.51
N ALA J 126 33.41 -20.18 19.48
CA ALA J 126 33.09 -20.94 18.28
C ALA J 126 33.16 -22.45 18.45
N THR J 127 34.14 -22.92 19.23
CA THR J 127 34.32 -24.37 19.42
C THR J 127 33.38 -25.00 20.43
N LEU J 128 32.74 -24.20 21.27
CA LEU J 128 31.85 -24.75 22.29
C LEU J 128 30.77 -25.68 21.74
N ALA J 129 30.02 -25.22 20.75
CA ALA J 129 28.96 -26.02 20.16
C ALA J 129 29.52 -27.34 19.63
N TRP J 130 30.71 -27.30 19.06
CA TRP J 130 31.34 -28.50 18.53
C TRP J 130 31.79 -29.50 19.59
N HIS J 131 32.34 -29.01 20.69
CA HIS J 131 32.78 -29.90 21.78
C HIS J 131 31.55 -30.59 22.35
N ALA J 132 30.45 -29.84 22.40
CA ALA J 132 29.20 -30.39 22.90
C ALA J 132 28.74 -31.46 21.92
N LEU J 133 28.84 -31.15 20.63
CA LEU J 133 28.45 -32.12 19.61
C LEU J 133 29.25 -33.41 19.77
N GLU J 134 30.57 -33.26 19.96
CA GLU J 134 31.43 -34.42 20.12
C GLU J 134 31.10 -35.26 21.34
N GLU J 135 30.68 -34.63 22.43
CA GLU J 135 30.32 -35.37 23.64
C GLU J 135 29.03 -36.14 23.43
N ALA J 136 28.08 -35.52 22.75
CA ALA J 136 26.80 -36.16 22.48
C ALA J 136 27.02 -37.35 21.55
N LEU J 137 27.53 -37.07 20.35
CA LEU J 137 27.78 -38.11 19.36
C LEU J 137 28.73 -39.18 19.86
N ARG J 138 28.20 -40.40 19.99
CA ARG J 138 28.98 -41.55 20.44
C ARG J 138 28.22 -42.84 20.17
#